data_7WM2
#
_entry.id   7WM2
#
_cell.length_a   1.00
_cell.length_b   1.00
_cell.length_c   1.00
_cell.angle_alpha   90.00
_cell.angle_beta   90.00
_cell.angle_gamma   90.00
#
_symmetry.space_group_name_H-M   'P 1'
#
loop_
_entity.id
_entity.type
_entity.pdbx_description
1 polymer 'Potassium channel AKT1'
2 non-polymer '(2S)-3-(hexadecanoyloxy)-2-[(9Z)-octadec-9-enoyloxy]propyl 2-(trimethylammonio)ethyl phosphate'
3 non-polymer 'POTASSIUM ION'
#
_entity_poly.entity_id   1
_entity_poly.type   'polypeptide(L)'
_entity_poly.pdbx_seq_one_letter_code
;MRGGALLCGQVQDEIEQLSRESSHFSLSTGILPSLGARSNRRVKLRRFVVSPYDHKYRIWEAFLVVLVVYTAWVSPFEFG
FLRKPRPPLSITDNIVNAFFAIDIIMTFFVGYLDKSTYLIVDDRKQIAFKYLRSWFLLDLVSTIPSEAAMRISSQSYGLF
NMLRLWRLRRVGALFARLEKDRNFNYFWVRCAKLVCVTLFAVHCAACFYYLIAARNSNPAKTWIGANVANFLEESLWMRY
VTSMYWSITTLTTVGYGDLHPVNTKEMIFDIFYMLFNLGLTAYLIGNMTNLVVHGTSRTRNFRDTIQAASNFAHRNHLPP
RLQDQMLAHLCLKYRTDSEGLQQQETLDALPKAIRSSISHFLFYSLMDKVYLFRGVSNDLLFQLVSEMKAEYFPPKEDVI
LQNEAPTDFYILVNGTADLVDVDTGTESIVREVKAGDIIGEIGVLCYRPQLFTVRTKRLCQLLRMNRTTFLNIIQANVGD
GTIIMNNLLQHLKEMNDPVMTNVLLEIENMLARGKMDLPLNLCFAAIREDDLLLHQLLKRGLDPNESDNNGRTPLHIAAS
KGTLNCVLLLLEYHADPNCRDAEGSVPLWEAMVEGHEKVVKVLLEHGSTIDAGDVGHFACTAAEQGNLKLLKEIVLHGGD
VTRPRATGTSALHTAVCEENIEMVKYLLEQGADVNKQDMHGWTPRDLAEQQGHEDIKALFREKLHERRVHIETSSSVPIL
KTGIRFLGRFTSEPNIRPASREVSFRIRETRARRKTNNFDNSLFGILANQSVPKNGLATVDEGRTGNPVRVTISCAEKDD
IAGKLVLLPGSFKELLELGSNKFGIVATKVMNKDNNAEIDDVDVIRDGDHLIFATDSLEGSDEVDAGSAAASGGSDYKDD
DDKGSHHHHHHHHHH
;
_entity_poly.pdbx_strand_id   A,B,C,D
#
loop_
_chem_comp.id
_chem_comp.type
_chem_comp.name
_chem_comp.formula
K non-polymer 'POTASSIUM ION' 'K 1'
POV non-polymer '(2S)-3-(hexadecanoyloxy)-2-[(9Z)-octadec-9-enoyloxy]propyl 2-(trimethylammonio)ethyl phosphate' 'C42 H82 N O8 P'
#
# COMPACT_ATOMS: atom_id res chain seq x y z
N LYS A 44 5.66 -7.56 44.12
CA LYS A 44 5.54 -7.41 45.56
C LYS A 44 6.70 -6.58 46.07
N LEU A 45 6.44 -5.31 46.36
CA LEU A 45 7.49 -4.35 46.63
C LEU A 45 7.65 -4.12 48.13
N ARG A 46 8.82 -3.58 48.49
CA ARG A 46 9.09 -3.25 49.88
C ARG A 46 8.04 -2.28 50.41
N ARG A 47 7.88 -2.28 51.73
CA ARG A 47 6.95 -1.35 52.34
C ARG A 47 7.36 0.10 52.05
N PHE A 48 6.38 0.99 52.07
CA PHE A 48 6.59 2.41 51.82
C PHE A 48 7.17 2.64 50.42
N VAL A 49 6.64 1.92 49.44
CA VAL A 49 6.97 2.12 48.03
C VAL A 49 5.71 1.84 47.24
N VAL A 50 5.47 2.64 46.21
CA VAL A 50 4.27 2.51 45.39
C VAL A 50 4.66 2.08 44.00
N SER A 51 3.93 1.13 43.46
CA SER A 51 4.22 0.69 42.12
C SER A 51 3.65 1.67 41.11
N PRO A 52 4.37 1.94 40.02
CA PRO A 52 3.83 2.84 39.00
C PRO A 52 2.56 2.33 38.36
N TYR A 53 2.26 1.06 38.49
CA TYR A 53 1.08 0.48 37.88
C TYR A 53 -0.12 0.45 38.81
N ASP A 54 -0.01 1.05 39.98
CA ASP A 54 -1.11 1.09 40.91
C ASP A 54 -2.32 1.79 40.26
N HIS A 55 -3.46 1.65 40.90
CA HIS A 55 -4.69 2.29 40.43
C HIS A 55 -4.78 3.72 40.90
N LYS A 56 -4.68 3.93 42.21
CA LYS A 56 -4.71 5.28 42.75
C LYS A 56 -3.66 6.16 42.10
N TYR A 57 -2.48 5.60 41.85
CA TYR A 57 -1.44 6.40 41.23
C TYR A 57 -1.84 6.84 39.83
N ARG A 58 -2.53 5.99 39.08
CA ARG A 58 -2.91 6.40 37.74
C ARG A 58 -4.02 7.44 37.78
N ILE A 59 -4.94 7.34 38.73
CA ILE A 59 -5.92 8.42 38.80
C ILE A 59 -5.24 9.72 39.21
N TRP A 60 -4.22 9.64 40.06
CA TRP A 60 -3.46 10.83 40.42
C TRP A 60 -2.76 11.43 39.21
N GLU A 61 -2.17 10.57 38.38
CA GLU A 61 -1.51 11.06 37.18
C GLU A 61 -2.50 11.75 36.24
N ALA A 62 -3.68 11.18 36.09
CA ALA A 62 -4.66 11.83 35.22
C ALA A 62 -5.07 13.18 35.78
N PHE A 63 -5.27 13.26 37.09
CA PHE A 63 -5.53 14.55 37.71
C PHE A 63 -4.44 15.55 37.37
N LEU A 64 -3.18 15.13 37.48
CA LEU A 64 -2.10 16.04 37.16
C LEU A 64 -2.11 16.44 35.70
N VAL A 65 -2.54 15.56 34.80
CA VAL A 65 -2.61 15.95 33.40
C VAL A 65 -3.66 17.03 33.20
N VAL A 66 -4.78 16.93 33.92
CA VAL A 66 -5.77 17.99 33.84
C VAL A 66 -5.17 19.31 34.31
N LEU A 67 -4.44 19.28 35.42
CA LEU A 67 -3.78 20.50 35.87
C LEU A 67 -2.76 21.00 34.85
N VAL A 68 -2.11 20.08 34.13
CA VAL A 68 -1.12 20.49 33.14
C VAL A 68 -1.80 21.20 32.00
N VAL A 69 -2.99 20.76 31.61
CA VAL A 69 -3.75 21.49 30.60
C VAL A 69 -4.07 22.89 31.11
N TYR A 70 -4.45 22.99 32.37
CA TYR A 70 -4.70 24.32 32.94
C TYR A 70 -3.49 25.22 32.78
N THR A 71 -2.30 24.73 33.13
CA THR A 71 -1.14 25.60 33.01
C THR A 71 -0.77 25.88 31.56
N ALA A 72 -0.99 24.92 30.68
CA ALA A 72 -0.74 25.15 29.27
C ALA A 72 -1.61 26.29 28.75
N TRP A 73 -2.80 26.44 29.29
CA TRP A 73 -3.55 27.63 28.90
C TRP A 73 -3.07 28.86 29.62
N VAL A 74 -2.78 28.73 30.88
CA VAL A 74 -2.54 29.95 31.66
C VAL A 74 -1.12 30.47 31.59
N SER A 75 -0.12 29.63 31.37
CA SER A 75 1.22 30.25 31.41
C SER A 75 1.41 31.16 30.21
N PRO A 76 1.10 30.83 28.96
CA PRO A 76 1.24 31.76 27.88
C PRO A 76 0.31 32.96 28.07
N PHE A 77 -0.89 32.76 28.57
CA PHE A 77 -1.79 33.91 28.70
C PHE A 77 -1.18 34.92 29.64
N GLU A 78 -0.50 34.52 30.69
CA GLU A 78 0.05 35.57 31.56
C GLU A 78 1.23 36.25 30.89
N PHE A 79 2.03 35.48 30.18
CA PHE A 79 3.17 36.07 29.47
C PHE A 79 2.66 37.19 28.59
N GLY A 80 1.56 36.99 27.87
CA GLY A 80 1.05 37.98 26.95
C GLY A 80 0.25 39.11 27.58
N PHE A 81 -0.86 38.80 28.22
CA PHE A 81 -1.85 39.82 28.54
C PHE A 81 -1.71 40.39 29.94
N LEU A 82 -0.83 39.87 30.77
CA LEU A 82 -0.75 40.31 32.15
C LEU A 82 0.66 40.78 32.48
N ARG A 83 0.76 41.65 33.47
CA ARG A 83 2.03 42.25 33.84
C ARG A 83 2.46 41.93 35.26
N LYS A 84 1.54 41.81 36.20
CA LYS A 84 1.88 41.43 37.57
C LYS A 84 0.74 40.60 38.11
N PRO A 85 1.02 39.65 39.00
CA PRO A 85 -0.02 38.70 39.41
C PRO A 85 -1.17 39.40 40.12
N ARG A 86 -2.34 39.30 39.55
CA ARG A 86 -3.56 39.78 40.16
C ARG A 86 -4.32 38.61 40.77
N PRO A 87 -5.16 38.86 41.78
CA PRO A 87 -5.67 37.78 42.64
C PRO A 87 -6.30 36.64 41.87
N PRO A 88 -7.31 36.88 41.02
CA PRO A 88 -8.17 35.76 40.59
C PRO A 88 -7.44 34.68 39.80
N LEU A 89 -6.14 34.86 39.62
CA LEU A 89 -5.31 33.85 39.00
C LEU A 89 -4.09 33.59 39.87
N SER A 90 -3.66 34.61 40.60
CA SER A 90 -2.54 34.44 41.51
C SER A 90 -2.88 33.54 42.67
N ILE A 91 -4.15 33.19 42.82
CA ILE A 91 -4.53 32.19 43.81
C ILE A 91 -4.55 30.80 43.19
N THR A 92 -5.31 30.65 42.12
CA THR A 92 -5.50 29.37 41.49
C THR A 92 -4.26 28.86 40.79
N ASP A 93 -3.21 29.66 40.69
CA ASP A 93 -1.96 29.06 40.21
C ASP A 93 -1.07 28.64 41.35
N ASN A 94 -1.13 29.34 42.49
CA ASN A 94 -0.43 28.84 43.66
C ASN A 94 -0.99 27.50 44.11
N ILE A 95 -2.30 27.30 43.94
CA ILE A 95 -2.87 26.00 44.27
C ILE A 95 -2.23 24.91 43.42
N VAL A 96 -2.20 25.11 42.11
CA VAL A 96 -1.60 24.13 41.22
C VAL A 96 -0.13 23.93 41.55
N ASN A 97 0.53 24.99 41.99
CA ASN A 97 1.93 24.84 42.39
C ASN A 97 2.04 23.95 43.61
N ALA A 98 1.10 24.08 44.55
CA ALA A 98 1.11 23.18 45.70
C ALA A 98 0.93 21.74 45.26
N PHE A 99 0.02 21.49 44.34
CA PHE A 99 -0.19 20.11 43.89
C PHE A 99 1.06 19.57 43.21
N PHE A 100 1.72 20.38 42.39
CA PHE A 100 2.90 19.86 41.72
C PHE A 100 4.06 19.71 42.68
N ALA A 101 4.10 20.49 43.75
CA ALA A 101 5.08 20.23 44.79
C ALA A 101 4.82 18.89 45.47
N ILE A 102 3.55 18.61 45.75
CA ILE A 102 3.19 17.32 46.31
C ILE A 102 3.67 16.19 45.40
N ASP A 103 3.51 16.37 44.10
CA ASP A 103 3.96 15.30 43.21
C ASP A 103 5.48 15.21 43.18
N ILE A 104 6.19 16.34 43.14
CA ILE A 104 7.64 16.27 43.08
C ILE A 104 8.26 15.82 44.38
N ILE A 105 7.47 15.74 45.45
CA ILE A 105 7.99 15.07 46.64
C ILE A 105 7.59 13.61 46.68
N MET A 106 6.35 13.28 46.33
CA MET A 106 5.95 11.87 46.37
C MET A 106 6.40 11.09 45.16
N THR A 107 7.17 11.68 44.27
CA THR A 107 7.82 10.86 43.25
C THR A 107 9.12 10.25 43.75
N PHE A 108 9.41 10.40 45.04
CA PHE A 108 10.51 9.67 45.65
C PHE A 108 10.08 8.27 46.06
N PHE A 109 8.79 8.03 46.22
CA PHE A 109 8.25 6.76 46.69
C PHE A 109 7.60 5.99 45.56
N VAL A 110 8.18 6.04 44.37
CA VAL A 110 7.61 5.41 43.20
C VAL A 110 8.70 4.60 42.51
N GLY A 111 8.46 3.31 42.33
CA GLY A 111 9.41 2.47 41.64
C GLY A 111 9.31 2.62 40.14
N TYR A 112 10.42 2.33 39.47
CA TYR A 112 10.49 2.46 38.02
C TYR A 112 10.90 1.14 37.40
N LEU A 113 10.28 0.83 36.27
CA LEU A 113 10.62 -0.37 35.53
C LEU A 113 11.98 -0.20 34.87
N ASP A 114 12.44 -1.25 34.22
CA ASP A 114 13.74 -1.22 33.56
C ASP A 114 13.73 -2.24 32.44
N LYS A 115 13.83 -1.76 31.20
CA LYS A 115 13.97 -2.63 30.04
C LYS A 115 15.03 -3.69 30.26
N SER A 116 16.06 -3.39 31.06
CA SER A 116 17.10 -4.36 31.36
C SER A 116 16.55 -5.55 32.14
N THR A 117 15.48 -5.36 32.90
CA THR A 117 14.93 -6.46 33.68
C THR A 117 13.42 -6.56 33.64
N TYR A 118 12.70 -5.54 33.17
CA TYR A 118 11.24 -5.49 33.24
C TYR A 118 10.75 -5.70 34.68
N LEU A 119 11.51 -5.18 35.65
CA LEU A 119 11.21 -5.38 37.05
C LEU A 119 11.16 -4.04 37.78
N ILE A 120 10.17 -3.93 38.67
CA ILE A 120 10.02 -2.72 39.47
C ILE A 120 11.15 -2.63 40.46
N VAL A 121 12.03 -1.66 40.27
CA VAL A 121 13.20 -1.48 41.14
C VAL A 121 12.72 -0.69 42.34
N ASP A 122 12.40 -1.40 43.43
CA ASP A 122 11.90 -0.76 44.63
C ASP A 122 13.00 -0.69 45.69
N ASP A 123 13.91 0.26 45.50
CA ASP A 123 14.90 0.59 46.51
C ASP A 123 14.99 2.11 46.63
N ARG A 124 15.05 2.60 47.85
CA ARG A 124 15.00 4.04 48.10
C ARG A 124 16.33 4.72 47.85
N LYS A 125 17.23 4.10 47.11
CA LYS A 125 18.47 4.73 46.70
C LYS A 125 18.56 4.90 45.20
N GLN A 126 18.33 3.84 44.44
CA GLN A 126 18.34 3.95 42.99
C GLN A 126 17.19 4.81 42.47
N ILE A 127 16.02 4.74 43.10
CA ILE A 127 14.93 5.63 42.72
C ILE A 127 15.34 7.09 42.88
N ALA A 128 15.85 7.43 44.06
CA ALA A 128 16.25 8.81 44.32
C ALA A 128 17.34 9.26 43.37
N PHE A 129 18.31 8.39 43.10
CA PHE A 129 19.41 8.81 42.25
C PHE A 129 19.05 8.79 40.78
N LYS A 130 17.96 8.12 40.40
CA LYS A 130 17.44 8.26 39.05
C LYS A 130 16.73 9.59 38.91
N TYR A 131 15.87 9.93 39.87
CA TYR A 131 15.15 11.19 39.81
C TYR A 131 16.12 12.36 39.87
N LEU A 132 16.85 12.51 40.97
CA LEU A 132 17.75 13.64 41.16
C LEU A 132 18.65 13.85 39.96
N ARG A 133 19.08 12.77 39.32
CA ARG A 133 19.95 12.89 38.18
C ARG A 133 19.20 13.30 36.92
N SER A 134 17.96 12.83 36.76
CA SER A 134 17.31 12.95 35.45
C SER A 134 16.73 14.34 35.22
N TRP A 135 15.64 14.69 35.90
CA TRP A 135 15.12 16.05 35.80
C TRP A 135 14.44 16.47 37.10
N PHE A 136 15.08 16.25 38.24
CA PHE A 136 14.49 16.71 39.48
C PHE A 136 14.46 18.22 39.55
N LEU A 137 15.58 18.88 39.27
CA LEU A 137 15.65 20.31 39.48
C LEU A 137 14.81 21.08 38.48
N LEU A 138 14.54 20.51 37.32
CA LEU A 138 13.62 21.17 36.39
C LEU A 138 12.22 21.24 36.97
N ASP A 139 11.68 20.10 37.39
CA ASP A 139 10.39 20.08 38.04
C ASP A 139 10.40 20.88 39.33
N LEU A 140 11.57 21.09 39.92
CA LEU A 140 11.60 21.93 41.12
C LEU A 140 11.50 23.40 40.75
N VAL A 141 12.35 23.85 39.84
CA VAL A 141 12.38 25.27 39.49
C VAL A 141 11.08 25.69 38.84
N SER A 142 10.36 24.75 38.22
CA SER A 142 9.08 25.08 37.63
C SER A 142 7.95 25.01 38.64
N THR A 143 8.26 25.16 39.92
CA THR A 143 7.24 25.15 40.96
C THR A 143 7.36 26.31 41.92
N ILE A 144 8.39 27.13 41.80
CA ILE A 144 8.50 28.31 42.66
C ILE A 144 7.30 29.22 42.42
N PRO A 145 6.65 29.71 43.46
CA PRO A 145 5.53 30.64 43.24
C PRO A 145 6.03 31.95 42.66
N SER A 146 5.26 32.50 41.72
CA SER A 146 5.66 33.73 41.09
C SER A 146 5.82 34.86 42.08
N GLU A 147 5.11 34.81 43.21
CA GLU A 147 5.28 35.80 44.24
C GLU A 147 6.67 35.79 44.84
N ALA A 148 7.49 34.79 44.52
CA ALA A 148 8.89 34.81 44.91
C ALA A 148 9.74 35.50 43.86
N ALA A 149 9.65 35.05 42.60
CA ALA A 149 10.43 35.66 41.54
C ALA A 149 10.12 37.14 41.39
N MET A 150 8.93 37.58 41.78
CA MET A 150 8.67 39.01 41.82
C MET A 150 9.60 39.73 42.78
N ARG A 151 10.09 39.04 43.80
CA ARG A 151 10.92 39.67 44.83
C ARG A 151 12.39 39.69 44.47
N ILE A 152 12.76 39.31 43.25
CA ILE A 152 14.16 39.39 42.86
C ILE A 152 14.27 40.32 41.66
N SER A 153 13.24 40.35 40.82
CA SER A 153 13.23 41.25 39.67
C SER A 153 11.78 41.43 39.24
N SER A 154 11.25 42.64 39.42
CA SER A 154 9.87 42.90 39.04
C SER A 154 9.62 42.74 37.55
N GLN A 155 10.67 42.59 36.75
CA GLN A 155 10.48 42.38 35.31
C GLN A 155 10.16 40.93 35.01
N SER A 156 10.96 40.01 35.54
CA SER A 156 10.87 38.60 35.18
C SER A 156 9.69 37.94 35.90
N TYR A 157 8.50 38.26 35.43
CA TYR A 157 7.29 37.61 35.91
C TYR A 157 6.65 36.76 34.83
N GLY A 158 6.30 37.36 33.70
CA GLY A 158 5.73 36.59 32.61
C GLY A 158 6.72 35.60 32.05
N LEU A 159 7.96 36.03 31.87
CA LEU A 159 8.96 35.13 31.33
C LEU A 159 9.22 34.00 32.31
N PHE A 160 9.23 34.30 33.60
CA PHE A 160 9.41 33.25 34.59
C PHE A 160 8.27 32.25 34.52
N ASN A 161 7.06 32.69 34.79
CA ASN A 161 6.02 31.67 34.76
C ASN A 161 5.71 31.19 33.39
N MET A 162 6.49 31.57 32.39
CA MET A 162 6.54 30.80 31.16
C MET A 162 7.42 29.58 31.28
N LEU A 163 8.25 29.50 32.32
CA LEU A 163 9.05 28.31 32.53
C LEU A 163 8.18 27.10 32.80
N ARG A 164 7.09 27.29 33.52
CA ARG A 164 6.30 26.12 33.89
C ARG A 164 5.43 25.70 32.72
N LEU A 165 6.02 25.66 31.55
CA LEU A 165 5.51 24.88 30.44
C LEU A 165 6.30 23.59 30.31
N TRP A 166 7.32 23.45 31.14
CA TRP A 166 8.06 22.20 31.21
C TRP A 166 7.16 21.07 31.65
N ARG A 167 6.04 21.38 32.30
CA ARG A 167 5.09 20.37 32.69
C ARG A 167 4.42 19.68 31.53
N LEU A 168 4.61 20.16 30.30
CA LEU A 168 3.95 19.50 29.18
C LEU A 168 4.53 18.14 28.88
N ARG A 169 5.68 17.80 29.47
CA ARG A 169 6.20 16.46 29.32
C ARG A 169 5.20 15.42 29.79
N ARG A 170 4.33 15.79 30.73
CA ARG A 170 3.35 14.84 31.20
C ARG A 170 2.29 14.54 30.14
N VAL A 171 1.84 15.56 29.42
CA VAL A 171 0.91 15.31 28.33
C VAL A 171 1.59 14.50 27.23
N GLY A 172 2.85 14.82 26.95
CA GLY A 172 3.60 14.01 26.00
C GLY A 172 3.62 12.54 26.40
N ALA A 173 3.92 12.26 27.66
CA ALA A 173 3.97 10.89 28.13
C ALA A 173 2.60 10.23 28.08
N LEU A 174 1.56 10.98 28.43
CA LEU A 174 0.21 10.42 28.37
C LEU A 174 -0.12 9.97 26.96
N PHE A 175 0.15 10.81 25.97
CA PHE A 175 -0.14 10.40 24.59
C PHE A 175 0.75 9.25 24.18
N ALA A 176 2.01 9.26 24.59
CA ALA A 176 2.90 8.16 24.24
C ALA A 176 2.37 6.84 24.76
N ARG A 177 1.80 6.84 25.96
CA ARG A 177 1.23 5.61 26.49
C ARG A 177 -0.06 5.24 25.78
N LEU A 178 -0.90 6.24 25.50
CA LEU A 178 -2.16 5.94 24.83
C LEU A 178 -1.94 5.35 23.45
N GLU A 179 -0.85 5.70 22.79
CA GLU A 179 -0.57 5.13 21.48
C GLU A 179 -0.43 3.62 21.58
N LYS A 180 0.59 3.15 22.29
CA LYS A 180 0.83 1.72 22.46
C LYS A 180 -0.19 1.16 23.45
N ASP A 181 -1.42 1.05 22.96
CA ASP A 181 -2.50 0.46 23.73
C ASP A 181 -3.34 -0.34 22.73
N ARG A 182 -4.45 -0.90 23.20
CA ARG A 182 -5.32 -1.60 22.29
C ARG A 182 -6.80 -1.28 22.49
N ASN A 183 -7.19 -0.61 23.55
CA ASN A 183 -8.56 -0.16 23.71
C ASN A 183 -8.80 1.17 23.02
N PHE A 184 -7.82 1.67 22.28
CA PHE A 184 -7.91 2.99 21.68
C PHE A 184 -7.46 2.91 20.22
N ASN A 185 -8.21 3.55 19.35
CA ASN A 185 -7.86 3.53 17.93
C ASN A 185 -6.61 4.37 17.70
N TYR A 186 -5.54 3.72 17.25
CA TYR A 186 -4.24 4.37 17.19
C TYR A 186 -4.27 5.64 16.36
N PHE A 187 -4.99 5.62 15.24
CA PHE A 187 -5.08 6.83 14.45
C PHE A 187 -5.98 7.85 15.11
N TRP A 188 -7.05 7.41 15.74
CA TRP A 188 -7.90 8.33 16.47
C TRP A 188 -7.28 8.86 17.72
N VAL A 189 -6.01 8.55 17.91
CA VAL A 189 -5.22 9.13 18.98
C VAL A 189 -4.08 9.98 18.43
N ARG A 190 -3.54 9.52 17.31
CA ARG A 190 -2.50 10.31 16.62
C ARG A 190 -3.18 11.56 16.11
N CYS A 191 -4.51 11.54 16.02
CA CYS A 191 -5.25 12.70 15.57
C CYS A 191 -5.61 13.65 16.71
N ALA A 192 -6.07 13.11 17.84
CA ALA A 192 -6.30 13.97 18.99
C ALA A 192 -5.03 14.68 19.43
N LYS A 193 -3.90 14.07 19.20
CA LYS A 193 -2.65 14.72 19.63
C LYS A 193 -2.39 15.87 18.68
N LEU A 194 -2.87 15.78 17.47
CA LEU A 194 -2.69 16.88 16.53
C LEU A 194 -3.68 18.00 16.76
N VAL A 195 -4.90 17.69 17.15
CA VAL A 195 -5.81 18.79 17.47
C VAL A 195 -5.35 19.52 18.73
N CYS A 196 -4.78 18.81 19.71
CA CYS A 196 -4.25 19.53 20.85
C CYS A 196 -3.06 20.40 20.47
N VAL A 197 -2.14 19.89 19.66
CA VAL A 197 -1.00 20.75 19.32
C VAL A 197 -1.46 21.92 18.47
N THR A 198 -2.47 21.73 17.62
CA THR A 198 -3.00 22.83 16.84
C THR A 198 -3.58 23.90 17.72
N LEU A 199 -4.43 23.50 18.67
CA LEU A 199 -5.01 24.49 19.58
C LEU A 199 -3.94 25.21 20.36
N PHE A 200 -2.94 24.48 20.84
CA PHE A 200 -1.89 25.11 21.61
C PHE A 200 -1.14 26.14 20.79
N ALA A 201 -0.82 25.82 19.54
CA ALA A 201 -0.12 26.76 18.69
C ALA A 201 -0.97 28.00 18.44
N VAL A 202 -2.24 27.79 18.10
CA VAL A 202 -3.15 28.91 17.86
C VAL A 202 -3.21 29.81 19.07
N HIS A 203 -3.10 29.23 20.26
CA HIS A 203 -3.22 30.03 21.48
C HIS A 203 -1.94 30.81 21.76
N CYS A 204 -0.79 30.15 21.76
CA CYS A 204 0.40 30.87 22.15
C CYS A 204 0.81 31.87 21.10
N ALA A 205 0.50 31.62 19.83
CA ALA A 205 0.75 32.63 18.81
C ALA A 205 -0.05 33.88 19.09
N ALA A 206 -1.31 33.74 19.48
CA ALA A 206 -2.12 34.89 19.81
C ALA A 206 -1.53 35.66 20.98
N CYS A 207 -1.08 34.95 22.00
CA CYS A 207 -0.52 35.64 23.15
C CYS A 207 0.76 36.39 22.77
N PHE A 208 1.65 35.75 22.00
CA PHE A 208 2.88 36.42 21.59
C PHE A 208 2.61 37.63 20.74
N TYR A 209 1.69 37.51 19.78
CA TYR A 209 1.39 38.62 18.90
C TYR A 209 0.82 39.79 19.67
N TYR A 210 -0.12 39.53 20.57
CA TYR A 210 -0.62 40.63 21.39
C TYR A 210 0.48 41.23 22.23
N LEU A 211 1.44 40.42 22.67
CA LEU A 211 2.52 41.00 23.46
C LEU A 211 3.35 41.96 22.62
N ILE A 212 3.66 41.55 21.40
CA ILE A 212 4.38 42.44 20.49
C ILE A 212 3.62 43.75 20.32
N ALA A 213 2.31 43.66 20.24
CA ALA A 213 1.53 44.89 20.05
C ALA A 213 1.54 45.75 21.30
N ALA A 214 1.44 45.13 22.47
CA ALA A 214 1.32 45.90 23.70
C ALA A 214 2.63 46.55 24.10
N ARG A 215 3.74 45.87 23.88
CA ARG A 215 5.03 46.43 24.26
C ARG A 215 5.44 47.59 23.36
N ASN A 216 4.86 47.69 22.17
CA ASN A 216 5.22 48.75 21.23
C ASN A 216 5.06 50.11 21.88
N SER A 217 5.93 51.04 21.47
CA SER A 217 5.94 52.36 22.09
C SER A 217 4.68 53.14 21.74
N ASN A 218 4.48 53.40 20.46
CA ASN A 218 3.27 54.07 20.01
C ASN A 218 2.18 53.03 19.76
N PRO A 219 1.08 53.06 20.51
CA PRO A 219 0.06 52.00 20.35
C PRO A 219 -0.70 52.08 19.05
N ALA A 220 -0.75 53.22 18.39
CA ALA A 220 -1.58 53.38 17.21
C ALA A 220 -0.95 52.84 15.95
N LYS A 221 0.28 52.33 16.00
CA LYS A 221 0.93 51.73 14.85
C LYS A 221 1.08 50.23 15.02
N THR A 222 0.21 49.62 15.81
CA THR A 222 0.21 48.19 16.03
C THR A 222 -0.82 47.53 15.15
N TRP A 223 -0.76 46.21 15.07
CA TRP A 223 -1.75 45.52 14.27
C TRP A 223 -3.15 45.68 14.84
N ILE A 224 -3.26 45.75 16.16
CA ILE A 224 -4.57 45.89 16.78
C ILE A 224 -4.95 47.34 16.98
N GLY A 225 -3.97 48.23 17.18
CA GLY A 225 -4.28 49.63 17.29
C GLY A 225 -4.78 50.25 16.01
N ALA A 226 -4.57 49.57 14.89
CA ALA A 226 -5.06 50.11 13.62
C ALA A 226 -6.56 50.02 13.53
N ASN A 227 -7.15 48.95 14.06
CA ASN A 227 -8.60 48.77 13.99
C ASN A 227 -9.32 49.46 15.14
N VAL A 228 -9.07 49.02 16.37
CA VAL A 228 -9.72 49.58 17.54
C VAL A 228 -8.79 50.63 18.13
N ALA A 229 -9.34 51.79 18.46
CA ALA A 229 -8.49 52.92 18.82
C ALA A 229 -7.80 52.70 20.16
N ASN A 230 -8.58 52.59 21.24
CA ASN A 230 -8.02 52.46 22.58
C ASN A 230 -8.09 51.00 23.03
N PHE A 231 -7.34 50.16 22.35
CA PHE A 231 -7.40 48.75 22.71
C PHE A 231 -6.84 48.49 24.10
N LEU A 232 -6.15 49.45 24.70
CA LEU A 232 -5.68 49.26 26.06
C LEU A 232 -6.74 49.53 27.10
N GLU A 233 -7.89 50.05 26.69
CA GLU A 233 -8.99 50.29 27.61
C GLU A 233 -10.15 49.35 27.41
N GLU A 234 -9.94 48.23 26.72
CA GLU A 234 -10.98 47.25 26.55
C GLU A 234 -10.79 46.10 27.54
N SER A 235 -11.85 45.35 27.74
CA SER A 235 -11.78 44.18 28.59
C SER A 235 -10.74 43.21 28.08
N LEU A 236 -10.16 42.44 29.01
CA LEU A 236 -9.26 41.37 28.60
C LEU A 236 -9.99 40.37 27.74
N TRP A 237 -11.29 40.24 27.92
CA TRP A 237 -12.06 39.33 27.09
C TRP A 237 -12.02 39.77 25.63
N MET A 238 -12.27 41.05 25.37
CA MET A 238 -12.29 41.51 23.99
C MET A 238 -10.93 41.41 23.34
N ARG A 239 -9.87 41.79 24.05
CA ARG A 239 -8.54 41.71 23.47
C ARG A 239 -8.11 40.28 23.22
N TYR A 240 -8.40 39.39 24.16
CA TYR A 240 -8.05 38.00 23.95
C TYR A 240 -8.80 37.42 22.76
N VAL A 241 -10.09 37.74 22.63
CA VAL A 241 -10.85 37.20 21.52
C VAL A 241 -10.34 37.76 20.20
N THR A 242 -10.01 39.06 20.17
CA THR A 242 -9.51 39.65 18.94
C THR A 242 -8.22 38.98 18.50
N SER A 243 -7.27 38.82 19.42
CA SER A 243 -6.00 38.23 19.03
C SER A 243 -6.15 36.77 18.66
N MET A 244 -6.99 36.04 19.37
CA MET A 244 -7.23 34.66 19.01
C MET A 244 -7.90 34.56 17.65
N TYR A 245 -8.70 35.55 17.36
CA TYR A 245 -9.41 35.62 16.08
C TYR A 245 -8.40 35.81 14.98
N TRP A 246 -7.46 36.73 15.12
CA TRP A 246 -6.43 36.93 14.09
C TRP A 246 -5.65 35.64 13.99
N SER A 247 -5.29 35.05 15.10
CA SER A 247 -4.41 33.88 15.07
C SER A 247 -5.04 32.73 14.35
N ILE A 248 -6.29 32.45 14.60
CA ILE A 248 -6.94 31.32 13.92
C ILE A 248 -7.20 31.68 12.46
N THR A 249 -7.44 32.94 12.15
CA THR A 249 -7.69 33.33 10.75
C THR A 249 -6.43 33.15 9.95
N THR A 250 -5.27 33.49 10.48
CA THR A 250 -4.03 33.27 9.74
C THR A 250 -3.68 31.80 9.68
N LEU A 251 -3.87 31.04 10.73
CA LEU A 251 -3.46 29.63 10.68
C LEU A 251 -4.27 28.89 9.67
N THR A 252 -5.55 29.17 9.60
CA THR A 252 -6.33 28.39 8.64
C THR A 252 -6.28 29.02 7.28
N THR A 253 -5.41 29.98 6.93
CA THR A 253 -5.15 30.63 5.66
C THR A 253 -6.37 31.28 5.08
N VAL A 254 -7.37 31.58 5.89
CA VAL A 254 -8.46 32.43 5.41
C VAL A 254 -7.94 33.83 5.15
N GLY A 255 -7.43 34.47 6.18
CA GLY A 255 -6.79 35.75 6.00
C GLY A 255 -7.73 36.80 5.48
N TYR A 256 -8.74 37.15 6.27
CA TYR A 256 -9.68 38.18 5.86
C TYR A 256 -8.95 39.48 5.56
N GLY A 257 -7.95 39.80 6.37
CA GLY A 257 -7.20 41.00 6.13
C GLY A 257 -7.62 42.21 6.91
N ASP A 258 -8.56 42.07 7.85
CA ASP A 258 -8.91 43.20 8.69
C ASP A 258 -7.81 43.50 9.69
N LEU A 259 -7.19 42.45 10.23
CA LEU A 259 -6.07 42.59 11.16
C LEU A 259 -4.86 41.96 10.52
N HIS A 260 -3.79 42.74 10.38
CA HIS A 260 -2.60 42.28 9.70
C HIS A 260 -1.42 43.09 10.21
N PRO A 261 -0.19 42.61 10.02
CA PRO A 261 0.97 43.35 10.52
C PRO A 261 1.07 44.74 9.92
N VAL A 262 1.68 45.63 10.68
CA VAL A 262 1.73 47.04 10.31
C VAL A 262 3.16 47.55 10.30
N ASN A 263 4.03 46.95 11.10
CA ASN A 263 5.42 47.35 11.16
C ASN A 263 6.29 46.10 11.06
N THR A 264 7.59 46.32 10.90
CA THR A 264 8.46 45.20 10.56
C THR A 264 8.55 44.21 11.70
N LYS A 265 8.51 44.68 12.94
CA LYS A 265 8.58 43.77 14.08
C LYS A 265 7.46 42.76 14.03
N GLU A 266 6.28 43.17 13.57
CA GLU A 266 5.16 42.25 13.45
C GLU A 266 5.27 41.42 12.18
N MET A 267 5.75 42.01 11.10
CA MET A 267 5.93 41.26 9.87
C MET A 267 6.88 40.10 10.07
N ILE A 268 7.88 40.26 10.93
CA ILE A 268 8.86 39.20 11.08
C ILE A 268 8.28 38.05 11.88
N PHE A 269 7.56 38.35 12.95
CA PHE A 269 6.86 37.29 13.66
C PHE A 269 5.93 36.56 12.74
N ASP A 270 5.22 37.28 11.88
CA ASP A 270 4.25 36.66 11.01
C ASP A 270 4.89 35.83 9.93
N ILE A 271 6.08 36.22 9.48
CA ILE A 271 6.80 35.42 8.49
C ILE A 271 7.10 34.04 9.04
N PHE A 272 7.41 33.97 10.33
CA PHE A 272 7.72 32.67 10.93
C PHE A 272 6.47 31.92 11.33
N TYR A 273 5.42 32.61 11.73
CA TYR A 273 4.17 31.94 12.01
C TYR A 273 3.61 31.30 10.75
N MET A 274 3.62 32.02 9.63
CA MET A 274 3.10 31.43 8.40
C MET A 274 3.96 30.28 7.92
N LEU A 275 5.26 30.34 8.15
CA LEU A 275 6.11 29.23 7.77
C LEU A 275 5.81 28.01 8.61
N PHE A 276 5.64 28.20 9.91
CA PHE A 276 5.25 27.12 10.78
C PHE A 276 3.97 26.45 10.28
N ASN A 277 2.95 27.24 10.02
CA ASN A 277 1.66 26.67 9.63
C ASN A 277 1.76 25.88 8.35
N LEU A 278 2.59 26.33 7.42
CA LEU A 278 2.73 25.58 6.17
C LEU A 278 3.16 24.16 6.45
N GLY A 279 4.10 23.97 7.36
CA GLY A 279 4.52 22.64 7.71
C GLY A 279 3.48 21.93 8.53
N LEU A 280 2.78 22.68 9.39
CA LEU A 280 1.84 22.03 10.29
C LEU A 280 0.61 21.54 9.55
N THR A 281 0.04 22.35 8.66
CA THR A 281 -1.11 21.88 7.92
C THR A 281 -0.74 20.77 6.96
N ALA A 282 0.47 20.81 6.40
CA ALA A 282 0.92 19.70 5.59
C ALA A 282 1.07 18.44 6.42
N TYR A 283 1.30 18.59 7.71
CA TYR A 283 1.42 17.44 8.59
C TYR A 283 0.06 16.91 9.02
N LEU A 284 -0.93 17.78 9.18
CA LEU A 284 -2.27 17.32 9.49
C LEU A 284 -2.85 16.52 8.32
N ILE A 285 -2.83 17.10 7.13
CA ILE A 285 -3.42 16.43 5.98
C ILE A 285 -2.76 15.10 5.74
N GLY A 286 -1.46 14.98 6.02
CA GLY A 286 -0.81 13.70 5.92
C GLY A 286 -1.32 12.71 6.94
N ASN A 287 -1.69 13.20 8.12
CA ASN A 287 -2.12 12.30 9.17
C ASN A 287 -3.57 11.91 9.05
N MET A 288 -4.42 12.81 8.56
CA MET A 288 -5.80 12.40 8.37
C MET A 288 -5.97 11.56 7.11
N THR A 289 -5.03 11.63 6.17
CA THR A 289 -5.04 10.66 5.10
C THR A 289 -4.78 9.27 5.63
N ASN A 290 -3.94 9.16 6.65
CA ASN A 290 -3.69 7.87 7.28
C ASN A 290 -4.94 7.37 8.00
N LEU A 291 -5.59 8.24 8.74
CA LEU A 291 -6.79 7.83 9.47
C LEU A 291 -7.88 7.37 8.53
N VAL A 292 -7.98 7.98 7.36
CA VAL A 292 -9.06 7.64 6.45
C VAL A 292 -8.77 6.34 5.74
N VAL A 293 -7.53 6.13 5.34
CA VAL A 293 -7.17 4.91 4.63
C VAL A 293 -7.55 3.67 5.43
N HIS A 294 -7.31 3.71 6.74
CA HIS A 294 -7.60 2.56 7.58
C HIS A 294 -9.03 2.52 8.06
N GLY A 295 -9.72 3.65 8.09
CA GLY A 295 -11.12 3.63 8.46
C GLY A 295 -12.00 2.97 7.43
N THR A 296 -11.62 3.08 6.15
CA THR A 296 -12.38 2.48 5.07
C THR A 296 -11.81 1.15 4.61
N SER A 297 -10.63 0.77 5.08
CA SER A 297 -9.99 -0.44 4.59
C SER A 297 -10.90 -1.65 4.70
N ARG A 298 -11.68 -1.74 5.77
CA ARG A 298 -12.49 -2.93 5.96
C ARG A 298 -13.65 -2.98 4.99
N THR A 299 -14.47 -1.93 4.95
CA THR A 299 -15.66 -1.95 4.13
C THR A 299 -15.34 -2.01 2.64
N ARG A 300 -14.14 -1.63 2.25
CA ARG A 300 -13.76 -1.77 0.85
C ARG A 300 -12.93 -3.02 0.61
N ASN A 301 -12.58 -3.75 1.65
CA ASN A 301 -12.12 -5.11 1.48
C ASN A 301 -13.29 -6.07 1.28
N PHE A 302 -14.38 -5.85 2.02
CA PHE A 302 -15.54 -6.71 1.89
C PHE A 302 -16.08 -6.68 0.47
N ARG A 303 -16.15 -5.49 -0.10
CA ARG A 303 -16.73 -5.38 -1.45
C ARG A 303 -15.76 -5.91 -2.50
N ASP A 304 -14.54 -6.23 -2.09
CA ASP A 304 -13.58 -6.84 -3.01
C ASP A 304 -13.72 -8.35 -3.05
N THR A 305 -14.05 -8.98 -1.93
CA THR A 305 -14.28 -10.42 -1.95
C THR A 305 -15.60 -10.75 -2.62
N ILE A 306 -16.64 -9.95 -2.36
CA ILE A 306 -17.91 -10.17 -3.06
C ILE A 306 -17.72 -10.02 -4.55
N GLN A 307 -16.84 -9.11 -4.96
CA GLN A 307 -16.55 -8.97 -6.37
C GLN A 307 -15.90 -10.23 -6.91
N ALA A 308 -14.83 -10.69 -6.26
CA ALA A 308 -14.16 -11.91 -6.69
C ALA A 308 -15.10 -13.11 -6.69
N ALA A 309 -16.05 -13.14 -5.76
CA ALA A 309 -16.98 -14.26 -5.70
C ALA A 309 -17.97 -14.28 -6.85
N SER A 310 -18.04 -13.21 -7.62
CA SER A 310 -18.84 -13.21 -8.84
C SER A 310 -18.00 -13.37 -10.08
N ASN A 311 -16.85 -12.70 -10.15
CA ASN A 311 -15.88 -12.95 -11.21
C ASN A 311 -15.49 -14.41 -11.29
N PHE A 312 -15.67 -15.18 -10.22
CA PHE A 312 -15.45 -16.62 -10.24
C PHE A 312 -16.70 -17.38 -10.61
N ALA A 313 -17.84 -17.06 -10.00
CA ALA A 313 -19.06 -17.76 -10.33
C ALA A 313 -19.59 -17.43 -11.71
N HIS A 314 -18.93 -16.54 -12.44
CA HIS A 314 -19.37 -16.19 -13.78
C HIS A 314 -18.59 -16.92 -14.86
N ARG A 315 -17.29 -16.90 -14.71
CA ARG A 315 -16.40 -17.62 -15.64
C ARG A 315 -16.88 -19.05 -15.85
N ASN A 316 -17.60 -19.66 -14.86
CA ASN A 316 -18.07 -21.03 -14.90
C ASN A 316 -19.55 -21.14 -15.20
N HIS A 317 -20.26 -20.02 -15.29
CA HIS A 317 -21.69 -20.00 -15.56
C HIS A 317 -22.45 -20.87 -14.56
N LEU A 318 -22.19 -20.62 -13.28
CA LEU A 318 -22.88 -21.36 -12.24
C LEU A 318 -24.36 -21.03 -12.28
N PRO A 319 -25.22 -22.00 -11.97
CA PRO A 319 -26.65 -21.73 -11.99
C PRO A 319 -27.00 -20.70 -10.93
N PRO A 320 -28.03 -19.88 -11.18
CA PRO A 320 -28.38 -18.84 -10.22
C PRO A 320 -28.87 -19.40 -8.90
N ARG A 321 -29.52 -20.57 -8.90
CA ARG A 321 -29.87 -21.22 -7.65
C ARG A 321 -28.65 -21.45 -6.78
N LEU A 322 -27.47 -21.53 -7.40
CA LEU A 322 -26.23 -21.77 -6.69
C LEU A 322 -25.35 -20.54 -6.58
N GLN A 323 -25.58 -19.53 -7.41
CA GLN A 323 -24.80 -18.31 -7.35
C GLN A 323 -25.16 -17.44 -6.15
N ASP A 324 -26.29 -17.72 -5.50
CA ASP A 324 -26.70 -16.92 -4.36
C ASP A 324 -26.23 -17.53 -3.04
N GLN A 325 -26.36 -18.85 -2.90
CA GLN A 325 -25.88 -19.51 -1.68
C GLN A 325 -24.43 -19.18 -1.42
N MET A 326 -23.65 -18.92 -2.47
CA MET A 326 -22.30 -18.43 -2.28
C MET A 326 -22.32 -17.06 -1.59
N LEU A 327 -23.04 -16.11 -2.17
CA LEU A 327 -23.08 -14.78 -1.61
C LEU A 327 -23.89 -14.71 -0.32
N ALA A 328 -24.82 -15.63 -0.12
CA ALA A 328 -25.49 -15.71 1.16
C ALA A 328 -24.57 -16.17 2.27
N HIS A 329 -23.42 -16.75 1.93
CA HIS A 329 -22.45 -17.19 2.92
C HIS A 329 -21.26 -16.25 3.05
N LEU A 330 -20.95 -15.48 2.02
CA LEU A 330 -19.89 -14.49 2.17
C LEU A 330 -20.40 -13.24 2.86
N CYS A 331 -21.63 -12.84 2.56
CA CYS A 331 -22.24 -11.74 3.30
C CYS A 331 -22.29 -12.06 4.79
N LEU A 332 -22.84 -13.22 5.13
CA LEU A 332 -22.89 -13.64 6.51
C LEU A 332 -21.50 -13.66 7.13
N LYS A 333 -20.50 -14.10 6.37
CA LYS A 333 -19.16 -14.26 6.94
C LYS A 333 -18.59 -12.92 7.38
N TYR A 334 -18.74 -11.89 6.57
CA TYR A 334 -18.22 -10.58 6.94
C TYR A 334 -19.13 -9.87 7.92
N ARG A 335 -20.44 -10.06 7.80
CA ARG A 335 -21.38 -9.44 8.74
C ARG A 335 -21.21 -9.96 10.15
N THR A 336 -20.58 -11.12 10.29
CA THR A 336 -20.35 -11.71 11.64
C THR A 336 -18.83 -11.74 11.90
N ASP A 337 -18.04 -11.51 10.86
CA ASP A 337 -16.56 -11.40 11.02
C ASP A 337 -16.31 -10.14 11.85
N SER A 338 -17.08 -9.08 11.56
CA SER A 338 -17.05 -7.78 12.27
C SER A 338 -17.43 -8.02 13.74
N GLU A 339 -18.38 -8.91 14.00
CA GLU A 339 -18.80 -9.26 15.39
C GLU A 339 -17.63 -9.84 16.18
N GLY A 340 -16.77 -10.63 15.52
CA GLY A 340 -15.63 -11.29 16.19
C GLY A 340 -15.99 -12.71 16.56
N LEU A 341 -17.27 -13.06 16.39
CA LEU A 341 -17.78 -14.42 16.61
C LEU A 341 -17.16 -15.35 15.58
N GLN A 342 -17.01 -14.85 14.35
CA GLN A 342 -16.54 -15.66 13.19
C GLN A 342 -15.14 -16.23 13.45
N GLN A 343 -14.28 -15.42 14.07
CA GLN A 343 -12.85 -15.68 14.42
C GLN A 343 -12.37 -17.10 14.17
N GLN A 344 -11.72 -17.31 13.01
CA GLN A 344 -11.09 -18.59 12.68
C GLN A 344 -9.66 -18.25 12.33
N GLU A 345 -9.35 -17.00 11.94
CA GLU A 345 -7.97 -16.64 11.53
C GLU A 345 -6.97 -16.93 12.66
N THR A 346 -7.35 -16.62 13.90
CA THR A 346 -6.45 -16.85 15.05
C THR A 346 -6.07 -18.34 15.09
N LEU A 347 -7.07 -19.20 14.95
CA LEU A 347 -6.86 -20.65 14.77
C LEU A 347 -6.15 -20.91 13.43
N ASP A 348 -6.46 -20.16 12.35
CA ASP A 348 -5.71 -20.50 11.15
C ASP A 348 -4.22 -20.27 11.29
N ALA A 349 -3.81 -19.25 12.05
CA ALA A 349 -2.41 -18.90 12.20
C ALA A 349 -1.73 -19.65 13.31
N LEU A 350 -2.34 -20.71 13.84
CA LEU A 350 -1.74 -21.40 14.96
C LEU A 350 -1.34 -22.81 14.56
N PRO A 351 -0.30 -23.35 15.19
CA PRO A 351 0.03 -24.75 14.97
C PRO A 351 -1.01 -25.65 15.59
N LYS A 352 -1.24 -26.79 14.93
CA LYS A 352 -2.21 -27.76 15.44
C LYS A 352 -1.86 -28.23 16.84
N ALA A 353 -0.60 -28.10 17.25
CA ALA A 353 -0.24 -28.49 18.61
C ALA A 353 -0.87 -27.57 19.64
N ILE A 354 -0.75 -26.26 19.44
CA ILE A 354 -1.34 -25.32 20.41
C ILE A 354 -2.82 -25.11 20.13
N ARG A 355 -3.22 -25.16 18.86
CA ARG A 355 -4.59 -24.81 18.52
C ARG A 355 -5.58 -25.74 19.20
N SER A 356 -5.36 -27.05 19.09
CA SER A 356 -6.26 -28.00 19.71
C SER A 356 -6.34 -27.80 21.21
N SER A 357 -5.24 -27.32 21.82
CA SER A 357 -5.25 -27.11 23.26
C SER A 357 -6.30 -26.10 23.67
N ILE A 358 -6.71 -25.22 22.77
CA ILE A 358 -7.76 -24.26 23.05
C ILE A 358 -9.08 -24.65 22.39
N SER A 359 -9.02 -25.39 21.28
CA SER A 359 -10.27 -25.93 20.74
C SER A 359 -10.86 -26.96 21.69
N HIS A 360 -10.00 -27.68 22.42
CA HIS A 360 -10.50 -28.61 23.42
C HIS A 360 -11.23 -27.88 24.54
N PHE A 361 -10.76 -26.67 24.87
CA PHE A 361 -11.36 -25.93 25.97
C PHE A 361 -12.82 -25.60 25.71
N LEU A 362 -13.20 -25.44 24.44
CA LEU A 362 -14.55 -25.01 24.10
C LEU A 362 -15.51 -26.18 23.97
N PHE A 363 -15.23 -27.08 23.02
CA PHE A 363 -16.20 -28.07 22.61
C PHE A 363 -16.07 -29.38 23.37
N TYR A 364 -15.32 -29.39 24.47
CA TYR A 364 -15.30 -30.57 25.32
C TYR A 364 -16.51 -30.61 26.25
N SER A 365 -16.74 -29.52 26.97
CA SER A 365 -17.89 -29.44 27.87
C SER A 365 -19.21 -29.61 27.14
N LEU A 366 -19.19 -29.55 25.80
CA LEU A 366 -20.39 -29.77 25.03
C LEU A 366 -20.46 -31.20 24.50
N MET A 367 -19.34 -31.72 24.01
CA MET A 367 -19.32 -33.04 23.38
C MET A 367 -19.41 -34.18 24.39
N ASP A 368 -19.07 -33.94 25.65
CA ASP A 368 -19.20 -34.98 26.66
C ASP A 368 -20.63 -35.46 26.85
N LYS A 369 -21.62 -34.62 26.51
CA LYS A 369 -23.01 -35.00 26.75
C LYS A 369 -23.60 -35.82 25.61
N VAL A 370 -22.97 -35.77 24.44
CA VAL A 370 -23.49 -36.53 23.30
C VAL A 370 -23.60 -38.00 23.66
N TYR A 371 -24.72 -38.61 23.29
CA TYR A 371 -24.99 -39.99 23.70
C TYR A 371 -24.01 -40.97 23.07
N LEU A 372 -23.42 -40.60 21.94
CA LEU A 372 -22.53 -41.54 21.26
C LEU A 372 -21.25 -41.78 22.07
N PHE A 373 -20.52 -40.70 22.38
CA PHE A 373 -19.22 -40.81 23.00
C PHE A 373 -19.28 -40.90 24.52
N ARG A 374 -20.45 -41.17 25.08
CA ARG A 374 -20.58 -41.22 26.53
C ARG A 374 -19.87 -42.45 27.08
N GLY A 375 -19.02 -42.24 28.08
CA GLY A 375 -18.29 -43.33 28.69
C GLY A 375 -17.21 -43.90 27.80
N VAL A 376 -16.26 -43.07 27.39
CA VAL A 376 -15.11 -43.49 26.61
C VAL A 376 -13.85 -42.90 27.25
N SER A 377 -12.70 -43.34 26.75
CA SER A 377 -11.44 -42.84 27.26
C SER A 377 -11.27 -41.36 26.92
N ASN A 378 -10.73 -40.60 27.87
CA ASN A 378 -10.63 -39.15 27.70
C ASN A 378 -9.67 -38.78 26.58
N ASP A 379 -8.60 -39.54 26.40
CA ASP A 379 -7.62 -39.21 25.37
C ASP A 379 -8.22 -39.31 23.97
N LEU A 380 -9.04 -40.35 23.74
CA LEU A 380 -9.59 -40.57 22.40
C LEU A 380 -10.45 -39.38 21.97
N LEU A 381 -11.51 -39.11 22.73
CA LEU A 381 -12.42 -38.04 22.33
C LEU A 381 -11.73 -36.68 22.34
N PHE A 382 -10.58 -36.58 23.00
CA PHE A 382 -9.85 -35.31 22.98
C PHE A 382 -9.34 -34.99 21.59
N GLN A 383 -8.67 -35.96 20.95
CA GLN A 383 -8.23 -35.71 19.59
C GLN A 383 -9.39 -35.73 18.61
N LEU A 384 -10.51 -36.34 18.98
CA LEU A 384 -11.72 -36.23 18.16
C LEU A 384 -12.19 -34.79 18.09
N VAL A 385 -12.12 -34.08 19.21
CA VAL A 385 -12.38 -32.65 19.20
C VAL A 385 -11.42 -31.93 18.26
N SER A 386 -10.16 -32.35 18.27
CA SER A 386 -9.14 -31.60 17.56
C SER A 386 -9.37 -31.60 16.05
N GLU A 387 -9.97 -32.66 15.52
CA GLU A 387 -10.12 -32.80 14.07
C GLU A 387 -11.49 -32.39 13.58
N MET A 388 -12.18 -31.50 14.28
CA MET A 388 -13.45 -30.96 13.82
C MET A 388 -13.27 -29.49 13.46
N LYS A 389 -14.00 -29.06 12.44
CA LYS A 389 -13.95 -27.69 11.97
C LYS A 389 -15.35 -27.08 12.05
N ALA A 390 -15.41 -25.83 12.50
CA ALA A 390 -16.68 -25.15 12.67
C ALA A 390 -17.08 -24.45 11.37
N GLU A 391 -18.39 -24.27 11.20
CA GLU A 391 -18.91 -23.63 10.00
C GLU A 391 -20.33 -23.14 10.23
N TYR A 392 -20.57 -21.85 9.99
CA TYR A 392 -21.86 -21.26 10.26
C TYR A 392 -22.80 -21.43 9.09
N PHE A 393 -24.09 -21.34 9.36
CA PHE A 393 -25.06 -21.57 8.31
C PHE A 393 -26.23 -20.61 8.41
N PRO A 394 -26.43 -19.74 7.43
CA PRO A 394 -27.56 -18.83 7.48
C PRO A 394 -28.86 -19.61 7.56
N PRO A 395 -29.88 -19.04 8.21
CA PRO A 395 -31.09 -19.82 8.49
C PRO A 395 -31.83 -20.23 7.24
N LYS A 396 -32.64 -21.27 7.40
CA LYS A 396 -33.38 -21.91 6.31
C LYS A 396 -32.42 -22.30 5.17
N GLU A 397 -31.32 -22.94 5.55
CA GLU A 397 -30.38 -23.55 4.63
C GLU A 397 -30.61 -25.06 4.66
N ASP A 398 -29.73 -25.80 4.00
CA ASP A 398 -29.83 -27.26 4.00
C ASP A 398 -28.43 -27.83 4.19
N VAL A 399 -28.06 -28.11 5.45
CA VAL A 399 -26.75 -28.67 5.72
C VAL A 399 -26.67 -30.10 5.21
N ILE A 400 -27.68 -30.90 5.50
CA ILE A 400 -27.67 -32.29 5.05
C ILE A 400 -29.06 -32.71 4.61
N LEU A 401 -29.27 -32.77 3.31
CA LEU A 401 -30.56 -33.15 2.75
C LEU A 401 -30.65 -34.66 2.58
N GLN A 402 -31.84 -35.20 2.81
CA GLN A 402 -32.06 -36.64 2.81
C GLN A 402 -31.89 -37.23 1.42
N ASN A 403 -31.83 -38.55 1.35
CA ASN A 403 -31.56 -39.29 0.13
C ASN A 403 -30.28 -38.80 -0.54
N GLU A 404 -29.18 -38.97 0.18
CA GLU A 404 -27.88 -38.52 -0.27
C GLU A 404 -26.82 -39.48 0.27
N ALA A 405 -25.63 -39.39 -0.29
CA ALA A 405 -24.53 -40.23 0.15
C ALA A 405 -24.11 -39.85 1.57
N PRO A 406 -24.01 -40.80 2.48
CA PRO A 406 -23.68 -40.46 3.87
C PRO A 406 -22.22 -40.05 4.03
N THR A 407 -21.93 -38.78 3.84
CA THR A 407 -20.55 -38.32 3.81
C THR A 407 -20.10 -37.70 5.13
N ASP A 408 -20.93 -36.89 5.78
CA ASP A 408 -20.52 -36.19 7.00
C ASP A 408 -21.53 -36.41 8.12
N PHE A 409 -21.10 -36.04 9.32
CA PHE A 409 -21.99 -35.97 10.48
C PHE A 409 -21.52 -34.79 11.33
N TYR A 410 -22.48 -34.09 11.93
CA TYR A 410 -22.19 -32.80 12.57
C TYR A 410 -22.48 -32.85 14.06
N ILE A 411 -22.02 -31.81 14.74
CA ILE A 411 -22.32 -31.55 16.14
C ILE A 411 -22.80 -30.12 16.26
N LEU A 412 -23.99 -29.94 16.84
CA LEU A 412 -24.62 -28.62 16.92
C LEU A 412 -24.15 -27.87 18.16
N VAL A 413 -23.59 -26.68 17.95
CA VAL A 413 -22.96 -25.94 19.02
C VAL A 413 -23.83 -24.79 19.46
N ASN A 414 -24.55 -24.17 18.51
CA ASN A 414 -25.40 -23.03 18.84
C ASN A 414 -26.57 -23.00 17.89
N GLY A 415 -27.68 -22.45 18.36
CA GLY A 415 -28.80 -22.35 17.46
C GLY A 415 -29.66 -23.60 17.46
N THR A 416 -30.49 -23.70 16.42
CA THR A 416 -31.47 -24.77 16.35
C THR A 416 -31.80 -25.02 14.89
N ALA A 417 -32.06 -26.29 14.57
CA ALA A 417 -32.52 -26.68 13.24
C ALA A 417 -33.59 -27.73 13.43
N ASP A 418 -34.02 -28.36 12.33
CA ASP A 418 -35.07 -29.35 12.46
C ASP A 418 -35.05 -30.32 11.29
N LEU A 419 -35.27 -31.58 11.59
CA LEU A 419 -35.45 -32.62 10.60
C LEU A 419 -36.82 -32.49 9.96
N VAL A 420 -36.87 -32.69 8.66
CA VAL A 420 -38.13 -32.65 7.94
C VAL A 420 -38.09 -33.65 6.80
N ASP A 421 -39.17 -34.41 6.66
CA ASP A 421 -39.31 -35.43 5.64
C ASP A 421 -40.02 -34.85 4.41
N VAL A 422 -39.49 -35.18 3.23
CA VAL A 422 -40.17 -34.89 1.97
C VAL A 422 -41.13 -36.06 1.75
N ASP A 423 -42.36 -35.89 2.24
CA ASP A 423 -43.38 -36.93 2.16
C ASP A 423 -44.26 -36.68 0.94
N THR A 424 -44.12 -37.55 -0.07
CA THR A 424 -44.83 -37.42 -1.33
C THR A 424 -44.66 -36.02 -1.91
N GLY A 425 -43.44 -35.50 -1.82
CA GLY A 425 -43.15 -34.17 -2.29
C GLY A 425 -43.73 -33.04 -1.47
N THR A 426 -44.03 -33.29 -0.19
CA THR A 426 -44.54 -32.27 0.71
C THR A 426 -43.66 -32.17 1.95
N GLU A 427 -43.63 -30.98 2.54
CA GLU A 427 -42.87 -30.76 3.76
C GLU A 427 -43.56 -31.46 4.92
N SER A 428 -42.81 -32.28 5.65
CA SER A 428 -43.34 -33.00 6.81
C SER A 428 -42.32 -32.86 7.93
N ILE A 429 -42.56 -31.90 8.83
CA ILE A 429 -41.60 -31.62 9.88
C ILE A 429 -41.53 -32.79 10.85
N VAL A 430 -40.35 -32.99 11.43
CA VAL A 430 -40.10 -34.01 12.44
C VAL A 430 -39.62 -33.29 13.69
N ARG A 431 -39.27 -34.06 14.72
CA ARG A 431 -38.67 -33.51 15.93
C ARG A 431 -37.53 -32.55 15.59
N GLU A 432 -37.53 -31.40 16.26
CA GLU A 432 -36.45 -30.43 16.06
C GLU A 432 -35.25 -30.81 16.91
N VAL A 433 -34.08 -30.49 16.40
CA VAL A 433 -32.85 -30.76 17.13
C VAL A 433 -32.37 -29.48 17.78
N LYS A 434 -31.98 -29.57 19.05
CA LYS A 434 -31.57 -28.42 19.82
C LYS A 434 -30.05 -28.32 19.78
N ALA A 435 -29.51 -27.34 20.50
CA ALA A 435 -28.07 -27.21 20.60
C ALA A 435 -27.51 -28.29 21.51
N GLY A 436 -26.43 -28.91 21.06
CA GLY A 436 -25.81 -29.97 21.85
C GLY A 436 -26.25 -31.37 21.51
N ASP A 437 -26.54 -31.66 20.25
CA ASP A 437 -26.83 -33.00 19.79
C ASP A 437 -26.19 -33.24 18.43
N ILE A 438 -26.59 -34.33 17.78
CA ILE A 438 -25.88 -34.85 16.62
C ILE A 438 -26.85 -34.97 15.46
N ILE A 439 -26.34 -34.88 14.24
CA ILE A 439 -27.14 -34.83 13.03
C ILE A 439 -26.60 -35.83 12.02
N GLY A 440 -27.49 -36.60 11.40
CA GLY A 440 -27.11 -37.51 10.34
C GLY A 440 -26.18 -38.60 10.78
N GLU A 441 -26.12 -38.84 12.09
CA GLU A 441 -25.20 -39.84 12.63
C GLU A 441 -25.58 -41.24 12.19
N ILE A 442 -26.86 -41.48 11.91
CA ILE A 442 -27.26 -42.81 11.48
C ILE A 442 -26.70 -43.13 10.10
N GLY A 443 -26.59 -42.12 9.24
CA GLY A 443 -26.11 -42.37 7.88
C GLY A 443 -24.66 -42.78 7.84
N VAL A 444 -23.79 -42.12 8.60
CA VAL A 444 -22.36 -42.32 8.44
C VAL A 444 -21.92 -43.63 9.11
N LEU A 445 -22.58 -44.02 10.19
CA LEU A 445 -22.22 -45.25 10.88
C LEU A 445 -23.10 -46.43 10.49
N CYS A 446 -23.92 -46.29 9.45
CA CYS A 446 -24.63 -47.42 8.89
C CYS A 446 -24.66 -47.40 7.36
N TYR A 447 -24.09 -46.37 6.73
CA TYR A 447 -24.10 -46.20 5.28
C TYR A 447 -25.51 -46.28 4.71
N ARG A 448 -26.51 -45.95 5.53
CA ARG A 448 -27.77 -45.76 4.84
C ARG A 448 -27.89 -44.31 4.38
N PRO A 449 -28.40 -44.07 3.17
CA PRO A 449 -28.63 -42.69 2.73
C PRO A 449 -29.42 -41.89 3.75
N GLN A 450 -29.22 -40.58 3.76
CA GLN A 450 -29.70 -39.76 4.85
C GLN A 450 -31.20 -39.88 5.03
N LEU A 451 -31.64 -39.87 6.30
CA LEU A 451 -33.03 -40.16 6.62
C LEU A 451 -33.94 -38.99 6.27
N PHE A 452 -33.73 -37.85 6.91
CA PHE A 452 -34.50 -36.64 6.65
C PHE A 452 -33.54 -35.48 6.43
N THR A 453 -33.94 -34.54 5.58
CA THR A 453 -33.16 -33.34 5.40
C THR A 453 -33.07 -32.57 6.71
N VAL A 454 -32.22 -31.55 6.74
CA VAL A 454 -32.08 -30.68 7.89
C VAL A 454 -32.00 -29.25 7.40
N ARG A 455 -32.92 -28.41 7.86
CA ARG A 455 -32.92 -26.99 7.55
C ARG A 455 -32.74 -26.19 8.83
N THR A 456 -31.88 -25.19 8.76
CA THR A 456 -31.56 -24.39 9.93
C THR A 456 -32.69 -23.40 10.21
N LYS A 457 -33.33 -23.54 11.37
CA LYS A 457 -34.35 -22.58 11.76
C LYS A 457 -33.74 -21.19 11.92
N ARG A 458 -32.80 -21.05 12.84
CA ARG A 458 -32.11 -19.81 13.07
C ARG A 458 -30.72 -19.86 12.44
N LEU A 459 -29.91 -18.85 12.71
CA LEU A 459 -28.50 -18.86 12.31
C LEU A 459 -27.73 -19.79 13.24
N CYS A 460 -27.28 -20.93 12.72
CA CYS A 460 -26.63 -21.95 13.53
C CYS A 460 -25.13 -22.00 13.26
N GLN A 461 -24.43 -22.78 14.09
CA GLN A 461 -23.00 -22.98 13.97
C GLN A 461 -22.68 -24.40 14.42
N LEU A 462 -22.18 -25.22 13.51
CA LEU A 462 -22.00 -26.64 13.75
C LEU A 462 -20.53 -27.01 13.70
N LEU A 463 -20.24 -28.23 14.16
CA LEU A 463 -18.91 -28.82 14.05
C LEU A 463 -18.98 -29.96 13.04
N ARG A 464 -18.01 -30.01 12.13
CA ARG A 464 -18.03 -30.95 11.02
C ARG A 464 -16.97 -32.02 11.21
N MET A 465 -17.35 -33.27 10.94
CA MET A 465 -16.40 -34.37 10.83
C MET A 465 -16.90 -35.31 9.75
N ASN A 466 -16.15 -35.43 8.66
CA ASN A 466 -16.60 -36.27 7.56
C ASN A 466 -16.39 -37.74 7.88
N ARG A 467 -16.92 -38.59 7.03
CA ARG A 467 -16.91 -40.03 7.29
C ARG A 467 -15.47 -40.55 7.39
N THR A 468 -14.63 -40.20 6.43
CA THR A 468 -13.30 -40.80 6.35
C THR A 468 -12.46 -40.48 7.58
N THR A 469 -12.12 -39.20 7.76
CA THR A 469 -11.18 -38.82 8.82
C THR A 469 -11.61 -39.35 10.17
N PHE A 470 -12.90 -39.63 10.34
CA PHE A 470 -13.35 -40.29 11.55
C PHE A 470 -12.90 -41.74 11.57
N LEU A 471 -13.17 -42.47 10.48
CA LEU A 471 -12.84 -43.89 10.45
C LEU A 471 -11.34 -44.12 10.64
N ASN A 472 -10.51 -43.31 10.00
CA ASN A 472 -9.07 -43.45 10.12
C ASN A 472 -8.58 -43.10 11.52
N ILE A 473 -9.51 -42.84 12.43
CA ILE A 473 -9.18 -42.63 13.82
C ILE A 473 -9.66 -43.78 14.70
N ILE A 474 -10.93 -44.15 14.57
CA ILE A 474 -11.49 -45.20 15.42
C ILE A 474 -10.79 -46.52 15.18
N GLN A 475 -10.62 -46.91 13.92
CA GLN A 475 -10.07 -48.24 13.62
C GLN A 475 -8.59 -48.34 13.97
N ALA A 476 -7.94 -47.21 14.26
CA ALA A 476 -6.57 -47.29 14.77
C ALA A 476 -6.53 -47.90 16.16
N ASN A 477 -7.57 -47.68 16.95
CA ASN A 477 -7.67 -48.19 18.31
C ASN A 477 -9.04 -48.82 18.54
N VAL A 478 -9.41 -49.74 17.65
CA VAL A 478 -10.68 -50.45 17.67
C VAL A 478 -11.02 -50.96 19.07
N GLY A 479 -9.98 -51.23 19.87
CA GLY A 479 -10.21 -51.68 21.24
C GLY A 479 -11.25 -50.87 21.98
N ASP A 480 -11.35 -49.58 21.68
CA ASP A 480 -12.39 -48.74 22.25
C ASP A 480 -13.54 -48.47 21.30
N GLY A 481 -13.30 -48.52 19.99
CA GLY A 481 -14.33 -48.23 19.02
C GLY A 481 -15.58 -49.07 19.17
N THR A 482 -15.42 -50.27 19.73
CA THR A 482 -16.59 -51.11 19.98
C THR A 482 -17.55 -50.45 20.95
N ILE A 483 -17.03 -49.65 21.88
CA ILE A 483 -17.89 -48.96 22.83
C ILE A 483 -18.74 -47.92 22.13
N ILE A 484 -18.39 -47.55 20.90
CA ILE A 484 -19.23 -46.64 20.14
C ILE A 484 -20.38 -47.39 19.48
N MET A 485 -20.11 -48.57 18.91
CA MET A 485 -21.13 -49.30 18.19
C MET A 485 -22.33 -49.59 19.08
N ASN A 486 -22.09 -50.24 20.22
CA ASN A 486 -23.19 -50.58 21.11
C ASN A 486 -23.87 -49.33 21.67
N ASN A 487 -23.14 -48.22 21.78
CA ASN A 487 -23.74 -47.00 22.32
C ASN A 487 -24.92 -46.55 21.48
N LEU A 488 -24.75 -46.50 20.17
CA LEU A 488 -25.87 -46.11 19.31
C LEU A 488 -26.92 -47.22 19.27
N LEU A 489 -26.49 -48.48 19.31
CA LEU A 489 -27.43 -49.60 19.33
C LEU A 489 -28.32 -49.50 20.56
N GLN A 490 -27.72 -49.46 21.75
CA GLN A 490 -28.48 -49.21 22.97
C GLN A 490 -29.34 -47.97 22.81
N HIS A 491 -28.82 -46.94 22.15
CA HIS A 491 -29.62 -45.77 21.83
C HIS A 491 -30.71 -46.09 20.82
N LEU A 492 -30.51 -47.12 20.00
CA LEU A 492 -31.51 -47.45 18.98
C LEU A 492 -32.78 -48.01 19.59
N LYS A 493 -32.70 -48.77 20.68
CA LYS A 493 -33.93 -49.18 21.34
C LYS A 493 -34.51 -48.10 22.23
N GLU A 494 -33.77 -47.02 22.49
CA GLU A 494 -34.38 -45.89 23.19
C GLU A 494 -35.49 -45.27 22.37
N MET A 495 -35.30 -45.17 21.06
CA MET A 495 -36.39 -44.85 20.14
C MET A 495 -37.19 -46.11 19.85
N ASN A 496 -38.51 -45.96 19.76
CA ASN A 496 -39.43 -47.05 19.42
C ASN A 496 -40.40 -46.54 18.35
N ASP A 497 -39.99 -46.59 17.09
CA ASP A 497 -40.80 -46.17 15.96
C ASP A 497 -40.39 -47.02 14.77
N PRO A 498 -41.31 -47.29 13.82
CA PRO A 498 -41.04 -48.31 12.79
C PRO A 498 -39.75 -48.10 12.01
N VAL A 499 -39.60 -46.93 11.38
CA VAL A 499 -38.35 -46.68 10.68
C VAL A 499 -37.22 -46.36 11.66
N MET A 500 -37.56 -45.79 12.83
CA MET A 500 -36.58 -45.62 13.88
C MET A 500 -36.09 -46.95 14.42
N THR A 501 -36.92 -47.99 14.34
CA THR A 501 -36.49 -49.35 14.58
C THR A 501 -35.98 -50.04 13.33
N ASN A 502 -36.28 -49.51 12.14
CA ASN A 502 -35.60 -50.00 10.94
C ASN A 502 -34.09 -49.77 11.03
N VAL A 503 -33.67 -48.84 11.88
CA VAL A 503 -32.24 -48.67 12.15
C VAL A 503 -31.69 -49.89 12.87
N LEU A 504 -32.53 -50.61 13.60
CA LEU A 504 -32.09 -51.84 14.24
C LEU A 504 -31.78 -52.91 13.19
N LEU A 505 -32.76 -53.24 12.34
CA LEU A 505 -32.57 -54.35 11.41
C LEU A 505 -31.36 -54.13 10.51
N GLU A 506 -31.11 -52.88 10.12
CA GLU A 506 -30.05 -52.63 9.16
C GLU A 506 -28.66 -52.63 9.80
N ILE A 507 -28.57 -52.42 11.11
CA ILE A 507 -27.31 -52.73 11.79
C ILE A 507 -27.27 -54.18 12.23
N GLU A 508 -28.41 -54.75 12.64
CA GLU A 508 -28.47 -56.20 12.76
C GLU A 508 -28.45 -56.90 11.42
N ASN A 509 -28.47 -56.15 10.31
CA ASN A 509 -28.04 -56.74 9.04
C ASN A 509 -26.57 -57.12 9.11
N MET A 510 -25.70 -56.16 9.46
CA MET A 510 -24.29 -56.46 9.62
C MET A 510 -24.03 -57.40 10.79
N LEU A 511 -25.05 -57.71 11.60
CA LEU A 511 -24.94 -58.79 12.56
C LEU A 511 -24.83 -60.14 11.85
N ALA A 512 -25.49 -60.28 10.70
CA ALA A 512 -25.38 -61.48 9.88
C ALA A 512 -24.55 -61.23 8.63
N ARG A 513 -24.65 -60.02 8.07
CA ARG A 513 -23.91 -59.65 6.86
C ARG A 513 -22.40 -59.78 7.08
N LYS B 44 -42.77 -16.14 2.82
CA LYS B 44 -44.10 -15.75 3.30
C LYS B 44 -44.05 -15.41 4.78
N LEU B 45 -44.80 -14.39 5.17
CA LEU B 45 -44.86 -13.92 6.54
C LEU B 45 -46.32 -13.77 6.96
N ARG B 46 -46.52 -13.45 8.24
CA ARG B 46 -47.85 -13.38 8.81
C ARG B 46 -48.69 -12.33 8.08
N ARG B 47 -50.00 -12.38 8.32
CA ARG B 47 -50.91 -11.41 7.73
C ARG B 47 -50.62 -10.02 8.27
N PHE B 48 -50.83 -9.03 7.40
CA PHE B 48 -50.71 -7.62 7.79
C PHE B 48 -49.32 -7.30 8.32
N VAL B 49 -48.30 -7.85 7.68
CA VAL B 49 -46.91 -7.55 8.04
C VAL B 49 -46.11 -7.45 6.75
N VAL B 50 -45.28 -6.43 6.65
CA VAL B 50 -44.47 -6.17 5.47
C VAL B 50 -43.00 -6.36 5.85
N SER B 51 -42.29 -7.09 5.03
CA SER B 51 -40.88 -7.29 5.30
C SER B 51 -40.08 -6.06 4.92
N PRO B 52 -38.98 -5.79 5.61
CA PRO B 52 -38.17 -4.62 5.27
C PRO B 52 -37.50 -4.72 3.92
N TYR B 53 -37.53 -5.87 3.27
CA TYR B 53 -36.90 -6.05 1.97
C TYR B 53 -37.90 -6.02 0.83
N ASP B 54 -39.19 -5.97 1.12
CA ASP B 54 -40.19 -5.85 0.08
C ASP B 54 -39.84 -4.69 -0.83
N HIS B 55 -39.98 -4.91 -2.13
CA HIS B 55 -39.67 -3.85 -3.07
C HIS B 55 -40.63 -2.69 -2.94
N LYS B 56 -41.93 -2.98 -2.83
CA LYS B 56 -42.91 -1.91 -2.68
C LYS B 56 -42.63 -1.02 -1.48
N TYR B 57 -41.94 -1.53 -0.47
CA TYR B 57 -41.59 -0.74 0.69
C TYR B 57 -40.29 0.02 0.46
N ARG B 58 -39.25 -0.67 0.03
CA ARG B 58 -37.98 -0.01 -0.23
C ARG B 58 -38.09 1.07 -1.30
N ILE B 59 -39.17 1.09 -2.06
CA ILE B 59 -39.41 2.18 -3.00
C ILE B 59 -40.12 3.34 -2.34
N TRP B 60 -40.67 3.14 -1.15
CA TRP B 60 -41.24 4.22 -0.35
C TRP B 60 -40.21 4.83 0.57
N GLU B 61 -39.29 4.01 1.08
CA GLU B 61 -38.21 4.55 1.90
C GLU B 61 -37.34 5.50 1.10
N ALA B 62 -37.02 5.14 -0.14
CA ALA B 62 -36.20 6.01 -0.95
C ALA B 62 -36.95 7.27 -1.37
N PHE B 63 -38.25 7.34 -1.14
CA PHE B 63 -38.98 8.55 -1.42
C PHE B 63 -39.00 9.49 -0.23
N LEU B 64 -38.96 8.95 0.98
CA LEU B 64 -38.81 9.80 2.14
C LEU B 64 -37.47 10.50 2.16
N VAL B 65 -36.45 9.90 1.56
CA VAL B 65 -35.14 10.53 1.58
C VAL B 65 -35.17 11.85 0.84
N VAL B 66 -35.98 11.97 -0.21
CA VAL B 66 -36.06 13.29 -0.83
C VAL B 66 -36.85 14.23 0.05
N LEU B 67 -37.74 13.73 0.89
CA LEU B 67 -38.37 14.59 1.87
C LEU B 67 -37.40 14.97 2.97
N VAL B 68 -36.37 14.17 3.19
CA VAL B 68 -35.37 14.52 4.21
C VAL B 68 -34.46 15.61 3.67
N VAL B 69 -34.02 15.48 2.42
CA VAL B 69 -33.24 16.54 1.80
C VAL B 69 -34.04 17.83 1.79
N TYR B 70 -35.35 17.73 1.79
CA TYR B 70 -36.16 18.93 1.86
C TYR B 70 -36.08 19.57 3.24
N THR B 71 -36.29 18.81 4.31
CA THR B 71 -36.17 19.40 5.63
C THR B 71 -34.74 19.75 5.98
N ALA B 72 -33.77 19.05 5.41
CA ALA B 72 -32.38 19.42 5.65
C ALA B 72 -32.10 20.83 5.17
N TRP B 73 -32.89 21.35 4.25
CA TRP B 73 -32.76 22.72 3.83
C TRP B 73 -33.69 23.63 4.63
N VAL B 74 -34.95 23.26 4.74
CA VAL B 74 -35.95 24.18 5.26
C VAL B 74 -35.74 24.42 6.74
N SER B 75 -35.38 23.38 7.49
CA SER B 75 -35.33 23.60 8.94
C SER B 75 -34.28 24.61 9.31
N PRO B 76 -33.00 24.55 8.91
CA PRO B 76 -32.08 25.59 9.25
C PRO B 76 -32.50 26.91 8.64
N PHE B 77 -33.02 26.92 7.43
CA PHE B 77 -33.41 28.21 6.85
C PHE B 77 -34.49 28.85 7.69
N GLU B 78 -35.47 28.12 8.15
CA GLU B 78 -36.49 28.75 9.00
C GLU B 78 -35.88 29.20 10.31
N PHE B 79 -34.98 28.42 10.87
CA PHE B 79 -34.41 28.84 12.16
C PHE B 79 -33.70 30.17 11.96
N GLY B 80 -32.89 30.27 10.93
CA GLY B 80 -32.12 31.48 10.58
C GLY B 80 -32.89 32.65 10.02
N PHE B 81 -33.85 32.48 9.11
CA PHE B 81 -34.36 33.70 8.46
C PHE B 81 -35.79 34.06 8.77
N LEU B 82 -36.57 33.19 9.37
CA LEU B 82 -37.97 33.44 9.62
C LEU B 82 -38.25 33.39 11.11
N ARG B 83 -39.31 34.08 11.53
CA ARG B 83 -39.70 34.06 12.93
C ARG B 83 -41.14 33.65 13.16
N LYS B 84 -41.90 33.35 12.12
CA LYS B 84 -43.24 32.81 12.28
C LYS B 84 -43.62 32.13 10.98
N PRO B 85 -44.52 31.16 11.03
CA PRO B 85 -44.78 30.33 9.84
C PRO B 85 -45.57 31.04 8.75
N ARG B 86 -44.86 31.71 7.86
CA ARG B 86 -45.51 32.35 6.72
C ARG B 86 -46.11 31.29 5.79
N PRO B 87 -47.13 31.66 5.02
CA PRO B 87 -47.90 30.66 4.26
C PRO B 87 -47.07 29.89 3.25
N PRO B 88 -46.36 30.55 2.32
CA PRO B 88 -45.80 29.80 1.19
C PRO B 88 -44.86 28.68 1.59
N LEU B 89 -44.52 28.58 2.87
CA LEU B 89 -43.67 27.53 3.38
C LEU B 89 -44.30 26.74 4.50
N SER B 90 -45.33 27.28 5.14
CA SER B 90 -46.03 26.51 6.16
C SER B 90 -46.90 25.44 5.56
N ILE B 91 -47.57 25.74 4.45
CA ILE B 91 -48.40 24.75 3.79
C ILE B 91 -47.57 23.56 3.37
N THR B 92 -46.57 23.79 2.55
CA THR B 92 -45.74 22.71 2.05
C THR B 92 -44.80 22.16 3.09
N ASP B 93 -45.02 22.47 4.36
CA ASP B 93 -44.28 21.85 5.44
C ASP B 93 -45.17 21.06 6.36
N ASN B 94 -46.45 21.41 6.45
CA ASN B 94 -47.39 20.52 7.10
C ASN B 94 -47.68 19.31 6.25
N ILE B 95 -47.51 19.42 4.94
CA ILE B 95 -47.64 18.24 4.09
C ILE B 95 -46.60 17.20 4.47
N VAL B 96 -45.33 17.59 4.45
CA VAL B 96 -44.27 16.65 4.80
C VAL B 96 -44.48 16.10 6.19
N ASN B 97 -45.09 16.87 7.08
CA ASN B 97 -45.39 16.36 8.40
C ASN B 97 -46.61 15.46 8.42
N ALA B 98 -47.18 15.16 7.27
CA ALA B 98 -48.13 14.06 7.16
C ALA B 98 -47.49 12.82 6.59
N PHE B 99 -46.67 12.98 5.55
CA PHE B 99 -45.95 11.85 5.02
C PHE B 99 -45.02 11.23 6.04
N PHE B 100 -44.63 11.97 7.06
CA PHE B 100 -43.84 11.40 8.13
C PHE B 100 -44.69 10.92 9.28
N ALA B 101 -45.91 11.43 9.42
CA ALA B 101 -46.83 10.83 10.38
C ALA B 101 -47.31 9.48 9.87
N ILE B 102 -47.63 9.40 8.58
CA ILE B 102 -48.00 8.13 7.97
C ILE B 102 -46.93 7.09 8.24
N ASP B 103 -45.67 7.46 8.02
CA ASP B 103 -44.59 6.51 8.20
C ASP B 103 -44.48 6.03 9.63
N ILE B 104 -44.80 6.88 10.59
CA ILE B 104 -44.77 6.45 11.99
C ILE B 104 -45.72 5.29 12.21
N ILE B 105 -46.91 5.37 11.63
CA ILE B 105 -47.85 4.26 11.70
C ILE B 105 -47.27 3.03 11.01
N MET B 106 -46.70 3.24 9.82
CA MET B 106 -46.30 2.11 9.00
C MET B 106 -45.22 1.28 9.66
N THR B 107 -44.34 1.88 10.43
CA THR B 107 -43.30 1.06 11.04
C THR B 107 -43.82 0.25 12.21
N PHE B 108 -45.12 0.17 12.39
CA PHE B 108 -45.70 -0.84 13.27
C PHE B 108 -46.04 -2.12 12.53
N PHE B 109 -46.06 -2.07 11.20
CA PHE B 109 -46.35 -3.24 10.37
C PHE B 109 -45.13 -3.62 9.53
N VAL B 110 -43.94 -3.45 10.08
CA VAL B 110 -42.71 -3.69 9.33
C VAL B 110 -41.82 -4.58 10.17
N GLY B 111 -41.51 -5.77 9.66
CA GLY B 111 -40.61 -6.66 10.37
C GLY B 111 -39.21 -6.10 10.41
N TYR B 112 -38.46 -6.53 11.41
CA TYR B 112 -37.06 -6.18 11.51
C TYR B 112 -36.21 -7.43 11.58
N LEU B 113 -34.99 -7.35 11.04
CA LEU B 113 -34.09 -8.48 11.01
C LEU B 113 -33.49 -8.66 12.40
N ASP B 114 -33.92 -9.70 13.10
CA ASP B 114 -33.32 -10.04 14.37
C ASP B 114 -31.88 -10.47 14.14
N LYS B 115 -30.93 -9.61 14.53
CA LYS B 115 -29.54 -9.85 14.16
C LYS B 115 -29.03 -11.17 14.73
N SER B 116 -29.38 -11.49 15.97
CA SER B 116 -28.81 -12.66 16.62
C SER B 116 -29.22 -13.95 15.93
N THR B 117 -30.42 -13.98 15.34
CA THR B 117 -30.89 -15.14 14.64
C THR B 117 -31.16 -14.89 13.17
N TYR B 118 -30.82 -13.71 12.67
CA TYR B 118 -30.97 -13.37 11.25
C TYR B 118 -32.33 -13.77 10.71
N LEU B 119 -33.33 -13.72 11.57
CA LEU B 119 -34.70 -13.98 11.19
C LEU B 119 -35.46 -12.67 11.09
N ILE B 120 -36.55 -12.69 10.32
CA ILE B 120 -37.41 -11.54 10.19
C ILE B 120 -38.54 -11.67 11.20
N VAL B 121 -38.47 -10.89 12.28
CA VAL B 121 -39.46 -10.97 13.34
C VAL B 121 -40.82 -10.59 12.80
N ASP B 122 -41.88 -11.20 13.35
CA ASP B 122 -43.22 -11.03 12.82
C ASP B 122 -44.27 -10.69 13.85
N ASP B 123 -44.10 -11.05 15.12
CA ASP B 123 -45.15 -10.82 16.10
C ASP B 123 -45.28 -9.32 16.35
N ARG B 124 -46.48 -8.78 16.10
CA ARG B 124 -46.71 -7.36 16.29
C ARG B 124 -46.29 -6.92 17.69
N LYS B 125 -46.66 -7.71 18.70
CA LYS B 125 -46.32 -7.37 20.08
C LYS B 125 -44.84 -7.22 20.31
N GLN B 126 -44.00 -7.63 19.37
CA GLN B 126 -42.56 -7.47 19.51
C GLN B 126 -42.00 -6.38 18.62
N ILE B 127 -42.64 -6.13 17.48
CA ILE B 127 -42.25 -5.02 16.63
C ILE B 127 -42.46 -3.71 17.37
N ALA B 128 -43.63 -3.54 17.97
CA ALA B 128 -43.94 -2.32 18.68
C ALA B 128 -42.91 -2.05 19.77
N PHE B 129 -42.68 -3.04 20.64
CA PHE B 129 -41.87 -2.81 21.82
C PHE B 129 -40.44 -2.45 21.45
N LYS B 130 -39.96 -2.88 20.29
CA LYS B 130 -38.65 -2.43 19.86
C LYS B 130 -38.69 -0.99 19.39
N TYR B 131 -39.71 -0.64 18.58
CA TYR B 131 -39.87 0.74 18.16
C TYR B 131 -40.03 1.66 19.36
N LEU B 132 -41.09 1.44 20.14
CA LEU B 132 -41.37 2.27 21.30
C LEU B 132 -40.16 2.48 22.19
N ARG B 133 -39.23 1.53 22.19
CA ARG B 133 -38.06 1.63 23.05
C ARG B 133 -36.87 2.30 22.38
N SER B 134 -36.90 2.53 21.08
CA SER B 134 -35.72 3.04 20.39
C SER B 134 -35.90 4.44 19.83
N TRP B 135 -36.82 4.64 18.89
CA TRP B 135 -36.95 5.91 18.21
C TRP B 135 -38.32 6.53 18.28
N PHE B 136 -39.33 5.79 18.72
CA PHE B 136 -40.70 6.25 18.55
C PHE B 136 -40.92 7.64 19.14
N LEU B 137 -40.20 7.98 20.19
CA LEU B 137 -40.40 9.27 20.83
C LEU B 137 -39.94 10.40 19.92
N LEU B 138 -38.67 10.38 19.54
CA LEU B 138 -38.13 11.40 18.65
C LEU B 138 -38.96 11.52 17.38
N ASP B 139 -39.12 10.41 16.67
CA ASP B 139 -39.87 10.44 15.42
C ASP B 139 -41.27 11.01 15.60
N LEU B 140 -41.83 10.88 16.80
CA LEU B 140 -43.10 11.53 17.04
C LEU B 140 -42.91 13.00 17.38
N VAL B 141 -41.94 13.31 18.24
CA VAL B 141 -41.77 14.68 18.66
C VAL B 141 -41.30 15.57 17.52
N SER B 142 -40.71 14.99 16.49
CA SER B 142 -40.26 15.74 15.33
C SER B 142 -41.27 15.70 14.20
N THR B 143 -42.56 15.66 14.52
CA THR B 143 -43.59 15.58 13.49
C THR B 143 -44.70 16.55 13.84
N ILE B 144 -44.80 16.93 15.11
CA ILE B 144 -45.79 17.90 15.55
C ILE B 144 -45.73 19.13 14.64
N PRO B 145 -46.85 19.58 14.10
CA PRO B 145 -46.82 20.76 13.23
C PRO B 145 -46.40 21.98 14.03
N SER B 146 -45.65 22.86 13.37
CA SER B 146 -45.14 24.05 14.06
C SER B 146 -46.26 24.90 14.62
N GLU B 147 -47.46 24.80 14.08
CA GLU B 147 -48.57 25.61 14.58
C GLU B 147 -48.94 25.22 16.00
N ALA B 148 -48.62 24.00 16.42
CA ALA B 148 -48.90 23.62 17.79
C ALA B 148 -47.91 24.24 18.75
N ALA B 149 -46.62 24.00 18.53
CA ALA B 149 -45.59 24.60 19.37
C ALA B 149 -45.73 26.11 19.44
N MET B 150 -46.29 26.74 18.43
CA MET B 150 -46.53 28.18 18.48
C MET B 150 -47.46 28.53 19.63
N ARG B 151 -48.55 27.77 19.80
CA ARG B 151 -49.47 28.04 20.88
C ARG B 151 -48.85 27.83 22.24
N ILE B 152 -47.78 27.04 22.33
CA ILE B 152 -47.10 26.87 23.61
C ILE B 152 -46.28 28.11 23.93
N SER B 153 -45.51 28.60 22.96
CA SER B 153 -44.62 29.72 23.21
C SER B 153 -44.20 30.31 21.87
N SER B 154 -44.45 31.59 21.68
CA SER B 154 -44.18 32.23 20.40
C SER B 154 -42.72 32.10 19.97
N GLN B 155 -41.80 31.90 20.91
CA GLN B 155 -40.38 31.93 20.60
C GLN B 155 -39.79 30.55 20.35
N SER B 156 -40.62 29.56 20.07
CA SER B 156 -40.12 28.22 19.83
C SER B 156 -40.03 27.88 18.35
N TYR B 157 -40.59 28.70 17.48
CA TYR B 157 -40.66 28.36 16.05
C TYR B 157 -39.30 27.98 15.51
N GLY B 158 -38.28 28.77 15.81
CA GLY B 158 -36.96 28.45 15.30
C GLY B 158 -36.42 27.17 15.87
N LEU B 159 -36.39 27.05 17.20
CA LEU B 159 -35.75 25.91 17.81
C LEU B 159 -36.51 24.63 17.54
N PHE B 160 -37.84 24.69 17.61
CA PHE B 160 -38.63 23.49 17.35
C PHE B 160 -38.35 22.93 15.97
N ASN B 161 -38.46 23.76 14.94
CA ASN B 161 -38.19 23.31 13.58
C ASN B 161 -36.79 22.76 13.42
N MET B 162 -35.89 23.04 14.34
CA MET B 162 -34.58 22.43 14.26
C MET B 162 -34.57 21.00 14.76
N LEU B 163 -35.60 20.59 15.50
CA LEU B 163 -35.68 19.20 15.92
C LEU B 163 -35.85 18.27 14.74
N ARG B 164 -36.58 18.71 13.72
CA ARG B 164 -36.80 17.90 12.54
C ARG B 164 -35.51 17.41 11.91
N LEU B 165 -34.39 18.06 12.18
CA LEU B 165 -33.13 17.55 11.67
C LEU B 165 -32.82 16.17 12.20
N TRP B 166 -33.60 15.66 13.13
CA TRP B 166 -33.48 14.28 13.54
C TRP B 166 -33.75 13.34 12.38
N ARG B 167 -34.59 13.76 11.44
CA ARG B 167 -34.89 12.94 10.28
C ARG B 167 -33.65 12.63 9.46
N LEU B 168 -32.57 13.37 9.65
CA LEU B 168 -31.38 13.12 8.86
C LEU B 168 -30.75 11.78 9.14
N ARG B 169 -31.27 11.01 10.10
CA ARG B 169 -30.70 9.70 10.32
C ARG B 169 -30.96 8.76 9.15
N ARG B 170 -31.97 9.05 8.34
CA ARG B 170 -32.25 8.18 7.21
C ARG B 170 -31.23 8.34 6.11
N VAL B 171 -30.74 9.56 5.90
CA VAL B 171 -29.71 9.76 4.89
C VAL B 171 -28.46 9.00 5.26
N GLY B 172 -28.04 9.07 6.51
CA GLY B 172 -26.86 8.34 6.92
C GLY B 172 -27.03 6.84 6.81
N ALA B 173 -28.21 6.34 7.16
CA ALA B 173 -28.46 4.92 7.01
C ALA B 173 -28.46 4.51 5.55
N LEU B 174 -28.91 5.38 4.67
CA LEU B 174 -28.89 5.07 3.24
C LEU B 174 -27.47 4.94 2.73
N PHE B 175 -26.64 5.96 2.97
CA PHE B 175 -25.26 5.92 2.49
C PHE B 175 -24.53 4.71 3.02
N ALA B 176 -24.76 4.37 4.29
CA ALA B 176 -24.10 3.21 4.86
C ALA B 176 -24.46 1.94 4.10
N ARG B 177 -25.61 1.90 3.47
CA ARG B 177 -26.00 0.74 2.68
C ARG B 177 -25.44 0.78 1.27
N LEU B 178 -25.47 1.95 0.64
CA LEU B 178 -24.99 2.04 -0.74
C LEU B 178 -23.51 1.73 -0.84
N GLU B 179 -22.74 2.08 0.19
CA GLU B 179 -21.29 1.85 0.11
C GLU B 179 -20.99 0.37 0.01
N LYS B 180 -21.56 -0.43 0.90
CA LYS B 180 -21.32 -1.86 0.89
C LYS B 180 -22.23 -2.60 -0.06
N ASP B 181 -22.91 -1.89 -0.95
CA ASP B 181 -23.58 -2.55 -2.05
C ASP B 181 -22.61 -2.75 -3.20
N ARG B 182 -23.03 -3.54 -4.17
CA ARG B 182 -22.16 -3.91 -5.28
C ARG B 182 -22.58 -3.32 -6.61
N ASN B 183 -23.86 -3.09 -6.81
CA ASN B 183 -24.31 -2.47 -8.04
C ASN B 183 -24.05 -1.02 -8.11
N PHE B 184 -23.31 -0.43 -7.16
CA PHE B 184 -23.08 1.00 -7.13
C PHE B 184 -21.59 1.27 -7.13
N ASN B 185 -21.16 2.21 -7.96
CA ASN B 185 -19.77 2.58 -8.00
C ASN B 185 -19.35 3.15 -6.67
N TYR B 186 -18.37 2.50 -6.02
CA TYR B 186 -17.93 2.96 -4.73
C TYR B 186 -17.34 4.35 -4.79
N PHE B 187 -16.78 4.72 -5.94
CA PHE B 187 -16.21 6.04 -6.07
C PHE B 187 -17.28 7.11 -5.97
N TRP B 188 -18.28 7.06 -6.83
CA TRP B 188 -19.26 8.13 -6.87
C TRP B 188 -20.16 8.12 -5.65
N VAL B 189 -20.24 7.02 -4.93
CA VAL B 189 -21.02 7.01 -3.71
C VAL B 189 -20.30 7.76 -2.60
N ARG B 190 -18.98 7.60 -2.52
CA ARG B 190 -18.24 8.37 -1.55
C ARG B 190 -18.05 9.80 -1.97
N CYS B 191 -18.14 10.10 -3.26
CA CYS B 191 -18.11 11.50 -3.66
C CYS B 191 -19.42 12.18 -3.34
N ALA B 192 -20.54 11.51 -3.60
CA ALA B 192 -21.83 12.09 -3.28
C ALA B 192 -21.97 12.32 -1.79
N LYS B 193 -21.31 11.51 -0.98
CA LYS B 193 -21.49 11.72 0.47
C LYS B 193 -20.61 12.86 0.91
N LEU B 194 -19.50 13.09 0.26
CA LEU B 194 -18.70 14.26 0.58
C LEU B 194 -19.34 15.54 0.10
N VAL B 195 -20.15 15.48 -0.95
CA VAL B 195 -20.78 16.71 -1.41
C VAL B 195 -21.89 17.13 -0.46
N CYS B 196 -22.74 16.20 -0.05
CA CYS B 196 -23.84 16.59 0.83
C CYS B 196 -23.34 17.06 2.18
N VAL B 197 -22.24 16.52 2.67
CA VAL B 197 -21.75 16.98 3.96
C VAL B 197 -21.29 18.42 3.88
N THR B 198 -20.47 18.75 2.88
CA THR B 198 -20.00 20.12 2.77
C THR B 198 -21.09 21.04 2.30
N LEU B 199 -22.01 20.57 1.47
CA LEU B 199 -23.14 21.43 1.11
C LEU B 199 -24.04 21.68 2.29
N PHE B 200 -24.00 20.83 3.31
CA PHE B 200 -24.86 21.03 4.45
C PHE B 200 -24.20 21.94 5.47
N ALA B 201 -22.92 21.70 5.75
CA ALA B 201 -22.20 22.57 6.67
C ALA B 201 -22.16 24.00 6.15
N VAL B 202 -21.91 24.16 4.85
CA VAL B 202 -21.90 25.49 4.26
C VAL B 202 -23.24 26.17 4.44
N HIS B 203 -24.32 25.40 4.42
CA HIS B 203 -25.64 26.00 4.45
C HIS B 203 -26.10 26.30 5.85
N CYS B 204 -25.88 25.41 6.80
CA CYS B 204 -26.36 25.71 8.14
C CYS B 204 -25.47 26.72 8.83
N ALA B 205 -24.19 26.80 8.44
CA ALA B 205 -23.34 27.86 8.96
C ALA B 205 -23.81 29.22 8.49
N ALA B 206 -24.25 29.32 7.24
CA ALA B 206 -24.76 30.58 6.74
C ALA B 206 -26.03 30.99 7.46
N CYS B 207 -26.83 30.04 7.88
CA CYS B 207 -28.08 30.38 8.53
C CYS B 207 -27.88 30.80 9.96
N PHE B 208 -26.90 30.21 10.66
CA PHE B 208 -26.59 30.67 12.00
C PHE B 208 -25.94 32.04 11.98
N TYR B 209 -24.93 32.21 11.14
CA TYR B 209 -24.20 33.46 11.09
C TYR B 209 -25.08 34.62 10.67
N TYR B 210 -26.21 34.34 10.04
CA TYR B 210 -27.15 35.42 9.81
C TYR B 210 -28.03 35.64 11.03
N LEU B 211 -28.33 34.58 11.76
CA LEU B 211 -29.14 34.73 12.95
C LEU B 211 -28.46 35.64 13.95
N ILE B 212 -27.14 35.51 14.07
CA ILE B 212 -26.38 36.34 14.98
C ILE B 212 -26.47 37.80 14.58
N ALA B 213 -26.61 38.07 13.29
CA ALA B 213 -26.71 39.45 12.84
C ALA B 213 -28.13 39.98 12.94
N ALA B 214 -29.12 39.13 12.76
CA ALA B 214 -30.50 39.60 12.81
C ALA B 214 -30.92 39.92 14.23
N ARG B 215 -30.44 39.15 15.20
CA ARG B 215 -30.82 39.33 16.59
C ARG B 215 -29.90 40.26 17.34
N ASN B 216 -29.10 41.03 16.63
CA ASN B 216 -28.23 42.01 17.27
C ASN B 216 -29.04 43.24 17.62
N SER B 217 -28.68 43.87 18.74
CA SER B 217 -29.41 45.02 19.24
C SER B 217 -29.51 46.10 18.20
N ASN B 218 -28.38 46.70 17.83
CA ASN B 218 -28.46 47.61 16.71
C ASN B 218 -27.78 47.00 15.50
N PRO B 219 -28.40 47.09 14.32
CA PRO B 219 -27.95 46.26 13.20
C PRO B 219 -26.75 46.81 12.46
N ALA B 220 -26.45 48.09 12.57
CA ALA B 220 -25.34 48.66 11.83
C ALA B 220 -23.98 48.22 12.33
N LYS B 221 -23.93 47.41 13.39
CA LYS B 221 -22.68 46.89 13.91
C LYS B 221 -22.51 45.42 13.63
N THR B 222 -23.17 44.90 12.62
CA THR B 222 -23.11 43.49 12.28
C THR B 222 -22.15 43.27 11.15
N TRP B 223 -21.93 42.00 10.82
CA TRP B 223 -21.05 41.69 9.71
C TRP B 223 -21.70 42.04 8.39
N ILE B 224 -23.02 42.10 8.34
CA ILE B 224 -23.72 42.35 7.10
C ILE B 224 -24.18 43.79 7.08
N GLY B 225 -24.49 44.33 8.24
CA GLY B 225 -24.86 45.73 8.31
C GLY B 225 -23.73 46.67 8.01
N ALA B 226 -22.50 46.17 7.99
CA ALA B 226 -21.37 47.02 7.63
C ALA B 226 -21.47 47.44 6.17
N ASN B 227 -21.68 46.48 5.27
CA ASN B 227 -21.75 46.80 3.85
C ASN B 227 -23.11 47.34 3.45
N VAL B 228 -24.13 46.49 3.54
CA VAL B 228 -25.48 46.90 3.18
C VAL B 228 -26.02 47.81 4.27
N ALA B 229 -26.42 49.02 3.89
CA ALA B 229 -26.81 50.02 4.88
C ALA B 229 -27.93 49.51 5.77
N ASN B 230 -29.01 49.01 5.16
CA ASN B 230 -30.17 48.52 5.90
C ASN B 230 -30.58 47.21 5.25
N PHE B 231 -30.00 46.11 5.73
CA PHE B 231 -30.28 44.81 5.13
C PHE B 231 -31.62 44.27 5.54
N LEU B 232 -32.26 44.85 6.54
CA LEU B 232 -33.48 44.26 7.07
C LEU B 232 -34.69 44.49 6.20
N GLU B 233 -34.56 45.23 5.10
CA GLU B 233 -35.65 45.39 4.16
C GLU B 233 -35.32 44.86 2.77
N GLU B 234 -34.10 44.38 2.55
CA GLU B 234 -33.78 43.73 1.31
C GLU B 234 -34.58 42.45 1.15
N SER B 235 -34.58 41.93 -0.07
CA SER B 235 -35.32 40.71 -0.35
C SER B 235 -34.74 39.56 0.47
N LEU B 236 -35.58 38.58 0.73
CA LEU B 236 -35.09 37.39 1.42
C LEU B 236 -34.11 36.62 0.57
N TRP B 237 -34.11 36.86 -0.73
CA TRP B 237 -33.20 36.16 -1.63
C TRP B 237 -31.84 36.83 -1.65
N MET B 238 -31.79 38.15 -1.52
CA MET B 238 -30.51 38.82 -1.41
C MET B 238 -29.83 38.45 -0.11
N ARG B 239 -30.57 38.50 0.99
CA ARG B 239 -29.96 38.20 2.29
C ARG B 239 -29.49 36.77 2.36
N TYR B 240 -30.25 35.85 1.79
CA TYR B 240 -29.81 34.46 1.83
C TYR B 240 -28.60 34.24 0.95
N VAL B 241 -28.50 34.94 -0.16
CA VAL B 241 -27.35 34.74 -1.05
C VAL B 241 -26.10 35.35 -0.44
N THR B 242 -26.22 36.52 0.18
CA THR B 242 -25.07 37.13 0.83
C THR B 242 -24.45 36.20 1.86
N SER B 243 -25.25 35.77 2.84
CA SER B 243 -24.74 34.93 3.91
C SER B 243 -24.24 33.60 3.38
N MET B 244 -24.89 33.08 2.36
CA MET B 244 -24.39 31.85 1.76
C MET B 244 -23.09 32.10 1.02
N TYR B 245 -22.85 33.32 0.64
CA TYR B 245 -21.63 33.65 -0.09
C TYR B 245 -20.53 33.88 0.92
N TRP B 246 -20.78 34.51 2.06
CA TRP B 246 -19.75 34.65 3.10
C TRP B 246 -19.36 33.25 3.53
N SER B 247 -20.33 32.41 3.74
CA SER B 247 -20.10 31.06 4.27
C SER B 247 -19.23 30.25 3.35
N ILE B 248 -19.49 30.31 2.08
CA ILE B 248 -18.67 29.54 1.11
C ILE B 248 -17.28 30.17 0.99
N THR B 249 -17.07 31.48 1.02
CA THR B 249 -15.66 31.93 0.92
C THR B 249 -14.91 31.53 2.17
N THR B 250 -15.49 31.62 3.35
CA THR B 250 -14.71 31.18 4.52
C THR B 250 -14.42 29.70 4.46
N LEU B 251 -15.34 28.87 4.03
CA LEU B 251 -15.08 27.42 4.04
C LEU B 251 -13.94 27.05 3.13
N THR B 252 -13.82 27.66 1.97
CA THR B 252 -12.75 27.26 1.04
C THR B 252 -11.45 27.99 1.33
N THR B 253 -11.45 28.93 2.26
CA THR B 253 -10.33 29.74 2.77
C THR B 253 -9.94 30.79 1.77
N VAL B 254 -10.84 31.11 0.87
CA VAL B 254 -10.53 32.24 0.02
C VAL B 254 -10.47 33.51 0.86
N GLY B 255 -11.56 33.83 1.53
CA GLY B 255 -11.56 34.94 2.45
C GLY B 255 -11.23 36.25 1.78
N TYR B 256 -12.12 36.72 0.92
CA TYR B 256 -11.89 38.01 0.27
C TYR B 256 -11.76 39.11 1.30
N GLY B 257 -12.61 39.11 2.31
CA GLY B 257 -12.53 40.09 3.35
C GLY B 257 -13.52 41.22 3.24
N ASP B 258 -14.46 41.16 2.30
CA ASP B 258 -15.51 42.17 2.27
C ASP B 258 -16.48 41.96 3.40
N LEU B 259 -16.81 40.72 3.72
CA LEU B 259 -17.68 40.37 4.83
C LEU B 259 -16.86 39.60 5.84
N HIS B 260 -16.81 40.09 7.07
CA HIS B 260 -16.01 39.46 8.11
C HIS B 260 -16.57 39.89 9.44
N PRO B 261 -16.28 39.15 10.51
CA PRO B 261 -16.82 39.50 11.82
C PRO B 261 -16.45 40.91 12.24
N VAL B 262 -17.36 41.53 12.96
CA VAL B 262 -17.23 42.94 13.32
C VAL B 262 -17.21 43.08 14.83
N ASN B 263 -17.86 42.17 15.53
CA ASN B 263 -17.88 42.25 16.98
C ASN B 263 -17.59 40.90 17.61
N THR B 264 -17.81 40.78 18.91
CA THR B 264 -17.25 39.65 19.64
C THR B 264 -18.06 38.38 19.42
N LYS B 265 -19.39 38.46 19.44
CA LYS B 265 -20.18 37.26 19.21
C LYS B 265 -19.91 36.68 17.84
N GLU B 266 -19.68 37.54 16.85
CA GLU B 266 -19.39 37.03 15.52
C GLU B 266 -18.00 36.42 15.47
N MET B 267 -17.02 37.05 16.11
CA MET B 267 -15.69 36.50 16.11
C MET B 267 -15.65 35.13 16.74
N ILE B 268 -16.49 34.88 17.74
CA ILE B 268 -16.43 33.61 18.44
C ILE B 268 -17.09 32.52 17.63
N PHE B 269 -18.19 32.82 16.96
CA PHE B 269 -18.76 31.85 16.04
C PHE B 269 -17.76 31.52 14.95
N ASP B 270 -17.06 32.52 14.45
CA ASP B 270 -16.14 32.31 13.34
C ASP B 270 -14.94 31.48 13.77
N ILE B 271 -14.47 31.67 14.99
CA ILE B 271 -13.34 30.89 15.49
C ILE B 271 -13.69 29.41 15.45
N PHE B 272 -14.92 29.06 15.74
CA PHE B 272 -15.30 27.67 15.72
C PHE B 272 -15.63 27.18 14.33
N TYR B 273 -16.21 28.04 13.49
CA TYR B 273 -16.43 27.66 12.11
C TYR B 273 -15.11 27.43 11.41
N MET B 274 -14.16 28.36 11.54
CA MET B 274 -12.88 28.20 10.87
C MET B 274 -12.12 26.99 11.38
N LEU B 275 -12.37 26.59 12.62
CA LEU B 275 -11.73 25.39 13.13
C LEU B 275 -12.35 24.15 12.54
N PHE B 276 -13.68 24.10 12.51
CA PHE B 276 -14.37 22.99 11.86
C PHE B 276 -13.86 22.79 10.44
N ASN B 277 -13.74 23.86 9.68
CA ASN B 277 -13.32 23.73 8.29
C ASN B 277 -11.92 23.18 8.17
N LEU B 278 -11.05 23.47 9.14
CA LEU B 278 -9.70 22.93 9.06
C LEU B 278 -9.72 21.42 9.12
N GLY B 279 -10.58 20.85 9.95
CA GLY B 279 -10.71 19.42 10.01
C GLY B 279 -11.46 18.89 8.83
N LEU B 280 -12.53 19.57 8.44
CA LEU B 280 -13.31 19.12 7.30
C LEU B 280 -12.49 19.13 6.03
N THR B 281 -11.74 20.20 5.80
CA THR B 281 -10.91 20.25 4.61
C THR B 281 -9.88 19.12 4.61
N ALA B 282 -9.22 18.91 5.73
CA ALA B 282 -8.27 17.80 5.82
C ALA B 282 -8.97 16.47 5.65
N TYR B 283 -10.26 16.41 5.91
CA TYR B 283 -11.00 15.17 5.74
C TYR B 283 -11.36 14.94 4.28
N LEU B 284 -11.60 16.00 3.51
CA LEU B 284 -11.89 15.83 2.09
C LEU B 284 -10.65 15.45 1.33
N ILE B 285 -9.55 16.16 1.56
CA ILE B 285 -8.31 15.85 0.86
C ILE B 285 -7.86 14.44 1.19
N GLY B 286 -8.02 14.03 2.45
CA GLY B 286 -7.67 12.67 2.81
C GLY B 286 -8.57 11.66 2.18
N ASN B 287 -9.80 12.03 1.88
CA ASN B 287 -10.73 11.08 1.30
C ASN B 287 -10.54 10.96 -0.20
N MET B 288 -10.04 12.00 -0.86
CA MET B 288 -9.82 11.91 -2.28
C MET B 288 -8.47 11.33 -2.63
N THR B 289 -7.49 11.45 -1.74
CA THR B 289 -6.27 10.70 -1.95
C THR B 289 -6.52 9.21 -1.87
N ASN B 290 -7.31 8.79 -0.88
CA ASN B 290 -7.62 7.38 -0.74
C ASN B 290 -8.40 6.86 -1.94
N LEU B 291 -9.27 7.67 -2.52
CA LEU B 291 -10.01 7.23 -3.69
C LEU B 291 -9.16 7.20 -4.94
N VAL B 292 -7.95 7.71 -4.89
CA VAL B 292 -7.08 7.78 -6.05
C VAL B 292 -5.93 6.79 -5.96
N VAL B 293 -5.18 6.83 -4.86
CA VAL B 293 -4.03 5.94 -4.75
C VAL B 293 -4.47 4.51 -4.44
N HIS B 294 -5.73 4.36 -4.15
CA HIS B 294 -6.25 3.01 -3.79
C HIS B 294 -7.24 2.54 -4.83
N GLY B 295 -7.17 3.13 -6.02
CA GLY B 295 -8.03 2.77 -7.16
C GLY B 295 -7.18 2.32 -8.34
N THR B 296 -5.87 2.52 -8.23
CA THR B 296 -4.78 2.17 -9.15
C THR B 296 -3.86 1.23 -8.39
N SER B 297 -4.38 0.51 -7.41
CA SER B 297 -3.48 -0.36 -6.62
C SER B 297 -2.96 -1.60 -7.36
N ARG B 298 -3.75 -2.26 -8.21
CA ARG B 298 -3.16 -3.41 -8.94
C ARG B 298 -2.22 -2.90 -10.04
N THR B 299 -2.79 -2.00 -10.88
CA THR B 299 -2.20 -1.33 -12.08
C THR B 299 -0.74 -1.01 -11.73
N ARG B 300 -0.56 -0.43 -10.54
CA ARG B 300 0.77 -0.08 -9.98
C ARG B 300 1.61 -1.36 -9.91
N ASN B 301 1.24 -2.48 -9.29
CA ASN B 301 2.20 -3.60 -9.22
C ASN B 301 2.43 -4.30 -10.56
N PHE B 302 1.63 -4.01 -11.59
CA PHE B 302 1.77 -4.81 -12.84
C PHE B 302 2.60 -4.17 -13.95
N ARG B 303 2.42 -2.89 -14.27
CA ARG B 303 3.20 -2.38 -15.44
C ARG B 303 4.70 -2.50 -15.29
N ASP B 304 5.24 -2.27 -14.09
CA ASP B 304 6.72 -2.31 -13.92
C ASP B 304 7.28 -3.63 -14.45
N THR B 305 6.64 -4.75 -14.15
CA THR B 305 7.18 -6.03 -14.63
C THR B 305 7.17 -6.01 -16.15
N ILE B 306 6.07 -5.57 -16.76
CA ILE B 306 5.99 -5.57 -18.24
C ILE B 306 7.11 -4.71 -18.83
N GLN B 307 7.22 -3.45 -18.42
CA GLN B 307 8.25 -2.63 -19.04
C GLN B 307 9.64 -3.19 -18.76
N ALA B 308 9.84 -3.77 -17.57
CA ALA B 308 11.14 -4.34 -17.24
C ALA B 308 11.52 -5.42 -18.24
N ALA B 309 10.53 -6.05 -18.87
CA ALA B 309 10.83 -7.04 -19.90
C ALA B 309 11.24 -6.36 -21.19
N SER B 310 10.35 -5.56 -21.77
CA SER B 310 10.60 -5.01 -23.09
C SER B 310 11.77 -4.04 -23.08
N ASN B 311 11.90 -3.22 -22.04
CA ASN B 311 13.06 -2.34 -21.94
C ASN B 311 14.35 -3.15 -21.86
N PHE B 312 14.32 -4.26 -21.11
CA PHE B 312 15.45 -5.19 -21.15
C PHE B 312 15.53 -5.87 -22.51
N ALA B 313 14.39 -6.17 -23.11
CA ALA B 313 14.41 -6.72 -24.46
C ALA B 313 15.01 -5.73 -25.44
N HIS B 314 14.65 -4.46 -25.32
CA HIS B 314 15.25 -3.43 -26.16
C HIS B 314 16.65 -3.06 -25.67
N ARG B 315 16.98 -3.37 -24.43
CA ARG B 315 18.37 -3.23 -24.00
C ARG B 315 19.29 -4.12 -24.82
N ASN B 316 18.81 -5.29 -25.21
CA ASN B 316 19.61 -6.22 -26.01
C ASN B 316 18.98 -6.50 -27.37
N HIS B 317 17.89 -5.82 -27.71
CA HIS B 317 17.30 -5.80 -29.06
C HIS B 317 17.25 -7.19 -29.70
N LEU B 318 16.91 -8.18 -28.89
CA LEU B 318 16.70 -9.52 -29.41
C LEU B 318 15.51 -9.53 -30.37
N PRO B 319 15.42 -10.52 -31.24
CA PRO B 319 14.45 -10.45 -32.34
C PRO B 319 13.04 -10.31 -31.82
N PRO B 320 12.18 -9.60 -32.53
CA PRO B 320 10.77 -9.49 -32.11
C PRO B 320 10.01 -10.80 -32.20
N ARG B 321 10.58 -11.81 -32.84
CA ARG B 321 9.93 -13.11 -32.92
C ARG B 321 9.58 -13.64 -31.53
N LEU B 322 10.59 -13.76 -30.67
CA LEU B 322 10.35 -14.21 -29.31
C LEU B 322 10.16 -13.06 -28.34
N GLN B 323 10.40 -11.82 -28.77
CA GLN B 323 10.20 -10.67 -27.89
C GLN B 323 8.76 -10.61 -27.39
N ASP B 324 7.80 -10.74 -28.30
CA ASP B 324 6.40 -10.79 -27.88
C ASP B 324 6.08 -12.11 -27.19
N GLN B 325 6.76 -13.18 -27.58
CA GLN B 325 6.44 -14.50 -27.05
C GLN B 325 6.50 -14.52 -25.54
N MET B 326 7.61 -14.03 -24.96
CA MET B 326 7.67 -13.90 -23.52
C MET B 326 6.63 -12.91 -23.01
N LEU B 327 6.53 -11.74 -23.66
CA LEU B 327 5.52 -10.77 -23.26
C LEU B 327 4.11 -11.34 -23.36
N ALA B 328 3.90 -12.30 -24.25
CA ALA B 328 2.64 -13.01 -24.32
C ALA B 328 2.51 -14.08 -23.26
N HIS B 329 3.39 -14.07 -22.27
CA HIS B 329 3.31 -15.02 -21.17
C HIS B 329 3.10 -14.33 -19.83
N LEU B 330 3.81 -13.23 -19.55
CA LEU B 330 3.64 -12.55 -18.29
C LEU B 330 2.18 -12.16 -18.06
N CYS B 331 1.47 -11.81 -19.13
CA CYS B 331 0.04 -11.54 -19.00
C CYS B 331 -0.70 -12.78 -18.56
N LEU B 332 -0.54 -13.89 -19.29
CA LEU B 332 -1.22 -15.12 -18.91
C LEU B 332 -0.80 -15.58 -17.53
N LYS B 333 0.49 -15.49 -17.22
CA LYS B 333 0.94 -15.78 -15.87
C LYS B 333 0.24 -14.88 -14.86
N TYR B 334 0.08 -13.60 -15.19
CA TYR B 334 -0.65 -12.73 -14.29
C TYR B 334 -2.14 -13.04 -14.31
N ARG B 335 -2.70 -13.27 -15.50
CA ARG B 335 -4.12 -13.57 -15.60
C ARG B 335 -4.48 -14.83 -14.84
N THR B 336 -3.52 -15.72 -14.64
CA THR B 336 -3.79 -16.98 -13.96
C THR B 336 -3.63 -16.90 -12.45
N ASP B 337 -2.56 -16.30 -11.96
CA ASP B 337 -2.44 -16.16 -10.49
C ASP B 337 -3.65 -15.41 -9.99
N SER B 338 -4.13 -14.40 -10.71
CA SER B 338 -5.36 -13.70 -10.23
C SER B 338 -6.54 -14.68 -10.17
N GLU B 339 -6.86 -15.37 -11.26
CA GLU B 339 -8.00 -16.32 -11.22
C GLU B 339 -7.74 -17.38 -10.17
N GLY B 340 -6.54 -17.91 -10.12
CA GLY B 340 -6.29 -18.95 -9.10
C GLY B 340 -6.44 -18.36 -7.73
N LEU B 341 -5.92 -17.17 -7.52
CA LEU B 341 -6.02 -16.59 -6.16
C LEU B 341 -7.48 -16.36 -5.83
N GLN B 342 -8.24 -15.79 -6.75
CA GLN B 342 -9.62 -15.44 -6.34
C GLN B 342 -10.48 -16.69 -6.17
N GLN B 343 -10.33 -17.69 -7.03
CA GLN B 343 -11.16 -18.89 -6.80
C GLN B 343 -10.77 -19.53 -5.47
N GLN B 344 -9.48 -19.60 -5.19
CA GLN B 344 -9.09 -20.24 -3.91
C GLN B 344 -9.63 -19.41 -2.75
N GLU B 345 -9.60 -18.09 -2.84
CA GLU B 345 -10.14 -17.21 -1.78
C GLU B 345 -11.63 -17.46 -1.59
N THR B 346 -12.39 -17.64 -2.65
CA THR B 346 -13.82 -17.81 -2.38
C THR B 346 -14.22 -19.26 -2.28
N LEU B 347 -13.28 -20.18 -2.17
CA LEU B 347 -13.74 -21.55 -1.91
C LEU B 347 -13.29 -21.90 -0.50
N ASP B 348 -12.39 -21.08 0.02
CA ASP B 348 -11.79 -21.11 1.37
C ASP B 348 -12.78 -20.56 2.40
N ALA B 349 -13.77 -19.80 1.98
CA ALA B 349 -14.80 -19.18 2.81
C ALA B 349 -16.13 -19.93 2.82
N LEU B 350 -16.30 -21.10 2.25
CA LEU B 350 -17.62 -21.69 2.25
C LEU B 350 -17.59 -23.03 3.00
N PRO B 351 -18.72 -23.43 3.58
CA PRO B 351 -18.78 -24.76 4.19
C PRO B 351 -18.61 -25.84 3.14
N LYS B 352 -18.09 -26.97 3.59
CA LYS B 352 -17.89 -28.08 2.67
C LYS B 352 -19.21 -28.56 2.09
N ALA B 353 -20.28 -28.54 2.89
CA ALA B 353 -21.56 -29.01 2.39
C ALA B 353 -22.09 -28.18 1.22
N ILE B 354 -21.46 -27.06 0.92
CA ILE B 354 -21.82 -26.24 -0.23
C ILE B 354 -20.71 -26.23 -1.28
N ARG B 355 -19.47 -26.03 -0.84
CA ARG B 355 -18.36 -26.11 -1.77
C ARG B 355 -18.33 -27.45 -2.48
N SER B 356 -18.71 -28.52 -1.77
CA SER B 356 -18.85 -29.81 -2.40
C SER B 356 -20.07 -29.91 -3.30
N SER B 357 -20.77 -28.81 -3.54
CA SER B 357 -21.78 -28.80 -4.58
C SER B 357 -21.30 -28.06 -5.82
N ILE B 358 -20.34 -27.16 -5.67
CA ILE B 358 -19.69 -26.56 -6.84
C ILE B 358 -18.85 -27.59 -7.56
N SER B 359 -17.86 -28.16 -6.86
CA SER B 359 -17.02 -29.17 -7.47
C SER B 359 -17.84 -30.35 -7.96
N HIS B 360 -18.94 -30.64 -7.29
CA HIS B 360 -19.83 -31.70 -7.75
C HIS B 360 -20.65 -31.28 -8.95
N PHE B 361 -20.58 -30.02 -9.36
CA PHE B 361 -21.31 -29.56 -10.53
C PHE B 361 -20.38 -29.22 -11.68
N LEU B 362 -19.16 -28.79 -11.40
CA LEU B 362 -18.23 -28.41 -12.45
C LEU B 362 -17.49 -29.60 -13.06
N PHE B 363 -17.27 -30.66 -12.30
CA PHE B 363 -16.35 -31.70 -12.70
C PHE B 363 -16.94 -33.09 -12.74
N TYR B 364 -17.95 -33.38 -11.92
CA TYR B 364 -18.45 -34.76 -11.83
C TYR B 364 -18.86 -35.31 -13.17
N SER B 365 -19.21 -34.44 -14.12
CA SER B 365 -19.61 -34.93 -15.44
C SER B 365 -18.41 -35.53 -16.16
N LEU B 366 -17.26 -34.86 -16.12
CA LEU B 366 -16.09 -35.34 -16.83
C LEU B 366 -15.23 -36.29 -16.01
N MET B 367 -15.58 -36.55 -14.76
CA MET B 367 -14.86 -37.52 -13.95
C MET B 367 -15.45 -38.92 -14.06
N ASP B 368 -16.10 -39.23 -15.19
CA ASP B 368 -16.48 -40.59 -15.51
C ASP B 368 -15.82 -41.12 -16.77
N LYS B 369 -15.17 -40.25 -17.54
CA LYS B 369 -14.43 -40.63 -18.74
C LYS B 369 -13.00 -41.04 -18.44
N VAL B 370 -12.51 -40.76 -17.24
CA VAL B 370 -11.17 -41.22 -16.87
C VAL B 370 -11.14 -42.75 -16.92
N TYR B 371 -10.16 -43.29 -17.63
CA TYR B 371 -10.11 -44.74 -17.82
C TYR B 371 -9.96 -45.48 -16.50
N LEU B 372 -9.38 -44.85 -15.49
CA LEU B 372 -9.06 -45.55 -14.25
C LEU B 372 -10.29 -45.73 -13.38
N PHE B 373 -11.19 -44.75 -13.34
CA PHE B 373 -12.36 -44.80 -12.48
C PHE B 373 -13.54 -45.49 -13.15
N ARG B 374 -13.34 -46.05 -14.34
CA ARG B 374 -14.42 -46.71 -15.07
C ARG B 374 -14.78 -48.00 -14.34
N GLY B 375 -15.97 -48.04 -13.76
CA GLY B 375 -16.45 -49.22 -13.07
C GLY B 375 -16.56 -49.07 -11.57
N VAL B 376 -15.99 -48.02 -10.98
CA VAL B 376 -16.08 -47.85 -9.55
C VAL B 376 -17.52 -47.53 -9.14
N SER B 377 -17.85 -47.83 -7.89
CA SER B 377 -19.18 -47.53 -7.38
C SER B 377 -19.43 -46.03 -7.43
N ASN B 378 -20.71 -45.67 -7.56
CA ASN B 378 -21.05 -44.29 -7.86
C ASN B 378 -20.73 -43.38 -6.69
N ASP B 379 -21.23 -43.72 -5.49
CA ASP B 379 -21.13 -42.80 -4.37
C ASP B 379 -19.68 -42.60 -3.91
N LEU B 380 -18.80 -43.59 -4.11
CA LEU B 380 -17.39 -43.38 -3.82
C LEU B 380 -16.83 -42.25 -4.68
N LEU B 381 -17.16 -42.29 -5.97
CA LEU B 381 -16.66 -41.26 -6.88
C LEU B 381 -17.07 -39.87 -6.42
N PHE B 382 -18.23 -39.75 -5.77
CA PHE B 382 -18.62 -38.48 -5.18
C PHE B 382 -17.55 -37.96 -4.23
N GLN B 383 -17.01 -38.83 -3.39
CA GLN B 383 -16.06 -38.37 -2.39
C GLN B 383 -14.78 -37.83 -3.01
N LEU B 384 -14.36 -38.39 -4.15
CA LEU B 384 -13.16 -37.89 -4.80
C LEU B 384 -13.41 -36.52 -5.43
N VAL B 385 -14.54 -36.37 -6.12
CA VAL B 385 -14.88 -35.08 -6.72
C VAL B 385 -14.93 -33.99 -5.67
N SER B 386 -15.28 -34.35 -4.44
CA SER B 386 -15.31 -33.36 -3.38
C SER B 386 -13.93 -32.77 -3.13
N GLU B 387 -12.93 -33.63 -2.96
CA GLU B 387 -11.55 -33.18 -2.70
C GLU B 387 -10.69 -33.25 -3.96
N MET B 388 -10.99 -32.41 -4.94
CA MET B 388 -10.18 -32.29 -6.15
C MET B 388 -9.93 -30.80 -6.37
N LYS B 389 -8.89 -30.26 -5.73
CA LYS B 389 -8.60 -28.83 -5.86
C LYS B 389 -8.12 -28.53 -7.27
N ALA B 390 -8.84 -27.65 -7.96
CA ALA B 390 -8.57 -27.34 -9.36
C ALA B 390 -7.61 -26.18 -9.46
N GLU B 391 -6.49 -26.39 -10.15
CA GLU B 391 -5.47 -25.37 -10.29
C GLU B 391 -5.31 -25.00 -11.76
N TYR B 392 -4.92 -23.76 -12.00
CA TYR B 392 -4.71 -23.25 -13.35
C TYR B 392 -3.23 -23.27 -13.70
N PHE B 393 -2.95 -23.20 -14.99
CA PHE B 393 -1.58 -23.31 -15.43
C PHE B 393 -1.34 -22.58 -16.75
N PRO B 394 -0.39 -21.64 -16.78
CA PRO B 394 -0.06 -20.96 -18.03
C PRO B 394 0.66 -21.88 -18.98
N PRO B 395 0.70 -21.56 -20.26
CA PRO B 395 1.28 -22.48 -21.24
C PRO B 395 2.78 -22.65 -21.06
N LYS B 396 3.29 -23.69 -21.70
CA LYS B 396 4.72 -24.02 -21.77
C LYS B 396 5.36 -24.06 -20.39
N GLU B 397 4.66 -24.57 -19.39
CA GLU B 397 5.19 -24.74 -18.05
C GLU B 397 4.97 -26.19 -17.63
N ASP B 398 5.79 -26.67 -16.70
CA ASP B 398 5.86 -28.08 -16.37
C ASP B 398 5.16 -28.35 -15.03
N VAL B 399 4.06 -29.09 -15.08
CA VAL B 399 3.27 -29.31 -13.88
C VAL B 399 3.92 -30.37 -13.00
N ILE B 400 4.63 -31.30 -13.62
CA ILE B 400 5.22 -32.42 -12.90
C ILE B 400 6.50 -32.82 -13.64
N LEU B 401 7.60 -32.90 -12.90
CA LEU B 401 8.92 -33.11 -13.48
C LEU B 401 9.46 -34.49 -13.10
N GLN B 402 10.44 -34.93 -13.88
CA GLN B 402 10.92 -36.31 -13.83
C GLN B 402 11.54 -36.66 -12.48
N ASN B 403 11.58 -37.96 -12.19
CA ASN B 403 12.18 -38.50 -10.97
C ASN B 403 11.74 -37.73 -9.74
N GLU B 404 10.43 -37.61 -9.59
CA GLU B 404 9.83 -36.92 -8.46
C GLU B 404 9.17 -37.94 -7.55
N ALA B 405 9.45 -37.84 -6.26
CA ALA B 405 8.80 -38.70 -5.29
C ALA B 405 7.28 -38.56 -5.41
N PRO B 406 6.53 -39.63 -5.20
CA PRO B 406 5.07 -39.57 -5.39
C PRO B 406 4.44 -38.60 -4.39
N THR B 407 3.85 -37.52 -4.91
CA THR B 407 3.10 -36.59 -4.10
C THR B 407 1.64 -36.49 -4.52
N ASP B 408 1.39 -36.33 -5.82
CA ASP B 408 0.02 -36.13 -6.28
C ASP B 408 -0.08 -36.49 -7.75
N PHE B 409 -1.31 -36.72 -8.19
CA PHE B 409 -1.61 -36.94 -9.60
C PHE B 409 -2.78 -36.06 -9.99
N TYR B 410 -2.74 -35.54 -11.21
CA TYR B 410 -3.67 -34.53 -11.68
C TYR B 410 -4.67 -35.15 -12.65
N ILE B 411 -5.66 -34.33 -13.02
CA ILE B 411 -6.62 -34.66 -14.06
C ILE B 411 -6.85 -33.40 -14.88
N LEU B 412 -6.74 -33.51 -16.19
CA LEU B 412 -6.83 -32.34 -17.06
C LEU B 412 -8.25 -32.16 -17.56
N VAL B 413 -8.84 -31.01 -17.27
CA VAL B 413 -10.23 -30.74 -17.62
C VAL B 413 -10.34 -30.08 -18.99
N ASN B 414 -9.39 -29.19 -19.32
CA ASN B 414 -9.38 -28.56 -20.63
C ASN B 414 -7.95 -28.13 -20.94
N GLY B 415 -7.70 -27.90 -22.22
CA GLY B 415 -6.37 -27.54 -22.70
C GLY B 415 -5.66 -28.73 -23.31
N THR B 416 -4.48 -28.44 -23.87
CA THR B 416 -3.66 -29.44 -24.54
C THR B 416 -2.29 -29.47 -23.87
N ALA B 417 -2.04 -30.52 -23.09
CA ALA B 417 -0.74 -30.74 -22.47
C ALA B 417 -0.02 -31.86 -23.20
N ASP B 418 1.31 -31.79 -23.19
CA ASP B 418 2.11 -32.76 -23.91
C ASP B 418 3.13 -33.38 -22.96
N LEU B 419 3.42 -34.66 -23.18
CA LEU B 419 4.27 -35.45 -22.30
C LEU B 419 5.67 -35.57 -22.91
N VAL B 420 6.69 -35.49 -22.05
CA VAL B 420 8.07 -35.64 -22.48
C VAL B 420 8.87 -36.30 -21.35
N ASP B 421 10.00 -36.88 -21.73
CA ASP B 421 10.89 -37.56 -20.80
C ASP B 421 12.32 -37.13 -21.05
N VAL B 422 13.06 -36.93 -19.96
CA VAL B 422 14.45 -36.52 -20.03
C VAL B 422 15.30 -37.77 -20.22
N ASP B 423 15.61 -38.09 -21.48
CA ASP B 423 16.52 -39.17 -21.80
C ASP B 423 17.84 -38.55 -22.21
N THR B 424 18.82 -38.61 -21.30
CA THR B 424 20.17 -38.06 -21.46
C THR B 424 20.19 -36.66 -22.07
N GLY B 425 19.12 -35.88 -21.87
CA GLY B 425 19.11 -34.50 -22.29
C GLY B 425 18.56 -34.22 -23.67
N THR B 426 18.02 -35.22 -24.35
CA THR B 426 17.37 -35.04 -25.65
C THR B 426 15.91 -35.45 -25.49
N GLU B 427 15.04 -34.48 -25.29
CA GLU B 427 13.65 -34.72 -24.92
C GLU B 427 12.76 -34.45 -26.14
N SER B 428 12.28 -35.50 -26.78
CA SER B 428 11.24 -35.42 -27.78
C SER B 428 9.94 -35.89 -27.14
N ILE B 429 8.81 -35.33 -27.58
CA ILE B 429 7.54 -35.67 -26.97
C ILE B 429 7.26 -37.15 -27.18
N VAL B 430 6.58 -37.75 -26.20
CA VAL B 430 6.13 -39.14 -26.33
C VAL B 430 4.67 -39.15 -26.78
N ARG B 431 3.80 -38.56 -25.98
CA ARG B 431 2.40 -38.39 -26.35
C ARG B 431 1.92 -37.02 -25.88
N GLU B 432 0.80 -36.59 -26.44
CA GLU B 432 0.12 -35.38 -25.98
C GLU B 432 -1.22 -35.78 -25.40
N VAL B 433 -1.65 -35.07 -24.36
CA VAL B 433 -2.89 -35.38 -23.67
C VAL B 433 -3.81 -34.17 -23.73
N LYS B 434 -5.11 -34.44 -23.70
CA LYS B 434 -6.11 -33.38 -23.71
C LYS B 434 -7.20 -33.68 -22.69
N ALA B 435 -8.29 -32.92 -22.72
CA ALA B 435 -9.35 -33.03 -21.73
C ALA B 435 -9.79 -34.48 -21.53
N GLY B 436 -9.74 -34.93 -20.29
CA GLY B 436 -10.19 -36.26 -19.94
C GLY B 436 -9.09 -37.29 -19.73
N ASP B 437 -7.83 -36.89 -19.77
CA ASP B 437 -6.72 -37.81 -19.57
C ASP B 437 -6.04 -37.51 -18.24
N ILE B 438 -5.54 -38.55 -17.60
CA ILE B 438 -4.91 -38.46 -16.29
C ILE B 438 -3.41 -38.60 -16.46
N ILE B 439 -2.65 -37.82 -15.68
CA ILE B 439 -1.20 -37.86 -15.76
C ILE B 439 -0.61 -37.87 -14.35
N GLY B 440 0.63 -38.36 -14.26
CA GLY B 440 1.15 -38.71 -12.96
C GLY B 440 0.44 -39.87 -12.33
N GLU B 441 -0.31 -40.63 -13.13
CA GLU B 441 -1.20 -41.65 -12.59
C GLU B 441 -0.44 -42.84 -12.03
N ILE B 442 0.78 -43.06 -12.50
CA ILE B 442 1.51 -44.27 -12.13
C ILE B 442 2.31 -44.07 -10.86
N GLY B 443 3.20 -43.08 -10.85
CA GLY B 443 4.16 -42.95 -9.77
C GLY B 443 3.51 -42.89 -8.40
N VAL B 444 2.38 -42.21 -8.29
CA VAL B 444 1.70 -42.10 -7.00
C VAL B 444 1.10 -43.42 -6.59
N LEU B 445 0.71 -44.26 -7.54
CA LEU B 445 0.00 -45.48 -7.22
C LEU B 445 0.93 -46.64 -6.87
N CYS B 446 2.21 -46.58 -7.23
CA CYS B 446 3.13 -47.66 -6.93
C CYS B 446 4.37 -47.18 -6.18
N TYR B 447 4.32 -45.98 -5.60
CA TYR B 447 5.42 -45.44 -4.79
C TYR B 447 6.73 -45.41 -5.55
N ARG B 448 6.66 -45.09 -6.83
CA ARG B 448 7.81 -45.00 -7.68
C ARG B 448 8.07 -43.55 -8.07
N PRO B 449 9.33 -43.13 -8.18
CA PRO B 449 9.61 -41.79 -8.71
C PRO B 449 8.91 -41.58 -10.05
N GLN B 450 8.52 -40.33 -10.29
CA GLN B 450 7.70 -40.00 -11.45
C GLN B 450 8.40 -40.40 -12.74
N LEU B 451 7.62 -40.85 -13.71
CA LEU B 451 8.20 -41.48 -14.89
C LEU B 451 8.41 -40.50 -16.02
N PHE B 452 7.43 -39.63 -16.27
CA PHE B 452 7.52 -38.65 -17.35
C PHE B 452 7.22 -37.26 -16.81
N THR B 453 7.43 -36.27 -17.67
CA THR B 453 7.27 -34.87 -17.32
C THR B 453 6.26 -34.22 -18.25
N VAL B 454 5.23 -33.59 -17.68
CA VAL B 454 4.13 -33.00 -18.42
C VAL B 454 4.41 -31.52 -18.62
N ARG B 455 4.17 -31.04 -19.84
CA ARG B 455 4.22 -29.62 -20.16
C ARG B 455 2.88 -29.19 -20.73
N THR B 456 2.63 -27.88 -20.65
CA THR B 456 1.35 -27.31 -21.05
C THR B 456 1.51 -26.57 -22.36
N LYS B 457 0.98 -27.13 -23.44
CA LYS B 457 1.07 -26.47 -24.74
C LYS B 457 0.10 -25.31 -24.88
N ARG B 458 -0.72 -25.05 -23.87
CA ARG B 458 -1.59 -23.88 -23.85
C ARG B 458 -2.00 -23.65 -22.40
N LEU B 459 -2.72 -22.57 -22.16
CA LEU B 459 -3.24 -22.30 -20.82
C LEU B 459 -4.28 -23.37 -20.50
N CYS B 460 -4.00 -24.18 -19.48
CA CYS B 460 -4.86 -25.30 -19.14
C CYS B 460 -5.17 -25.29 -17.65
N GLN B 461 -6.36 -25.76 -17.34
CA GLN B 461 -6.81 -25.94 -15.96
C GLN B 461 -6.65 -27.40 -15.58
N LEU B 462 -6.24 -27.66 -14.36
CA LEU B 462 -5.89 -29.01 -13.95
C LEU B 462 -6.45 -29.29 -12.55
N LEU B 463 -7.03 -30.48 -12.41
CA LEU B 463 -7.44 -30.94 -11.09
C LEU B 463 -6.21 -31.40 -10.33
N ARG B 464 -6.41 -31.85 -9.09
CA ARG B 464 -5.28 -32.23 -8.26
C ARG B 464 -5.76 -33.19 -7.20
N MET B 465 -4.88 -34.09 -6.78
CA MET B 465 -5.24 -35.07 -5.76
C MET B 465 -3.97 -35.53 -5.07
N ASN B 466 -3.78 -35.11 -3.83
CA ASN B 466 -2.65 -35.55 -3.02
C ASN B 466 -2.73 -37.05 -2.80
N ARG B 467 -1.57 -37.66 -2.54
CA ARG B 467 -1.53 -39.10 -2.37
C ARG B 467 -2.25 -39.54 -1.11
N THR B 468 -1.88 -38.97 0.03
CA THR B 468 -2.39 -39.48 1.31
C THR B 468 -3.90 -39.31 1.41
N THR B 469 -4.44 -38.22 0.91
CA THR B 469 -5.90 -38.07 0.89
C THR B 469 -6.53 -39.15 0.04
N PHE B 470 -6.05 -39.30 -1.19
CA PHE B 470 -6.54 -40.38 -2.04
C PHE B 470 -6.34 -41.74 -1.40
N LEU B 471 -5.31 -41.89 -0.57
CA LEU B 471 -5.09 -43.16 0.10
C LEU B 471 -6.02 -43.36 1.29
N ASN B 472 -6.21 -42.32 2.11
CA ASN B 472 -7.13 -42.44 3.24
C ASN B 472 -8.57 -42.68 2.81
N ILE B 473 -8.89 -42.46 1.53
CA ILE B 473 -10.27 -42.58 1.07
C ILE B 473 -10.59 -44.02 0.70
N ILE B 474 -9.73 -44.66 -0.09
CA ILE B 474 -9.99 -46.04 -0.48
C ILE B 474 -9.90 -46.96 0.73
N GLN B 475 -9.03 -46.63 1.67
CA GLN B 475 -8.93 -47.39 2.91
C GLN B 475 -10.22 -47.33 3.73
N ALA B 476 -11.10 -46.38 3.46
CA ALA B 476 -12.34 -46.27 4.21
C ALA B 476 -13.42 -47.23 3.70
N ASN B 477 -13.51 -47.40 2.38
CA ASN B 477 -14.44 -48.34 1.77
C ASN B 477 -13.64 -49.20 0.79
N VAL B 478 -13.04 -50.27 1.32
CA VAL B 478 -12.19 -51.14 0.52
C VAL B 478 -13.00 -52.01 -0.43
N GLY B 479 -14.32 -51.89 -0.42
CA GLY B 479 -15.16 -52.63 -1.34
C GLY B 479 -15.02 -52.17 -2.77
N ASP B 480 -14.14 -51.19 -3.00
CA ASP B 480 -13.84 -50.67 -4.32
C ASP B 480 -12.37 -50.65 -4.67
N GLY B 481 -11.48 -50.84 -3.69
CA GLY B 481 -10.07 -50.72 -3.97
C GLY B 481 -9.55 -51.71 -4.99
N THR B 482 -10.13 -52.90 -5.04
CA THR B 482 -9.62 -53.93 -5.92
C THR B 482 -9.80 -53.58 -7.39
N ILE B 483 -10.93 -52.98 -7.74
CA ILE B 483 -11.25 -52.78 -9.15
C ILE B 483 -10.58 -51.55 -9.74
N ILE B 484 -10.22 -50.56 -8.92
CA ILE B 484 -9.38 -49.49 -9.44
C ILE B 484 -7.91 -49.89 -9.35
N MET B 485 -7.58 -50.80 -8.45
CA MET B 485 -6.22 -51.31 -8.38
C MET B 485 -5.84 -52.05 -9.66
N ASN B 486 -6.76 -52.84 -10.19
CA ASN B 486 -6.41 -53.68 -11.32
C ASN B 486 -6.73 -53.03 -12.67
N ASN B 487 -7.86 -52.34 -12.80
CA ASN B 487 -8.30 -51.88 -14.11
C ASN B 487 -7.29 -50.95 -14.77
N LEU B 488 -6.33 -50.41 -14.03
CA LEU B 488 -5.25 -49.67 -14.64
C LEU B 488 -4.25 -50.58 -15.32
N LEU B 489 -4.22 -51.86 -14.94
CA LEU B 489 -3.31 -52.79 -15.60
C LEU B 489 -3.72 -53.04 -17.04
N GLN B 490 -5.03 -53.23 -17.28
CA GLN B 490 -5.52 -53.34 -18.65
C GLN B 490 -5.14 -52.11 -19.47
N HIS B 491 -5.13 -50.94 -18.82
CA HIS B 491 -4.69 -49.72 -19.51
C HIS B 491 -3.26 -49.87 -20.02
N LEU B 492 -2.41 -50.55 -19.25
CA LEU B 492 -1.05 -50.80 -19.73
C LEU B 492 -1.03 -51.83 -20.84
N LYS B 493 -1.85 -52.87 -20.76
CA LYS B 493 -1.91 -53.84 -21.84
C LYS B 493 -2.73 -53.34 -23.02
N GLU B 494 -3.72 -52.46 -22.78
CA GLU B 494 -4.29 -51.72 -23.89
C GLU B 494 -3.26 -50.81 -24.53
N MET B 495 -2.24 -50.41 -23.79
CA MET B 495 -1.07 -49.77 -24.38
C MET B 495 -0.20 -50.84 -25.02
N ASN B 496 0.44 -50.47 -26.13
CA ASN B 496 1.24 -51.41 -26.92
C ASN B 496 2.67 -50.93 -27.06
N ASP B 497 3.24 -50.43 -25.96
CA ASP B 497 4.58 -49.94 -26.20
C ASP B 497 5.61 -50.85 -25.55
N PRO B 498 6.74 -51.08 -26.22
CA PRO B 498 7.76 -51.97 -25.65
C PRO B 498 8.40 -51.40 -24.39
N VAL B 499 8.60 -50.09 -24.35
CA VAL B 499 9.25 -49.45 -23.21
C VAL B 499 8.19 -48.90 -22.26
N MET B 500 6.96 -49.41 -22.35
CA MET B 500 5.91 -49.06 -21.41
C MET B 500 5.71 -50.14 -20.36
N THR B 501 5.57 -51.39 -20.79
CA THR B 501 5.43 -52.51 -19.87
C THR B 501 6.71 -52.78 -19.10
N ASN B 502 7.81 -52.09 -19.40
CA ASN B 502 8.99 -52.21 -18.55
C ASN B 502 8.66 -51.88 -17.10
N VAL B 503 7.76 -50.92 -16.87
CA VAL B 503 7.25 -50.71 -15.52
C VAL B 503 6.22 -51.77 -15.13
N LEU B 504 5.51 -52.34 -16.11
CA LEU B 504 4.75 -53.54 -15.82
C LEU B 504 5.69 -54.73 -15.59
N LEU B 505 6.92 -54.65 -16.12
CA LEU B 505 7.88 -55.73 -15.95
C LEU B 505 8.31 -55.95 -14.51
N GLU B 506 7.94 -55.09 -13.57
CA GLU B 506 8.02 -55.54 -12.19
C GLU B 506 6.65 -55.62 -11.52
N ILE B 507 5.57 -55.47 -12.30
CA ILE B 507 4.24 -55.56 -11.72
C ILE B 507 3.91 -56.97 -11.24
N GLU B 508 4.60 -57.98 -11.76
CA GLU B 508 4.27 -59.35 -11.38
C GLU B 508 5.11 -59.82 -10.19
N ASN B 509 6.26 -59.19 -9.93
CA ASN B 509 6.84 -59.33 -8.61
C ASN B 509 6.35 -58.23 -7.67
N MET B 510 5.65 -57.23 -8.20
CA MET B 510 4.73 -56.46 -7.37
C MET B 510 3.62 -57.37 -6.83
N LEU B 511 3.27 -58.42 -7.58
CA LEU B 511 2.44 -59.47 -7.01
C LEU B 511 3.17 -60.21 -5.90
N ALA B 512 4.51 -60.19 -5.93
CA ALA B 512 5.32 -60.84 -4.92
C ALA B 512 5.81 -59.83 -3.89
N LYS C 44 -2.09 -4.94 -45.22
CA LYS C 44 -2.48 -4.33 -46.49
C LYS C 44 -4.00 -4.17 -46.56
N LEU C 45 -4.44 -2.98 -46.98
CA LEU C 45 -5.86 -2.66 -47.07
C LEU C 45 -6.23 -2.31 -48.50
N ARG C 46 -7.51 -2.03 -48.69
CA ARG C 46 -8.06 -1.79 -50.02
C ARG C 46 -7.49 -0.50 -50.59
N ARG C 47 -7.92 -0.19 -51.82
CA ARG C 47 -7.50 1.06 -52.45
C ARG C 47 -8.26 2.23 -51.85
N PHE C 48 -7.56 3.37 -51.77
CA PHE C 48 -8.15 4.62 -51.30
C PHE C 48 -8.71 4.47 -49.89
N VAL C 49 -7.87 3.94 -48.99
CA VAL C 49 -8.20 3.83 -47.59
C VAL C 49 -6.90 4.00 -46.81
N VAL C 50 -6.96 4.72 -45.69
CA VAL C 50 -5.80 4.95 -44.86
C VAL C 50 -6.01 4.31 -43.50
N SER C 51 -5.03 3.57 -43.05
CA SER C 51 -5.17 2.98 -41.74
C SER C 51 -4.91 4.03 -40.66
N PRO C 52 -5.65 3.98 -39.56
CA PRO C 52 -5.45 4.97 -38.49
C PRO C 52 -4.07 4.90 -37.89
N TYR C 53 -3.32 3.82 -38.13
CA TYR C 53 -1.99 3.67 -37.59
C TYR C 53 -0.92 4.20 -38.52
N ASP C 54 -1.30 4.74 -39.67
CA ASP C 54 -0.32 5.30 -40.58
C ASP C 54 0.53 6.33 -39.87
N HIS C 55 1.77 6.44 -40.31
CA HIS C 55 2.69 7.42 -39.74
C HIS C 55 2.50 8.80 -40.37
N LYS C 56 2.25 8.85 -41.67
CA LYS C 56 1.94 10.12 -42.32
C LYS C 56 0.66 10.73 -41.81
N TYR C 57 -0.15 9.97 -41.08
CA TYR C 57 -1.43 10.41 -40.58
C TYR C 57 -1.37 10.86 -39.13
N ARG C 58 -0.65 10.12 -38.28
CA ARG C 58 -0.51 10.54 -36.89
C ARG C 58 0.09 11.94 -36.80
N ILE C 59 0.94 12.32 -37.74
CA ILE C 59 1.45 13.68 -37.75
C ILE C 59 0.40 14.68 -38.16
N TRP C 60 -0.71 14.22 -38.72
CA TRP C 60 -1.79 15.13 -39.05
C TRP C 60 -2.77 15.27 -37.91
N GLU C 61 -3.11 14.16 -37.26
CA GLU C 61 -3.91 14.24 -36.04
C GLU C 61 -3.25 15.14 -35.02
N ALA C 62 -1.96 14.93 -34.76
CA ALA C 62 -1.28 15.75 -33.78
C ALA C 62 -1.26 17.21 -34.20
N PHE C 63 -1.29 17.48 -35.49
CA PHE C 63 -1.39 18.86 -35.94
C PHE C 63 -2.74 19.44 -35.60
N LEU C 64 -3.80 18.64 -35.70
CA LEU C 64 -5.12 19.13 -35.36
C LEU C 64 -5.31 19.37 -33.87
N VAL C 65 -4.44 18.83 -33.02
CA VAL C 65 -4.53 19.10 -31.60
C VAL C 65 -4.01 20.49 -31.27
N VAL C 66 -2.87 20.89 -31.84
CA VAL C 66 -2.42 22.25 -31.62
C VAL C 66 -3.34 23.27 -32.27
N LEU C 67 -4.28 22.83 -33.08
CA LEU C 67 -5.36 23.71 -33.52
C LEU C 67 -6.53 23.65 -32.59
N VAL C 68 -6.73 22.54 -31.89
CA VAL C 68 -7.77 22.47 -30.88
C VAL C 68 -7.42 23.39 -29.72
N VAL C 69 -6.18 23.34 -29.26
CA VAL C 69 -5.71 24.24 -28.22
C VAL C 69 -5.94 25.69 -28.61
N TYR C 70 -5.83 26.00 -29.89
CA TYR C 70 -6.12 27.35 -30.33
C TYR C 70 -7.58 27.70 -30.07
N THR C 71 -8.50 26.79 -30.36
CA THR C 71 -9.90 27.10 -30.12
C THR C 71 -10.28 26.95 -28.67
N ALA C 72 -9.55 26.16 -27.89
CA ALA C 72 -9.80 26.13 -26.46
C ALA C 72 -9.55 27.48 -25.83
N TRP C 73 -8.69 28.29 -26.42
CA TRP C 73 -8.47 29.64 -25.95
C TRP C 73 -9.38 30.65 -26.61
N VAL C 74 -9.60 30.53 -27.91
CA VAL C 74 -10.26 31.60 -28.63
C VAL C 74 -11.76 31.57 -28.45
N SER C 75 -12.32 30.38 -28.38
CA SER C 75 -13.79 30.30 -28.33
C SER C 75 -14.30 30.90 -27.03
N PRO C 76 -13.85 30.53 -25.82
CA PRO C 76 -14.33 31.20 -24.65
C PRO C 76 -13.95 32.67 -24.67
N PHE C 77 -12.78 33.05 -25.15
CA PHE C 77 -12.42 34.47 -25.16
C PHE C 77 -13.41 35.23 -26.02
N GLU C 78 -13.80 34.73 -27.16
CA GLU C 78 -14.76 35.50 -27.97
C GLU C 78 -16.09 35.61 -27.25
N PHE C 79 -16.53 34.54 -26.60
CA PHE C 79 -17.80 34.57 -25.86
C PHE C 79 -17.81 35.74 -24.90
N GLY C 80 -16.76 35.93 -24.11
CA GLY C 80 -16.68 36.97 -23.10
C GLY C 80 -16.37 38.35 -23.62
N PHE C 81 -15.23 38.53 -24.29
CA PHE C 81 -14.70 39.86 -24.51
C PHE C 81 -15.08 40.47 -25.85
N LEU C 82 -15.73 39.73 -26.73
CA LEU C 82 -16.00 40.24 -28.07
C LEU C 82 -17.49 40.11 -28.37
N ARG C 83 -17.93 40.93 -29.32
CA ARG C 83 -19.34 40.98 -29.68
C ARG C 83 -19.62 40.64 -31.12
N LYS C 84 -18.76 41.05 -32.05
CA LYS C 84 -18.92 40.74 -33.45
C LYS C 84 -17.54 40.48 -34.03
N PRO C 85 -17.43 39.57 -34.99
CA PRO C 85 -16.10 39.18 -35.48
C PRO C 85 -15.35 40.35 -36.08
N ARG C 86 -14.19 40.64 -35.52
CA ARG C 86 -13.32 41.68 -36.01
C ARG C 86 -12.12 41.06 -36.71
N PRO C 87 -11.49 41.79 -37.64
CA PRO C 87 -10.55 41.16 -38.58
C PRO C 87 -9.47 40.32 -37.91
N PRO C 88 -8.67 40.88 -36.99
CA PRO C 88 -7.41 40.19 -36.63
C PRO C 88 -7.63 38.80 -36.06
N LEU C 89 -8.89 38.48 -35.78
CA LEU C 89 -9.29 37.17 -35.33
C LEU C 89 -10.38 36.54 -36.18
N SER C 90 -10.97 37.29 -37.11
CA SER C 90 -11.99 36.75 -37.97
C SER C 90 -11.42 35.97 -39.14
N ILE C 91 -10.19 36.24 -39.53
CA ILE C 91 -9.57 35.50 -40.62
C ILE C 91 -8.87 34.26 -40.10
N THR C 92 -8.08 34.39 -39.06
CA THR C 92 -7.41 33.24 -38.50
C THR C 92 -8.30 32.36 -37.79
N ASP C 93 -9.59 32.57 -37.90
CA ASP C 93 -10.58 31.66 -37.36
C ASP C 93 -11.32 30.89 -38.43
N ASN C 94 -11.45 31.46 -39.63
CA ASN C 94 -11.96 30.68 -40.74
C ASN C 94 -10.92 29.71 -41.26
N ILE C 95 -9.64 30.07 -41.16
CA ILE C 95 -8.57 29.16 -41.53
C ILE C 95 -8.72 27.86 -40.76
N VAL C 96 -8.68 27.94 -39.43
CA VAL C 96 -8.85 26.76 -38.61
C VAL C 96 -10.14 26.05 -38.94
N ASN C 97 -11.15 26.77 -39.44
CA ASN C 97 -12.36 26.09 -39.85
C ASN C 97 -12.16 25.30 -41.12
N ALA C 98 -11.19 25.69 -41.95
CA ALA C 98 -10.90 24.88 -43.12
C ALA C 98 -10.23 23.57 -42.72
N PHE C 99 -9.16 23.65 -41.92
CA PHE C 99 -8.46 22.45 -41.52
C PHE C 99 -9.33 21.48 -40.76
N PHE C 100 -10.48 21.93 -40.27
CA PHE C 100 -11.42 21.00 -39.67
C PHE C 100 -12.52 20.58 -40.62
N ALA C 101 -12.73 21.34 -41.69
CA ALA C 101 -13.59 20.84 -42.76
C ALA C 101 -12.88 19.76 -43.55
N ILE C 102 -11.58 19.92 -43.75
CA ILE C 102 -10.79 18.89 -44.43
C ILE C 102 -10.88 17.58 -43.67
N ASP C 103 -10.61 17.62 -42.38
CA ASP C 103 -10.70 16.40 -41.59
C ASP C 103 -12.10 15.82 -41.59
N ILE C 104 -13.11 16.61 -41.95
CA ILE C 104 -14.46 16.06 -41.99
C ILE C 104 -14.63 15.14 -43.19
N ILE C 105 -14.02 15.47 -44.32
CA ILE C 105 -14.09 14.54 -45.43
C ILE C 105 -13.02 13.46 -45.31
N MET C 106 -11.83 13.84 -44.90
CA MET C 106 -10.73 12.90 -44.78
C MET C 106 -10.89 11.95 -43.62
N THR C 107 -12.06 11.93 -42.98
CA THR C 107 -12.40 10.85 -42.07
C THR C 107 -13.38 9.88 -42.69
N PHE C 108 -13.73 10.07 -43.95
CA PHE C 108 -14.45 9.05 -44.69
C PHE C 108 -13.50 8.00 -45.27
N PHE C 109 -12.22 8.32 -45.37
CA PHE C 109 -11.22 7.44 -45.95
C PHE C 109 -10.27 6.92 -44.89
N VAL C 110 -10.80 6.58 -43.72
CA VAL C 110 -10.00 6.13 -42.60
C VAL C 110 -10.66 4.90 -42.00
N GLY C 111 -9.92 3.80 -41.96
CA GLY C 111 -10.44 2.59 -41.37
C GLY C 111 -10.43 2.65 -39.85
N TYR C 112 -11.30 1.84 -39.25
CA TYR C 112 -11.40 1.78 -37.81
C TYR C 112 -11.25 0.34 -37.35
N LEU C 113 -10.76 0.18 -36.13
CA LEU C 113 -10.55 -1.14 -35.58
C LEU C 113 -11.87 -1.70 -35.07
N ASP C 114 -11.81 -2.90 -34.51
CA ASP C 114 -13.00 -3.52 -33.94
C ASP C 114 -12.56 -4.46 -32.84
N LYS C 115 -12.96 -4.16 -31.61
CA LYS C 115 -12.62 -5.00 -30.47
C LYS C 115 -12.93 -6.47 -30.71
N SER C 116 -13.96 -6.78 -31.47
CA SER C 116 -14.32 -8.17 -31.75
C SER C 116 -13.48 -8.78 -32.85
N THR C 117 -12.70 -7.98 -33.57
CA THR C 117 -11.88 -8.50 -34.66
C THR C 117 -10.43 -8.10 -34.50
N TYR C 118 -10.20 -6.92 -33.91
CA TYR C 118 -8.89 -6.27 -33.92
C TYR C 118 -8.39 -6.12 -35.35
N LEU C 119 -9.29 -5.73 -36.23
CA LEU C 119 -9.01 -5.64 -37.65
C LEU C 119 -9.41 -4.28 -38.20
N ILE C 120 -8.68 -3.84 -39.22
CA ILE C 120 -8.87 -2.51 -39.79
C ILE C 120 -9.93 -2.60 -40.88
N VAL C 121 -11.18 -2.48 -40.48
CA VAL C 121 -12.32 -2.57 -41.39
C VAL C 121 -12.18 -1.51 -42.47
N ASP C 122 -12.00 -1.92 -43.72
CA ASP C 122 -11.82 -0.99 -44.83
C ASP C 122 -12.85 -1.28 -45.91
N ASP C 123 -14.06 -0.78 -45.69
CA ASP C 123 -15.09 -0.78 -46.73
C ASP C 123 -15.91 0.48 -46.56
N ARG C 124 -15.83 1.36 -47.57
CA ARG C 124 -16.40 2.70 -47.46
C ARG C 124 -17.84 2.67 -46.99
N LYS C 125 -18.62 1.71 -47.48
CA LYS C 125 -20.01 1.62 -47.04
C LYS C 125 -20.11 1.44 -45.54
N GLN C 126 -19.24 0.61 -44.96
CA GLN C 126 -19.30 0.38 -43.53
C GLN C 126 -18.55 1.44 -42.74
N ILE C 127 -17.53 2.07 -43.33
CA ILE C 127 -16.82 3.14 -42.64
C ILE C 127 -17.75 4.34 -42.48
N ALA C 128 -18.40 4.74 -43.56
CA ALA C 128 -19.26 5.92 -43.53
C ALA C 128 -20.33 5.80 -42.46
N PHE C 129 -21.11 4.72 -42.50
CA PHE C 129 -22.23 4.58 -41.59
C PHE C 129 -21.78 4.56 -40.13
N LYS C 130 -20.54 4.17 -39.88
CA LYS C 130 -20.00 4.29 -38.54
C LYS C 130 -19.88 5.76 -38.15
N TYR C 131 -19.36 6.58 -39.05
CA TYR C 131 -19.21 8.01 -38.78
C TYR C 131 -20.55 8.71 -38.81
N LEU C 132 -21.26 8.62 -39.94
CA LEU C 132 -22.50 9.38 -40.14
C LEU C 132 -23.46 9.22 -38.98
N ARG C 133 -23.45 8.09 -38.31
CA ARG C 133 -24.40 7.84 -37.25
C ARG C 133 -23.82 8.03 -35.86
N SER C 134 -22.52 8.28 -35.74
CA SER C 134 -21.93 8.43 -34.39
C SER C 134 -21.86 9.88 -33.95
N TRP C 135 -20.98 10.67 -34.56
CA TRP C 135 -20.99 12.11 -34.34
C TRP C 135 -20.51 12.87 -35.56
N PHE C 136 -20.98 12.50 -36.75
CA PHE C 136 -20.61 13.28 -37.92
C PHE C 136 -21.23 14.66 -37.85
N LEU C 137 -22.47 14.76 -37.38
CA LEU C 137 -23.18 16.02 -37.43
C LEU C 137 -22.59 17.03 -36.45
N LEU C 138 -22.28 16.60 -35.23
CA LEU C 138 -21.64 17.48 -34.27
C LEU C 138 -20.38 18.11 -34.84
N ASP C 139 -19.50 17.30 -35.40
CA ASP C 139 -18.31 17.83 -36.04
C ASP C 139 -18.66 18.72 -37.22
N LEU C 140 -19.83 18.55 -37.80
CA LEU C 140 -20.20 19.39 -38.93
C LEU C 140 -20.67 20.76 -38.47
N VAL C 141 -21.65 20.79 -37.56
CA VAL C 141 -22.21 22.06 -37.12
C VAL C 141 -21.15 22.91 -36.44
N SER C 142 -20.14 22.28 -35.85
CA SER C 142 -19.06 23.00 -35.21
C SER C 142 -17.99 23.44 -36.19
N THR C 143 -18.33 23.53 -37.47
CA THR C 143 -17.40 24.01 -38.46
C THR C 143 -17.97 25.13 -39.31
N ILE C 144 -19.24 25.46 -39.15
CA ILE C 144 -19.84 26.54 -39.93
C ILE C 144 -19.17 27.86 -39.54
N PRO C 145 -18.79 28.70 -40.49
CA PRO C 145 -18.13 29.95 -40.13
C PRO C 145 -19.10 30.87 -39.42
N SER C 146 -18.58 31.61 -38.45
CA SER C 146 -19.42 32.54 -37.70
C SER C 146 -20.08 33.56 -38.60
N GLU C 147 -19.41 33.93 -39.71
CA GLU C 147 -20.01 34.87 -40.64
C GLU C 147 -21.28 34.34 -41.26
N ALA C 148 -21.59 33.05 -41.06
CA ALA C 148 -22.87 32.52 -41.50
C ALA C 148 -23.92 32.69 -40.41
N ALA C 149 -23.68 32.12 -39.24
CA ALA C 149 -24.59 32.28 -38.11
C ALA C 149 -24.82 33.74 -37.77
N MET C 150 -23.95 34.63 -38.22
CA MET C 150 -24.23 36.04 -38.08
C MET C 150 -25.50 36.41 -38.84
N ARG C 151 -25.62 35.94 -40.08
CA ARG C 151 -26.79 36.30 -40.88
C ARG C 151 -27.93 35.33 -40.68
N ILE C 152 -28.21 34.98 -39.43
CA ILE C 152 -29.51 34.46 -39.05
C ILE C 152 -30.00 35.28 -37.86
N SER C 153 -29.12 35.52 -36.89
CA SER C 153 -29.47 36.32 -35.72
C SER C 153 -28.18 36.94 -35.19
N SER C 154 -28.09 38.27 -35.24
CA SER C 154 -26.88 38.95 -34.82
C SER C 154 -26.56 38.75 -33.34
N GLN C 155 -27.47 38.15 -32.58
CA GLN C 155 -27.20 37.92 -31.17
C GLN C 155 -26.38 36.66 -30.95
N SER C 156 -26.54 35.67 -31.84
CA SER C 156 -25.99 34.34 -31.59
C SER C 156 -24.59 34.21 -32.20
N TYR C 157 -23.73 35.15 -31.86
CA TYR C 157 -22.34 35.08 -32.28
C TYR C 157 -21.45 34.45 -31.21
N GLY C 158 -21.37 35.07 -30.05
CA GLY C 158 -20.51 34.54 -29.02
C GLY C 158 -20.98 33.21 -28.50
N LEU C 159 -22.28 32.97 -28.53
CA LEU C 159 -22.77 31.69 -28.04
C LEU C 159 -22.55 30.61 -29.08
N PHE C 160 -22.70 30.95 -30.35
CA PHE C 160 -22.49 29.96 -31.41
C PHE C 160 -21.09 29.37 -31.32
N ASN C 161 -20.07 30.21 -31.41
CA ASN C 161 -18.72 29.67 -31.40
C ASN C 161 -18.26 29.27 -30.03
N MET C 162 -19.18 29.06 -29.09
CA MET C 162 -18.88 28.17 -27.98
C MET C 162 -19.20 26.74 -28.33
N LEU C 163 -20.00 26.50 -29.36
CA LEU C 163 -20.21 25.14 -29.83
C LEU C 163 -18.90 24.50 -30.23
N ARG C 164 -18.02 25.26 -30.87
CA ARG C 164 -16.80 24.62 -31.32
C ARG C 164 -15.83 24.52 -30.17
N LEU C 165 -16.34 24.09 -29.02
CA LEU C 165 -15.56 23.46 -27.99
C LEU C 165 -15.78 21.98 -28.00
N TRP C 166 -16.71 21.53 -28.83
CA TRP C 166 -16.87 20.11 -29.08
C TRP C 166 -15.61 19.50 -29.63
N ARG C 167 -14.79 20.31 -30.31
CA ARG C 167 -13.49 19.84 -30.77
C ARG C 167 -12.60 19.38 -29.63
N LEU C 168 -12.94 19.68 -28.39
CA LEU C 168 -12.07 19.25 -27.29
C LEU C 168 -12.05 17.76 -27.11
N ARG C 169 -12.93 17.02 -27.79
CA ARG C 169 -12.87 15.56 -27.69
C ARG C 169 -11.54 15.03 -28.19
N ARG C 170 -10.91 15.74 -29.13
CA ARG C 170 -9.64 15.28 -29.67
C ARG C 170 -8.52 15.36 -28.66
N VAL C 171 -8.61 16.26 -27.69
CA VAL C 171 -7.59 16.31 -26.66
C VAL C 171 -7.77 15.18 -25.67
N GLY C 172 -9.01 14.93 -25.26
CA GLY C 172 -9.27 13.81 -24.39
C GLY C 172 -8.89 12.49 -25.03
N ALA C 173 -9.04 12.38 -26.34
CA ALA C 173 -8.56 11.19 -27.03
C ALA C 173 -7.05 11.09 -26.96
N LEU C 174 -6.36 12.20 -27.17
CA LEU C 174 -4.90 12.19 -27.13
C LEU C 174 -4.38 11.68 -25.79
N PHE C 175 -4.85 12.28 -24.70
CA PHE C 175 -4.41 11.83 -23.39
C PHE C 175 -4.80 10.39 -23.14
N ALA C 176 -5.93 9.95 -23.71
CA ALA C 176 -6.33 8.56 -23.54
C ALA C 176 -5.30 7.60 -24.14
N ARG C 177 -4.57 8.04 -25.16
CA ARG C 177 -3.56 7.18 -25.74
C ARG C 177 -2.25 7.27 -24.99
N LEU C 178 -1.87 8.46 -24.53
CA LEU C 178 -0.61 8.61 -23.83
C LEU C 178 -0.60 7.82 -22.52
N GLU C 179 -1.76 7.45 -21.98
CA GLU C 179 -1.77 6.59 -20.81
C GLU C 179 -1.07 5.28 -21.10
N LYS C 180 -1.75 4.44 -21.88
CA LYS C 180 -1.22 3.12 -22.24
C LYS C 180 -0.18 3.33 -23.33
N ASP C 181 1.02 3.75 -22.98
CA ASP C 181 1.98 3.90 -24.10
C ASP C 181 3.32 3.23 -23.79
N ARG C 182 3.66 3.27 -22.51
CA ARG C 182 4.93 2.81 -21.91
C ARG C 182 6.13 3.70 -22.17
N ASN C 183 6.20 4.55 -23.18
CA ASN C 183 7.40 5.41 -23.36
C ASN C 183 7.17 6.71 -22.61
N PHE C 184 6.05 6.82 -21.89
CA PHE C 184 5.69 8.05 -21.17
C PHE C 184 5.61 7.75 -19.68
N ASN C 185 5.87 8.77 -18.89
CA ASN C 185 6.01 8.65 -17.42
C ASN C 185 4.74 8.11 -16.77
N TYR C 186 3.55 8.38 -17.31
CA TYR C 186 2.21 7.91 -16.87
C TYR C 186 1.69 8.59 -15.61
N PHE C 187 2.47 8.66 -14.55
CA PHE C 187 1.98 9.51 -13.46
C PHE C 187 2.13 10.94 -14.00
N TRP C 188 3.23 11.24 -14.69
CA TRP C 188 3.38 12.57 -15.31
C TRP C 188 2.27 12.81 -16.31
N VAL C 189 1.92 11.82 -17.12
CA VAL C 189 0.79 12.11 -18.03
C VAL C 189 -0.47 12.34 -17.22
N ARG C 190 -0.67 11.62 -16.14
CA ARG C 190 -1.88 11.86 -15.35
C ARG C 190 -1.79 13.29 -14.84
N CYS C 191 -0.56 13.74 -14.57
CA CYS C 191 -0.33 15.11 -14.04
C CYS C 191 -0.48 16.15 -15.14
N ALA C 192 0.02 15.93 -16.34
CA ALA C 192 -0.03 16.96 -17.40
C ALA C 192 -1.49 17.27 -17.76
N LYS C 193 -2.36 16.27 -17.73
CA LYS C 193 -3.79 16.44 -17.99
C LYS C 193 -4.46 17.31 -16.94
N LEU C 194 -3.95 17.41 -15.73
CA LEU C 194 -4.62 18.29 -14.74
C LEU C 194 -4.07 19.70 -14.91
N VAL C 195 -2.86 19.86 -15.40
CA VAL C 195 -2.41 21.22 -15.65
C VAL C 195 -3.24 21.85 -16.75
N CYS C 196 -3.60 21.08 -17.78
CA CYS C 196 -4.44 21.65 -18.82
C CYS C 196 -5.86 21.84 -18.34
N VAL C 197 -6.36 20.95 -17.49
CA VAL C 197 -7.71 21.16 -16.98
C VAL C 197 -7.74 22.39 -16.10
N THR C 198 -6.76 22.55 -15.22
CA THR C 198 -6.78 23.69 -14.34
C THR C 198 -6.40 24.98 -15.03
N LEU C 199 -5.76 24.92 -16.19
CA LEU C 199 -5.53 26.13 -16.95
C LEU C 199 -6.74 26.50 -17.77
N PHE C 200 -7.50 25.52 -18.19
CA PHE C 200 -8.72 25.79 -18.92
C PHE C 200 -9.78 26.36 -18.00
N ALA C 201 -9.94 25.78 -16.82
CA ALA C 201 -10.93 26.28 -15.88
C ALA C 201 -10.62 27.71 -15.47
N VAL C 202 -9.36 27.99 -15.19
CA VAL C 202 -8.96 29.35 -14.85
C VAL C 202 -9.28 30.30 -15.98
N HIS C 203 -9.26 29.81 -17.21
CA HIS C 203 -9.45 30.69 -18.35
C HIS C 203 -10.92 30.98 -18.60
N CYS C 204 -11.75 29.95 -18.72
CA CYS C 204 -13.13 30.22 -19.07
C CYS C 204 -13.86 30.90 -17.93
N ALA C 205 -13.48 30.60 -16.69
CA ALA C 205 -14.04 31.32 -15.56
C ALA C 205 -13.77 32.80 -15.67
N ALA C 206 -12.60 33.18 -16.16
CA ALA C 206 -12.30 34.59 -16.31
C ALA C 206 -13.14 35.24 -17.40
N CYS C 207 -13.47 34.50 -18.44
CA CYS C 207 -14.26 35.09 -19.51
C CYS C 207 -15.73 35.15 -19.17
N PHE C 208 -16.25 34.15 -18.45
CA PHE C 208 -17.63 34.23 -17.99
C PHE C 208 -17.80 35.38 -17.01
N TYR C 209 -16.90 35.47 -16.03
CA TYR C 209 -17.03 36.47 -15.00
C TYR C 209 -16.91 37.88 -15.55
N TYR C 210 -16.14 38.06 -16.62
CA TYR C 210 -16.12 39.38 -17.24
C TYR C 210 -17.38 39.62 -18.02
N LEU C 211 -17.98 38.58 -18.58
CA LEU C 211 -19.19 38.75 -19.34
C LEU C 211 -20.32 39.22 -18.44
N ILE C 212 -20.37 38.71 -17.21
CA ILE C 212 -21.38 39.15 -16.26
C ILE C 212 -21.23 40.63 -15.97
N ALA C 213 -20.01 41.14 -16.03
CA ALA C 213 -19.81 42.56 -15.75
C ALA C 213 -20.09 43.42 -16.97
N ALA C 214 -19.69 42.95 -18.16
CA ALA C 214 -19.92 43.76 -19.35
C ALA C 214 -21.39 43.87 -19.67
N ARG C 215 -22.17 42.83 -19.38
CA ARG C 215 -23.59 42.84 -19.69
C ARG C 215 -24.40 43.63 -18.69
N ASN C 216 -23.90 43.79 -17.47
CA ASN C 216 -24.62 44.52 -16.43
C ASN C 216 -25.03 45.89 -16.94
N SER C 217 -26.19 46.35 -16.49
CA SER C 217 -26.72 47.61 -16.98
C SER C 217 -25.87 48.79 -16.52
N ASN C 218 -25.72 48.95 -15.22
CA ASN C 218 -24.87 49.98 -14.67
C ASN C 218 -23.46 49.44 -14.52
N PRO C 219 -22.48 49.99 -15.23
CA PRO C 219 -21.12 49.43 -15.16
C PRO C 219 -20.43 49.67 -13.85
N ALA C 220 -20.82 50.68 -13.10
CA ALA C 220 -20.09 51.03 -11.89
C ALA C 220 -20.45 50.16 -10.70
N LYS C 221 -21.38 49.23 -10.84
CA LYS C 221 -21.73 48.30 -9.77
C LYS C 221 -21.27 46.89 -10.08
N THR C 222 -20.23 46.76 -10.88
CA THR C 222 -19.68 45.47 -11.24
C THR C 222 -18.44 45.19 -10.41
N TRP C 223 -17.97 43.95 -10.47
CA TRP C 223 -16.77 43.63 -9.72
C TRP C 223 -15.56 44.38 -10.23
N ILE C 224 -15.52 44.67 -11.52
CA ILE C 224 -14.37 45.33 -12.11
C ILE C 224 -14.62 46.82 -12.16
N GLY C 225 -15.87 47.23 -12.29
CA GLY C 225 -16.17 48.64 -12.30
C GLY C 225 -15.92 49.31 -10.96
N ALA C 226 -15.95 48.54 -9.89
CA ALA C 226 -15.69 49.12 -8.57
C ALA C 226 -14.24 49.54 -8.43
N ASN C 227 -13.33 48.82 -9.07
CA ASN C 227 -11.90 49.10 -8.93
C ASN C 227 -11.42 50.13 -9.95
N VAL C 228 -11.53 49.81 -11.22
CA VAL C 228 -11.13 50.70 -12.30
C VAL C 228 -12.37 51.40 -12.83
N ALA C 229 -12.30 52.72 -12.95
CA ALA C 229 -13.50 53.50 -13.26
C ALA C 229 -14.04 53.16 -14.64
N ASN C 230 -13.28 53.50 -15.68
CA ASN C 230 -13.75 53.36 -17.06
C ASN C 230 -13.19 52.08 -17.68
N PHE C 231 -13.62 50.94 -17.14
CA PHE C 231 -13.04 49.71 -17.62
C PHE C 231 -13.49 49.38 -19.04
N LEU C 232 -14.50 50.06 -19.55
CA LEU C 232 -14.92 49.80 -20.92
C LEU C 232 -14.09 50.57 -21.93
N GLU C 233 -13.16 51.40 -21.48
CA GLU C 233 -12.30 52.16 -22.38
C GLU C 233 -10.84 51.77 -22.22
N GLU C 234 -10.58 50.53 -21.84
CA GLU C 234 -9.22 50.02 -21.70
C GLU C 234 -8.95 48.96 -22.74
N SER C 235 -7.67 48.76 -23.00
CA SER C 235 -7.29 47.75 -23.97
C SER C 235 -7.78 46.38 -23.55
N LEU C 236 -8.15 45.58 -24.53
CA LEU C 236 -8.51 44.20 -24.24
C LEU C 236 -7.40 43.48 -23.51
N TRP C 237 -6.16 43.94 -23.65
CA TRP C 237 -5.08 43.36 -22.89
C TRP C 237 -5.24 43.65 -21.41
N MET C 238 -5.56 44.89 -21.07
CA MET C 238 -5.73 45.26 -19.67
C MET C 238 -6.91 44.54 -19.05
N ARG C 239 -8.03 44.47 -19.77
CA ARG C 239 -9.21 43.83 -19.22
C ARG C 239 -9.04 42.33 -19.11
N TYR C 240 -8.37 41.71 -20.08
CA TYR C 240 -8.20 40.28 -20.02
C TYR C 240 -7.24 39.88 -18.92
N VAL C 241 -6.23 40.70 -18.64
CA VAL C 241 -5.30 40.36 -17.58
C VAL C 241 -5.96 40.53 -16.22
N THR C 242 -6.73 41.60 -16.04
CA THR C 242 -7.42 41.80 -14.78
C THR C 242 -8.32 40.63 -14.45
N SER C 243 -9.22 40.27 -15.37
CA SER C 243 -10.15 39.20 -15.10
C SER C 243 -9.44 37.86 -14.95
N MET C 244 -8.34 37.68 -15.67
CA MET C 244 -7.57 36.47 -15.48
C MET C 244 -6.83 36.49 -14.17
N TYR C 245 -6.59 37.68 -13.64
CA TYR C 245 -5.94 37.81 -12.34
C TYR C 245 -6.89 37.46 -11.22
N TRP C 246 -8.09 38.04 -11.23
CA TRP C 246 -9.10 37.63 -10.25
C TRP C 246 -9.29 36.13 -10.26
N SER C 247 -9.38 35.56 -11.45
CA SER C 247 -9.79 34.17 -11.59
C SER C 247 -8.82 33.22 -10.95
N ILE C 248 -7.60 33.64 -10.70
CA ILE C 248 -6.59 32.74 -10.18
C ILE C 248 -6.22 33.04 -8.73
N THR C 249 -6.47 34.25 -8.25
CA THR C 249 -6.40 34.43 -6.81
C THR C 249 -7.61 33.85 -6.11
N THR C 250 -8.58 33.38 -6.87
CA THR C 250 -9.70 32.64 -6.29
C THR C 250 -9.48 31.15 -6.40
N LEU C 251 -8.92 30.68 -7.51
CA LEU C 251 -8.67 29.26 -7.65
C LEU C 251 -7.64 28.78 -6.64
N THR C 252 -6.60 29.55 -6.43
CA THR C 252 -5.57 29.18 -5.49
C THR C 252 -5.94 29.48 -4.06
N THR C 253 -7.06 30.16 -3.84
CA THR C 253 -7.56 30.55 -2.53
C THR C 253 -6.69 31.58 -1.87
N VAL C 254 -5.90 32.33 -2.63
CA VAL C 254 -5.23 33.49 -2.05
C VAL C 254 -6.26 34.53 -1.69
N GLY C 255 -7.00 35.00 -2.66
CA GLY C 255 -8.09 35.91 -2.40
C GLY C 255 -7.64 37.19 -1.74
N TYR C 256 -6.87 37.99 -2.46
CA TYR C 256 -6.41 39.26 -1.91
C TYR C 256 -7.59 40.12 -1.50
N GLY C 257 -8.65 40.11 -2.29
CA GLY C 257 -9.83 40.87 -1.96
C GLY C 257 -9.92 42.22 -2.62
N ASP C 258 -9.03 42.55 -3.54
CA ASP C 258 -9.17 43.81 -4.25
C ASP C 258 -10.32 43.74 -5.24
N LEU C 259 -10.48 42.61 -5.90
CA LEU C 259 -11.58 42.36 -6.82
C LEU C 259 -12.44 41.25 -6.27
N HIS C 260 -13.72 41.51 -6.09
CA HIS C 260 -14.62 40.56 -5.48
C HIS C 260 -16.03 40.88 -5.92
N PRO C 261 -16.96 39.94 -5.81
CA PRO C 261 -18.32 40.20 -6.25
C PRO C 261 -18.97 41.36 -5.53
N VAL C 262 -19.89 42.02 -6.21
CA VAL C 262 -20.48 43.24 -5.70
C VAL C 262 -22.01 43.14 -5.67
N ASN C 263 -22.57 42.34 -6.55
CA ASN C 263 -24.01 42.14 -6.59
C ASN C 263 -24.31 40.66 -6.66
N THR C 264 -25.59 40.32 -6.48
CA THR C 264 -25.93 38.91 -6.28
C THR C 264 -25.65 38.08 -7.51
N LYS C 265 -25.85 38.66 -8.69
CA LYS C 265 -25.57 37.92 -9.92
C LYS C 265 -24.12 37.43 -9.95
N GLU C 266 -23.20 38.23 -9.41
CA GLU C 266 -21.82 37.81 -9.35
C GLU C 266 -21.56 36.88 -8.18
N MET C 267 -22.20 37.13 -7.04
CA MET C 267 -22.03 36.24 -5.91
C MET C 267 -22.45 34.83 -6.24
N ILE C 268 -23.45 34.66 -7.09
CA ILE C 268 -23.94 33.32 -7.37
C ILE C 268 -22.97 32.59 -8.27
N PHE C 269 -22.45 33.26 -9.29
CA PHE C 269 -21.39 32.64 -10.09
C PHE C 269 -20.23 32.24 -9.22
N ASP C 270 -19.84 33.11 -8.30
CA ASP C 270 -18.68 32.84 -7.46
C ASP C 270 -18.94 31.71 -6.49
N ILE C 271 -20.16 31.56 -6.02
CA ILE C 271 -20.49 30.45 -5.12
C ILE C 271 -20.23 29.13 -5.82
N PHE C 272 -20.51 29.06 -7.12
CA PHE C 272 -20.29 27.82 -7.84
C PHE C 272 -18.85 27.67 -8.28
N TYR C 273 -18.18 28.76 -8.62
CA TYR C 273 -16.76 28.67 -8.93
C TYR C 273 -15.98 28.21 -7.71
N MET C 274 -16.22 28.82 -6.56
CA MET C 274 -15.49 28.40 -5.36
C MET C 274 -15.84 26.99 -4.94
N LEU C 275 -17.02 26.50 -5.31
CA LEU C 275 -17.35 25.11 -5.02
C LEU C 275 -16.61 24.18 -5.95
N PHE C 276 -16.60 24.49 -7.23
CA PHE C 276 -15.82 23.72 -8.19
C PHE C 276 -14.39 23.56 -7.73
N ASN C 277 -13.74 24.67 -7.37
CA ASN C 277 -12.33 24.62 -7.02
C ASN C 277 -12.08 23.73 -5.82
N LEU C 278 -12.99 23.72 -4.86
CA LEU C 278 -12.81 22.86 -3.70
C LEU C 278 -12.64 21.42 -4.12
N GLY C 279 -13.44 20.96 -5.07
CA GLY C 279 -13.30 19.62 -5.56
C GLY C 279 -12.07 19.47 -6.43
N LEU C 280 -11.76 20.49 -7.20
CA LEU C 280 -10.64 20.38 -8.13
C LEU C 280 -9.32 20.33 -7.41
N THR C 281 -9.10 21.21 -6.44
CA THR C 281 -7.83 21.17 -5.72
C THR C 281 -7.73 19.92 -4.87
N ALA C 282 -8.84 19.42 -4.36
CA ALA C 282 -8.80 18.14 -3.66
C ALA C 282 -8.44 17.03 -4.61
N TYR C 283 -8.74 17.20 -5.89
CA TYR C 283 -8.41 16.19 -6.88
C TYR C 283 -6.97 16.29 -7.33
N LEU C 284 -6.40 17.49 -7.36
CA LEU C 284 -4.99 17.63 -7.69
C LEU C 284 -4.12 17.02 -6.61
N ILE C 285 -4.35 17.41 -5.36
CA ILE C 285 -3.52 16.91 -4.27
C ILE C 285 -3.60 15.41 -4.18
N GLY C 286 -4.75 14.83 -4.53
CA GLY C 286 -4.83 13.38 -4.58
C GLY C 286 -3.97 12.80 -5.68
N ASN C 287 -3.89 13.49 -6.81
CA ASN C 287 -3.13 12.96 -7.93
C ASN C 287 -1.65 13.21 -7.79
N MET C 288 -1.25 14.32 -7.16
CA MET C 288 0.16 14.54 -6.92
C MET C 288 0.69 13.65 -5.82
N THR C 289 -0.16 13.19 -4.91
CA THR C 289 0.29 12.20 -3.94
C THR C 289 0.60 10.89 -4.62
N ASN C 290 -0.18 10.55 -5.65
CA ASN C 290 0.10 9.35 -6.41
C ASN C 290 1.43 9.45 -7.15
N LEU C 291 1.67 10.60 -7.78
CA LEU C 291 2.91 10.76 -8.53
C LEU C 291 4.11 10.69 -7.62
N VAL C 292 3.99 11.18 -6.39
CA VAL C 292 5.13 11.21 -5.49
C VAL C 292 5.40 9.84 -4.92
N VAL C 293 4.35 9.13 -4.54
CA VAL C 293 4.49 7.81 -3.93
C VAL C 293 5.26 6.88 -4.85
N HIS C 294 4.97 6.94 -6.14
CA HIS C 294 5.62 6.05 -7.09
C HIS C 294 6.95 6.59 -7.59
N GLY C 295 7.20 7.89 -7.45
CA GLY C 295 8.47 8.44 -7.88
C GLY C 295 9.59 8.13 -6.91
N THR C 296 9.26 7.94 -5.64
CA THR C 296 10.25 7.66 -4.60
C THR C 296 10.35 6.19 -4.26
N SER C 297 9.50 5.34 -4.83
CA SER C 297 9.48 3.94 -4.43
C SER C 297 10.84 3.29 -4.58
N ARG C 298 11.55 3.60 -5.67
CA ARG C 298 12.84 2.96 -5.92
C ARG C 298 13.84 3.28 -4.83
N THR C 299 14.02 4.57 -4.54
CA THR C 299 15.05 4.97 -3.60
C THR C 299 14.76 4.43 -2.21
N ARG C 300 13.49 4.38 -1.83
CA ARG C 300 13.16 3.85 -0.51
C ARG C 300 12.91 2.35 -0.54
N ASN C 301 13.06 1.71 -1.69
CA ASN C 301 13.18 0.27 -1.72
C ASN C 301 14.63 -0.17 -1.58
N PHE C 302 15.53 0.53 -2.27
CA PHE C 302 16.95 0.26 -2.11
C PHE C 302 17.39 0.46 -0.68
N ARG C 303 16.71 1.34 0.05
CA ARG C 303 17.06 1.53 1.45
C ARG C 303 16.56 0.38 2.32
N ASP C 304 15.47 -0.26 1.91
CA ASP C 304 14.99 -1.42 2.65
C ASP C 304 15.87 -2.63 2.42
N THR C 305 16.46 -2.74 1.24
CA THR C 305 17.36 -3.86 0.96
C THR C 305 18.63 -3.76 1.77
N ILE C 306 19.32 -2.61 1.70
CA ILE C 306 20.55 -2.45 2.46
C ILE C 306 20.29 -2.56 3.94
N GLN C 307 19.13 -2.10 4.41
CA GLN C 307 18.82 -2.24 5.82
C GLN C 307 18.72 -3.70 6.21
N ALA C 308 17.92 -4.48 5.48
CA ALA C 308 17.79 -5.90 5.77
C ALA C 308 19.14 -6.61 5.70
N ALA C 309 19.99 -6.20 4.77
CA ALA C 309 21.28 -6.86 4.63
C ALA C 309 22.24 -6.54 5.74
N SER C 310 21.96 -5.53 6.56
CA SER C 310 22.80 -5.26 7.71
C SER C 310 22.26 -5.94 8.96
N ASN C 311 20.95 -5.93 9.11
CA ASN C 311 20.31 -6.64 10.24
C ASN C 311 20.75 -8.09 10.14
N PHE C 312 20.62 -8.67 8.94
CA PHE C 312 20.96 -10.10 8.78
C PHE C 312 22.42 -10.31 9.14
N ALA C 313 23.31 -9.44 8.70
CA ALA C 313 24.73 -9.58 9.06
C ALA C 313 24.88 -9.35 10.56
N HIS C 314 24.12 -8.42 11.12
CA HIS C 314 24.28 -8.15 12.57
C HIS C 314 23.89 -9.31 13.47
N ARG C 315 22.80 -10.00 13.18
CA ARG C 315 22.38 -11.11 14.08
C ARG C 315 23.48 -12.18 14.15
N ASN C 316 24.12 -12.50 13.03
CA ASN C 316 25.17 -13.56 13.03
C ASN C 316 26.54 -13.04 13.44
N HIS C 317 26.66 -11.74 13.73
CA HIS C 317 27.98 -11.16 14.10
C HIS C 317 29.00 -11.54 13.04
N LEU C 318 28.67 -11.29 11.78
CA LEU C 318 29.56 -11.58 10.67
C LEU C 318 30.83 -10.74 10.78
N PRO C 319 31.96 -11.27 10.37
CA PRO C 319 33.19 -10.48 10.41
C PRO C 319 33.09 -9.29 9.50
N PRO C 320 33.71 -8.17 9.86
CA PRO C 320 33.57 -6.95 9.05
C PRO C 320 34.17 -7.09 7.66
N ARG C 321 35.19 -7.92 7.50
CA ARG C 321 35.71 -8.18 6.17
C ARG C 321 34.62 -8.73 5.26
N LEU C 322 33.74 -9.55 5.81
CA LEU C 322 32.67 -10.15 5.01
C LEU C 322 31.44 -9.27 4.92
N GLN C 323 31.13 -8.51 5.97
CA GLN C 323 30.05 -7.54 5.88
C GLN C 323 30.35 -6.48 4.83
N ASP C 324 31.63 -6.27 4.53
CA ASP C 324 32.01 -5.42 3.42
C ASP C 324 31.52 -5.98 2.09
N GLN C 325 31.82 -7.25 1.82
CA GLN C 325 31.55 -7.82 0.51
C GLN C 325 30.08 -7.75 0.16
N MET C 326 29.20 -8.07 1.11
CA MET C 326 27.78 -8.10 0.82
C MET C 326 27.29 -6.76 0.29
N LEU C 327 27.55 -5.69 1.05
CA LEU C 327 27.07 -4.39 0.63
C LEU C 327 27.78 -3.89 -0.61
N ALA C 328 28.97 -4.39 -0.90
CA ALA C 328 29.60 -4.07 -2.17
C ALA C 328 28.89 -4.75 -3.34
N HIS C 329 28.12 -5.79 -3.08
CA HIS C 329 27.39 -6.49 -4.12
C HIS C 329 25.93 -6.11 -4.20
N LEU C 330 25.35 -5.60 -3.11
CA LEU C 330 23.97 -5.16 -3.17
C LEU C 330 23.88 -3.75 -3.73
N CYS C 331 24.81 -2.88 -3.37
CA CYS C 331 24.85 -1.56 -3.98
C CYS C 331 25.05 -1.68 -5.48
N LEU C 332 26.02 -2.48 -5.89
CA LEU C 332 26.25 -2.71 -7.31
C LEU C 332 24.98 -3.23 -7.99
N LYS C 333 24.28 -4.16 -7.32
CA LYS C 333 23.10 -4.76 -7.94
C LYS C 333 22.03 -3.72 -8.24
N TYR C 334 21.80 -2.80 -7.32
CA TYR C 334 20.81 -1.77 -7.56
C TYR C 334 21.34 -0.66 -8.46
N ARG C 335 22.63 -0.38 -8.42
CA ARG C 335 23.09 0.65 -9.40
C ARG C 335 22.95 0.07 -10.81
N THR C 336 23.56 -1.08 -11.07
CA THR C 336 23.46 -1.71 -12.42
C THR C 336 22.01 -2.13 -12.71
N ASP C 337 21.27 -2.48 -11.68
CA ASP C 337 19.82 -2.80 -11.88
C ASP C 337 19.16 -1.55 -12.46
N SER C 338 19.58 -0.38 -11.98
CA SER C 338 19.04 0.91 -12.47
C SER C 338 19.39 1.05 -13.95
N GLU C 339 20.61 0.64 -14.35
CA GLU C 339 21.07 0.67 -15.76
C GLU C 339 20.19 -0.26 -16.61
N GLY C 340 19.75 -1.38 -16.05
CA GLY C 340 18.92 -2.33 -16.80
C GLY C 340 19.74 -3.51 -17.28
N LEU C 341 21.04 -3.48 -17.00
CA LEU C 341 21.87 -4.67 -17.35
C LEU C 341 21.46 -5.82 -16.42
N GLN C 342 21.30 -5.52 -15.14
CA GLN C 342 21.01 -6.56 -14.10
C GLN C 342 19.87 -7.48 -14.53
N GLN C 343 19.05 -7.01 -15.48
CA GLN C 343 17.94 -7.76 -16.13
C GLN C 343 17.87 -9.27 -15.83
N GLN C 344 17.68 -9.68 -14.59
CA GLN C 344 17.58 -11.12 -14.32
C GLN C 344 16.20 -11.40 -13.73
N GLU C 345 15.57 -10.36 -13.18
CA GLU C 345 14.24 -10.49 -12.57
C GLU C 345 13.24 -10.91 -13.65
N THR C 346 13.32 -10.27 -14.81
CA THR C 346 12.43 -10.60 -15.95
C THR C 346 12.78 -12.01 -16.44
N LEU C 347 14.07 -12.31 -16.45
CA LEU C 347 14.59 -13.61 -16.96
C LEU C 347 14.04 -14.78 -16.13
N ASP C 348 14.11 -14.68 -14.81
CA ASP C 348 13.70 -15.81 -13.92
C ASP C 348 12.20 -16.09 -13.99
N ALA C 349 11.38 -15.06 -14.20
CA ALA C 349 9.91 -15.24 -14.17
C ALA C 349 9.43 -16.27 -15.19
N LEU C 350 10.02 -16.33 -16.37
CA LEU C 350 9.51 -17.27 -17.41
C LEU C 350 9.85 -18.73 -17.09
N PRO C 351 9.12 -19.67 -17.71
CA PRO C 351 9.35 -21.10 -17.55
C PRO C 351 10.65 -21.55 -18.23
N LYS C 352 11.38 -22.46 -17.58
CA LYS C 352 12.68 -22.96 -18.11
C LYS C 352 12.56 -23.42 -19.56
N ALA C 353 11.35 -23.67 -20.03
CA ALA C 353 11.22 -24.08 -21.41
C ALA C 353 11.35 -22.90 -22.36
N ILE C 354 10.87 -21.72 -21.97
CA ILE C 354 11.01 -20.51 -22.76
C ILE C 354 12.22 -19.69 -22.32
N ARG C 355 12.54 -19.72 -21.03
CA ARG C 355 13.67 -18.98 -20.53
C ARG C 355 14.95 -19.44 -21.21
N SER C 356 15.08 -20.73 -21.47
CA SER C 356 16.25 -21.22 -22.16
C SER C 356 16.30 -20.74 -23.60
N SER C 357 15.13 -20.53 -24.21
CA SER C 357 15.12 -20.11 -25.60
C SER C 357 15.79 -18.76 -25.80
N ILE C 358 15.77 -17.90 -24.79
CA ILE C 358 16.46 -16.62 -24.89
C ILE C 358 17.93 -16.79 -24.51
N SER C 359 18.20 -17.51 -23.43
CA SER C 359 19.57 -17.68 -22.98
C SER C 359 20.43 -18.34 -24.05
N HIS C 360 19.83 -19.20 -24.88
CA HIS C 360 20.57 -19.75 -25.99
C HIS C 360 20.88 -18.67 -27.02
N PHE C 361 19.98 -17.71 -27.18
CA PHE C 361 20.20 -16.68 -28.19
C PHE C 361 21.39 -15.80 -27.86
N LEU C 362 21.68 -15.61 -26.57
CA LEU C 362 22.75 -14.70 -26.19
C LEU C 362 24.11 -15.38 -26.11
N PHE C 363 24.25 -16.38 -25.25
CA PHE C 363 25.55 -16.91 -24.91
C PHE C 363 25.98 -18.08 -25.79
N TYR C 364 25.26 -18.33 -26.88
CA TYR C 364 25.71 -19.37 -27.81
C TYR C 364 26.84 -18.85 -28.68
N SER C 365 26.60 -17.72 -29.36
CA SER C 365 27.62 -17.13 -30.22
C SER C 365 28.89 -16.82 -29.43
N LEU C 366 28.80 -16.77 -28.11
CA LEU C 366 29.99 -16.62 -27.29
C LEU C 366 30.61 -17.99 -26.96
N MET C 367 29.76 -18.97 -26.67
CA MET C 367 30.25 -20.24 -26.16
C MET C 367 30.89 -21.11 -27.24
N ASP C 368 30.44 -21.00 -28.49
CA ASP C 368 31.02 -21.85 -29.54
C ASP C 368 32.49 -21.57 -29.77
N LYS C 369 33.02 -20.46 -29.26
CA LYS C 369 34.43 -20.13 -29.42
C LYS C 369 35.32 -20.75 -28.36
N VAL C 370 34.75 -21.15 -27.21
CA VAL C 370 35.56 -21.75 -26.16
C VAL C 370 36.22 -23.01 -26.71
N TYR C 371 37.45 -23.26 -26.28
CA TYR C 371 38.27 -24.26 -26.96
C TYR C 371 37.82 -25.68 -26.66
N LEU C 372 37.40 -25.96 -25.42
CA LEU C 372 37.12 -27.33 -25.07
C LEU C 372 35.76 -27.79 -25.59
N PHE C 373 34.86 -26.88 -25.93
CA PHE C 373 33.59 -27.24 -26.53
C PHE C 373 33.65 -27.31 -28.05
N ARG C 374 34.84 -27.55 -28.61
CA ARG C 374 35.02 -27.49 -30.05
C ARG C 374 34.54 -28.79 -30.70
N GLY C 375 33.71 -28.65 -31.72
CA GLY C 375 33.27 -29.80 -32.49
C GLY C 375 32.45 -30.81 -31.72
N VAL C 376 31.37 -30.34 -31.09
CA VAL C 376 30.45 -31.20 -30.37
C VAL C 376 29.05 -30.93 -30.91
N SER C 377 28.17 -31.93 -30.79
CA SER C 377 26.84 -31.83 -31.37
C SER C 377 26.08 -30.66 -30.77
N ASN C 378 25.32 -29.96 -31.63
CA ASN C 378 24.66 -28.73 -31.22
C ASN C 378 23.60 -28.95 -30.15
N ASP C 379 23.23 -30.20 -29.86
CA ASP C 379 22.16 -30.44 -28.91
C ASP C 379 22.57 -30.07 -27.49
N LEU C 380 23.66 -30.67 -26.98
CA LEU C 380 23.98 -30.47 -25.57
C LEU C 380 24.49 -29.05 -25.33
N LEU C 381 25.30 -28.51 -26.24
CA LEU C 381 25.76 -27.14 -26.09
C LEU C 381 24.59 -26.19 -25.89
N PHE C 382 23.45 -26.51 -26.50
CA PHE C 382 22.24 -25.75 -26.21
C PHE C 382 21.77 -25.99 -24.78
N GLN C 383 21.66 -27.26 -24.37
CA GLN C 383 21.20 -27.54 -23.02
C GLN C 383 22.29 -27.28 -21.99
N LEU C 384 23.56 -27.30 -22.39
CA LEU C 384 24.64 -26.93 -21.48
C LEU C 384 24.60 -25.44 -21.18
N VAL C 385 24.20 -24.63 -22.18
CA VAL C 385 24.05 -23.20 -21.97
C VAL C 385 22.92 -22.91 -21.01
N SER C 386 21.81 -23.64 -21.15
CA SER C 386 20.60 -23.30 -20.41
C SER C 386 20.79 -23.41 -18.90
N GLU C 387 21.77 -24.21 -18.46
CA GLU C 387 21.97 -24.46 -17.04
C GLU C 387 23.14 -23.66 -16.47
N MET C 388 23.41 -22.49 -17.03
CA MET C 388 24.39 -21.57 -16.48
C MET C 388 23.66 -20.34 -15.98
N LYS C 389 24.19 -19.74 -14.91
CA LYS C 389 23.60 -18.55 -14.31
C LYS C 389 24.62 -17.43 -14.32
N ALA C 390 24.15 -16.22 -14.64
CA ALA C 390 25.02 -15.07 -14.72
C ALA C 390 25.12 -14.40 -13.35
N GLU C 391 26.23 -13.72 -13.12
CA GLU C 391 26.46 -13.04 -11.84
C GLU C 391 27.54 -12.00 -12.04
N TYR C 392 27.22 -10.74 -11.77
CA TYR C 392 28.18 -9.67 -11.96
C TYR C 392 29.14 -9.61 -10.79
N PHE C 393 30.29 -9.03 -11.03
CA PHE C 393 31.30 -8.98 -9.98
C PHE C 393 31.99 -7.64 -9.94
N PRO C 394 31.87 -6.88 -8.85
CA PRO C 394 32.56 -5.59 -8.77
C PRO C 394 34.05 -5.80 -8.89
N PRO C 395 34.77 -4.83 -9.44
CA PRO C 395 36.18 -5.05 -9.72
C PRO C 395 36.99 -5.21 -8.45
N LYS C 396 38.16 -5.84 -8.62
CA LYS C 396 39.08 -6.15 -7.53
C LYS C 396 38.50 -7.16 -6.55
N GLU C 397 37.48 -7.91 -6.97
CA GLU C 397 36.90 -8.98 -6.15
C GLU C 397 37.46 -10.31 -6.62
N ASP C 398 38.04 -11.07 -5.68
CA ASP C 398 38.62 -12.36 -6.00
C ASP C 398 37.50 -13.37 -6.21
N VAL C 399 37.25 -13.74 -7.46
CA VAL C 399 36.15 -14.64 -7.76
C VAL C 399 36.54 -16.09 -7.51
N ILE C 400 37.78 -16.46 -7.77
CA ILE C 400 38.24 -17.81 -7.49
C ILE C 400 39.70 -17.76 -7.04
N LEU C 401 39.94 -17.94 -5.75
CA LEU C 401 41.27 -17.76 -5.21
C LEU C 401 42.13 -19.00 -5.46
N GLN C 402 43.38 -18.93 -5.02
CA GLN C 402 44.34 -19.99 -5.28
C GLN C 402 44.13 -21.15 -4.32
N ASN C 403 44.64 -22.32 -4.72
CA ASN C 403 44.60 -23.57 -3.95
C ASN C 403 43.26 -23.77 -3.24
N GLU C 404 42.17 -23.48 -3.92
CA GLU C 404 40.84 -23.69 -3.40
C GLU C 404 40.28 -24.99 -3.97
N ALA C 405 39.45 -25.67 -3.17
CA ALA C 405 38.80 -26.89 -3.62
C ALA C 405 38.07 -26.65 -4.94
N PRO C 406 38.25 -27.50 -5.93
CA PRO C 406 37.72 -27.22 -7.27
C PRO C 406 36.21 -27.39 -7.35
N THR C 407 35.47 -26.33 -7.05
CA THR C 407 34.03 -26.44 -7.00
C THR C 407 33.34 -25.99 -8.29
N ASP C 408 33.78 -24.90 -8.90
CA ASP C 408 33.08 -24.32 -10.05
C ASP C 408 34.04 -24.08 -11.20
N PHE C 409 33.48 -23.54 -12.28
CA PHE C 409 34.24 -23.05 -13.42
C PHE C 409 33.33 -22.10 -14.20
N TYR C 410 33.90 -21.02 -14.70
CA TYR C 410 33.10 -19.92 -15.22
C TYR C 410 33.36 -19.70 -16.71
N ILE C 411 32.45 -18.93 -17.32
CA ILE C 411 32.61 -18.43 -18.68
C ILE C 411 32.45 -16.92 -18.62
N LEU C 412 33.45 -16.20 -19.12
CA LEU C 412 33.52 -14.75 -18.95
C LEU C 412 32.89 -14.06 -20.13
N VAL C 413 31.76 -13.39 -19.90
CA VAL C 413 30.99 -12.77 -20.96
C VAL C 413 31.49 -11.37 -21.28
N ASN C 414 31.44 -10.47 -20.30
CA ASN C 414 31.81 -9.09 -20.53
C ASN C 414 32.79 -8.63 -19.47
N GLY C 415 33.85 -7.98 -19.90
CA GLY C 415 34.82 -7.44 -18.97
C GLY C 415 36.18 -8.09 -19.13
N THR C 416 36.98 -7.93 -18.08
CA THR C 416 38.32 -8.48 -18.08
C THR C 416 38.77 -8.72 -16.66
N ALA C 417 39.47 -9.83 -16.44
CA ALA C 417 40.08 -10.14 -15.17
C ALA C 417 41.46 -10.68 -15.45
N ASP C 418 42.15 -11.13 -14.40
CA ASP C 418 43.50 -11.66 -14.57
C ASP C 418 43.88 -12.56 -13.40
N LEU C 419 44.66 -13.59 -13.71
CA LEU C 419 45.17 -14.49 -12.69
C LEU C 419 46.48 -13.97 -12.12
N VAL C 420 46.65 -14.18 -10.83
CA VAL C 420 47.89 -13.84 -10.13
C VAL C 420 48.12 -14.88 -9.05
N ASP C 421 49.38 -15.26 -8.85
CA ASP C 421 49.77 -16.31 -7.93
C ASP C 421 50.22 -15.73 -6.60
N VAL C 422 49.86 -16.40 -5.52
CA VAL C 422 50.33 -16.02 -4.19
C VAL C 422 51.64 -16.78 -3.95
N ASP C 423 52.71 -16.22 -4.50
CA ASP C 423 54.06 -16.76 -4.36
C ASP C 423 54.83 -15.88 -3.40
N THR C 424 55.43 -16.48 -2.38
CA THR C 424 56.41 -15.82 -1.51
C THR C 424 55.87 -14.51 -0.95
N GLY C 425 54.54 -14.36 -0.98
CA GLY C 425 53.93 -13.09 -0.64
C GLY C 425 53.99 -12.04 -1.72
N THR C 426 54.62 -12.33 -2.87
CA THR C 426 54.64 -11.39 -3.98
C THR C 426 53.59 -11.79 -5.02
N GLU C 427 52.78 -10.83 -5.42
CA GLU C 427 51.68 -11.07 -6.37
C GLU C 427 52.20 -10.83 -7.78
N SER C 428 52.60 -11.90 -8.45
CA SER C 428 53.14 -11.83 -9.82
C SER C 428 51.98 -12.01 -10.78
N ILE C 429 51.63 -10.96 -11.52
CA ILE C 429 50.55 -11.07 -12.48
C ILE C 429 50.96 -12.00 -13.61
N VAL C 430 50.00 -12.78 -14.10
CA VAL C 430 50.21 -13.62 -15.28
C VAL C 430 49.35 -13.07 -16.41
N ARG C 431 49.46 -13.65 -17.60
CA ARG C 431 48.66 -13.21 -18.73
C ARG C 431 47.20 -13.08 -18.32
N GLU C 432 46.60 -11.97 -18.70
CA GLU C 432 45.22 -11.69 -18.30
C GLU C 432 44.24 -12.44 -19.20
N VAL C 433 43.08 -12.72 -18.66
CA VAL C 433 42.02 -13.37 -19.41
C VAL C 433 41.09 -12.29 -19.95
N LYS C 434 40.63 -12.49 -21.17
CA LYS C 434 39.79 -11.50 -21.84
C LYS C 434 38.35 -11.99 -21.83
N ALA C 435 37.47 -11.16 -22.38
CA ALA C 435 36.05 -11.49 -22.43
C ALA C 435 35.81 -12.51 -23.55
N GLY C 436 35.51 -13.75 -23.17
CA GLY C 436 35.26 -14.78 -24.15
C GLY C 436 36.09 -16.03 -23.95
N ASP C 437 36.65 -16.21 -22.76
CA ASP C 437 37.39 -17.41 -22.43
C ASP C 437 36.91 -17.96 -21.09
N ILE C 438 37.65 -18.95 -20.58
CA ILE C 438 37.20 -19.77 -19.47
C ILE C 438 38.24 -19.73 -18.37
N ILE C 439 37.79 -19.82 -17.12
CA ILE C 439 38.66 -19.71 -15.97
C ILE C 439 38.56 -20.99 -15.15
N GLY C 440 39.58 -21.24 -14.33
CA GLY C 440 39.55 -22.34 -13.39
C GLY C 440 39.19 -23.69 -13.97
N GLU C 441 39.43 -23.88 -15.28
CA GLU C 441 38.95 -25.08 -15.95
C GLU C 441 39.80 -26.30 -15.60
N ILE C 442 41.09 -26.11 -15.39
CA ILE C 442 41.96 -27.26 -15.09
C ILE C 442 41.58 -27.87 -13.74
N GLY C 443 41.26 -27.03 -12.76
CA GLY C 443 40.92 -27.56 -11.45
C GLY C 443 39.59 -28.30 -11.45
N VAL C 444 38.58 -27.75 -12.10
CA VAL C 444 37.23 -28.31 -12.06
C VAL C 444 37.13 -29.65 -12.78
N LEU C 445 38.13 -30.01 -13.56
CA LEU C 445 38.13 -31.31 -14.24
C LEU C 445 39.18 -32.26 -13.70
N CYS C 446 40.42 -31.82 -13.56
CA CYS C 446 41.48 -32.66 -13.02
C CYS C 446 41.44 -32.74 -11.49
N TYR C 447 40.49 -32.05 -10.85
CA TYR C 447 40.33 -32.06 -9.40
C TYR C 447 41.64 -31.69 -8.70
N ARG C 448 42.29 -30.66 -9.19
CA ARG C 448 43.36 -30.17 -8.35
C ARG C 448 42.97 -28.84 -7.73
N PRO C 449 43.36 -28.58 -6.49
CA PRO C 449 43.11 -27.26 -5.89
C PRO C 449 43.51 -26.16 -6.86
N GLN C 450 42.76 -25.06 -6.80
CA GLN C 450 42.77 -24.07 -7.88
C GLN C 450 44.18 -23.62 -8.22
N LEU C 451 44.44 -23.48 -9.52
CA LEU C 451 45.78 -23.17 -10.01
C LEU C 451 46.24 -21.80 -9.52
N PHE C 452 45.44 -20.76 -9.76
CA PHE C 452 45.79 -19.41 -9.36
C PHE C 452 44.61 -18.75 -8.66
N THR C 453 44.72 -17.45 -8.42
CA THR C 453 43.58 -16.63 -8.09
C THR C 453 43.06 -15.98 -9.37
N VAL C 454 41.93 -15.29 -9.24
CA VAL C 454 41.40 -14.46 -10.32
C VAL C 454 40.76 -13.24 -9.66
N ARG C 455 41.26 -12.06 -9.99
CA ARG C 455 40.69 -10.81 -9.50
C ARG C 455 40.17 -10.01 -10.68
N THR C 456 38.95 -9.52 -10.54
CA THR C 456 38.32 -8.76 -11.61
C THR C 456 39.00 -7.40 -11.72
N LYS C 457 39.69 -7.17 -12.85
CA LYS C 457 40.26 -5.85 -13.11
C LYS C 457 39.16 -4.80 -13.15
N ARG C 458 38.19 -4.97 -14.03
CA ARG C 458 37.07 -4.07 -14.18
C ARG C 458 35.80 -4.73 -13.65
N LEU C 459 34.66 -4.10 -13.88
CA LEU C 459 33.37 -4.66 -13.55
C LEU C 459 33.02 -5.72 -14.57
N CYS C 460 33.06 -6.99 -14.16
CA CYS C 460 32.83 -8.11 -15.07
C CYS C 460 31.51 -8.81 -14.80
N GLN C 461 31.15 -9.69 -15.72
CA GLN C 461 29.92 -10.48 -15.62
C GLN C 461 30.20 -11.84 -16.23
N LEU C 462 30.05 -12.90 -15.45
CA LEU C 462 30.45 -14.23 -15.86
C LEU C 462 29.25 -15.16 -15.88
N LEU C 463 29.49 -16.38 -16.35
CA LEU C 463 28.50 -17.45 -16.35
C LEU C 463 29.03 -18.56 -15.46
N ARG C 464 28.19 -19.04 -14.54
CA ARG C 464 28.61 -20.03 -13.55
C ARG C 464 28.09 -21.41 -13.89
N MET C 465 28.92 -22.41 -13.63
CA MET C 465 28.50 -23.80 -13.71
C MET C 465 29.35 -24.61 -12.75
N ASN C 466 28.72 -25.17 -11.73
CA ASN C 466 29.45 -25.90 -10.71
C ASN C 466 29.91 -27.25 -11.24
N ARG C 467 30.78 -27.90 -10.47
CA ARG C 467 31.35 -29.17 -10.91
C ARG C 467 30.27 -30.24 -11.07
N THR C 468 29.35 -30.32 -10.10
CA THR C 468 28.36 -31.39 -10.12
C THR C 468 27.40 -31.23 -11.29
N THR C 469 26.62 -30.15 -11.30
CA THR C 469 25.60 -29.97 -12.33
C THR C 469 26.15 -30.16 -13.74
N PHE C 470 27.43 -29.92 -13.93
CA PHE C 470 28.05 -30.23 -15.20
C PHE C 470 28.28 -31.73 -15.34
N LEU C 471 28.85 -32.35 -14.31
CA LEU C 471 29.24 -33.76 -14.43
C LEU C 471 28.03 -34.65 -14.64
N ASN C 472 26.94 -34.40 -13.94
CA ASN C 472 25.77 -35.25 -14.16
C ASN C 472 25.14 -35.04 -15.51
N ILE C 473 25.69 -34.16 -16.34
CA ILE C 473 25.23 -33.97 -17.70
C ILE C 473 26.12 -34.71 -18.69
N ILE C 474 27.43 -34.59 -18.54
CA ILE C 474 28.34 -35.25 -19.46
C ILE C 474 28.27 -36.77 -19.29
N GLN C 475 28.20 -37.25 -18.04
CA GLN C 475 28.22 -38.69 -17.83
C GLN C 475 26.94 -39.37 -18.27
N ALA C 476 25.91 -38.60 -18.61
CA ALA C 476 24.75 -39.17 -19.28
C ALA C 476 24.93 -39.21 -20.79
N ASN C 477 25.96 -38.55 -21.32
CA ASN C 477 26.25 -38.49 -22.74
C ASN C 477 27.72 -38.78 -22.98
N VAL C 478 28.21 -39.88 -22.38
CA VAL C 478 29.62 -40.24 -22.47
C VAL C 478 30.08 -40.29 -23.91
N GLY C 479 29.17 -40.63 -24.83
CA GLY C 479 29.52 -40.66 -26.23
C GLY C 479 30.09 -39.36 -26.78
N ASP C 480 29.75 -38.24 -26.16
CA ASP C 480 30.34 -36.96 -26.53
C ASP C 480 31.31 -36.42 -25.49
N GLY C 481 31.41 -37.07 -24.33
CA GLY C 481 32.24 -36.53 -23.26
C GLY C 481 33.73 -36.59 -23.54
N THR C 482 34.20 -37.69 -24.14
CA THR C 482 35.62 -37.80 -24.46
C THR C 482 36.05 -36.69 -25.40
N ILE C 483 35.14 -36.21 -26.25
CA ILE C 483 35.44 -35.07 -27.11
C ILE C 483 35.84 -33.88 -26.27
N ILE C 484 35.31 -33.78 -25.05
CA ILE C 484 35.78 -32.77 -24.12
C ILE C 484 37.13 -33.20 -23.54
N MET C 485 37.26 -34.48 -23.20
CA MET C 485 38.48 -34.95 -22.55
C MET C 485 39.70 -34.72 -23.43
N ASN C 486 39.62 -35.09 -24.70
CA ASN C 486 40.79 -34.93 -25.57
C ASN C 486 41.00 -33.48 -25.95
N ASN C 487 39.92 -32.69 -26.08
CA ASN C 487 40.08 -31.28 -26.40
C ASN C 487 40.88 -30.56 -25.33
N LEU C 488 40.65 -30.92 -24.07
CA LEU C 488 41.42 -30.31 -22.98
C LEU C 488 42.89 -30.65 -23.11
N LEU C 489 43.20 -31.94 -23.28
CA LEU C 489 44.59 -32.35 -23.42
C LEU C 489 45.21 -31.75 -24.67
N GLN C 490 44.58 -31.96 -25.83
CA GLN C 490 45.08 -31.35 -27.06
C GLN C 490 45.37 -29.86 -26.86
N HIS C 491 44.48 -29.18 -26.14
CA HIS C 491 44.73 -27.79 -25.74
C HIS C 491 45.95 -27.68 -24.83
N LEU C 492 46.15 -28.67 -23.96
CA LEU C 492 47.28 -28.65 -23.04
C LEU C 492 48.60 -28.87 -23.75
N LYS C 493 48.58 -29.42 -24.97
CA LYS C 493 49.81 -29.53 -25.75
C LYS C 493 50.12 -28.25 -26.50
N GLU C 494 49.10 -27.54 -27.00
CA GLU C 494 49.36 -26.27 -27.65
C GLU C 494 50.03 -25.26 -26.72
N MET C 495 49.80 -25.39 -25.41
CA MET C 495 50.52 -24.59 -24.43
C MET C 495 51.84 -25.30 -24.10
N ASN C 496 52.91 -24.51 -24.00
CA ASN C 496 54.26 -25.01 -23.77
C ASN C 496 54.81 -24.30 -22.55
N ASP C 497 54.52 -24.85 -21.37
CA ASP C 497 54.86 -24.21 -20.11
C ASP C 497 55.39 -25.25 -19.15
N PRO C 498 56.22 -24.85 -18.18
CA PRO C 498 56.76 -25.84 -17.23
C PRO C 498 55.69 -26.50 -16.37
N VAL C 499 54.94 -25.72 -15.60
CA VAL C 499 53.96 -26.33 -14.70
C VAL C 499 52.62 -26.55 -15.39
N MET C 500 52.29 -25.73 -16.39
CA MET C 500 51.07 -25.99 -17.16
C MET C 500 51.17 -27.29 -17.94
N THR C 501 52.37 -27.82 -18.10
CA THR C 501 52.51 -29.17 -18.62
C THR C 501 52.73 -30.18 -17.51
N ASN C 502 52.62 -29.78 -16.24
CA ASN C 502 52.41 -30.78 -15.20
C ASN C 502 51.03 -31.37 -15.33
N VAL C 503 50.05 -30.57 -15.76
CA VAL C 503 48.72 -31.08 -16.04
C VAL C 503 48.77 -32.19 -17.07
N LEU C 504 49.83 -32.22 -17.89
CA LEU C 504 50.17 -33.43 -18.62
C LEU C 504 50.30 -34.61 -17.67
N LEU C 505 51.42 -34.66 -16.93
CA LEU C 505 51.71 -35.79 -16.06
C LEU C 505 50.69 -35.93 -14.95
N GLU C 506 50.03 -34.84 -14.55
CA GLU C 506 49.03 -34.93 -13.49
C GLU C 506 47.83 -35.75 -13.93
N ILE C 507 47.49 -35.70 -15.22
CA ILE C 507 46.36 -36.49 -15.69
C ILE C 507 46.79 -37.87 -16.21
N GLU C 508 48.08 -38.09 -16.45
CA GLU C 508 48.50 -39.41 -16.91
C GLU C 508 48.29 -40.47 -15.85
N ASN C 509 48.01 -40.06 -14.61
CA ASN C 509 47.50 -41.02 -13.63
C ASN C 509 46.09 -41.46 -14.01
N MET C 510 45.26 -40.52 -14.47
CA MET C 510 43.88 -40.85 -14.84
C MET C 510 43.82 -42.00 -15.85
N LEU C 511 44.87 -42.17 -16.68
CA LEU C 511 44.94 -43.37 -17.51
C LEU C 511 45.64 -44.52 -16.81
N ALA C 512 46.35 -44.24 -15.72
CA ALA C 512 46.99 -45.28 -14.92
C ALA C 512 46.09 -45.72 -13.77
N ARG C 513 45.69 -44.78 -12.94
CA ARG C 513 44.81 -45.08 -11.80
C ARG C 513 43.39 -45.35 -12.27
N LYS D 44 45.19 2.69 -3.59
CA LYS D 44 46.31 3.52 -4.00
C LYS D 44 46.16 3.93 -5.46
N LEU D 45 46.46 5.19 -5.76
CA LEU D 45 46.36 5.73 -7.11
C LEU D 45 47.67 6.42 -7.47
N ARG D 46 47.72 6.91 -8.71
CA ARG D 46 48.92 7.52 -9.24
C ARG D 46 49.34 8.71 -8.37
N ARG D 47 50.61 9.09 -8.50
CA ARG D 47 51.12 10.25 -7.80
C ARG D 47 50.37 11.51 -8.23
N PHE D 48 50.13 12.39 -7.27
CA PHE D 48 49.50 13.68 -7.54
C PHE D 48 48.09 13.53 -8.08
N VAL D 49 47.30 12.66 -7.46
CA VAL D 49 45.90 12.50 -7.81
C VAL D 49 45.13 12.16 -6.54
N VAL D 50 44.02 12.84 -6.34
CA VAL D 50 43.17 12.62 -5.17
C VAL D 50 41.91 11.89 -5.60
N SER D 51 41.53 10.90 -4.84
CA SER D 51 40.32 10.16 -5.18
C SER D 51 39.10 10.90 -4.67
N PRO D 52 37.97 10.78 -5.37
CA PRO D 52 36.76 11.46 -4.93
C PRO D 52 36.23 10.98 -3.60
N TYR D 53 36.63 9.78 -3.17
CA TYR D 53 36.14 9.23 -1.91
C TYR D 53 37.06 9.51 -0.75
N ASP D 54 38.19 10.17 -1.00
CA ASP D 54 39.05 10.58 0.09
C ASP D 54 38.25 11.33 1.14
N HIS D 55 38.67 11.20 2.38
CA HIS D 55 38.00 11.93 3.44
C HIS D 55 38.41 13.38 3.49
N LYS D 56 39.69 13.67 3.25
CA LYS D 56 40.13 15.05 3.19
C LYS D 56 39.33 15.83 2.16
N TYR D 57 39.15 15.26 0.96
CA TYR D 57 38.39 15.91 -0.07
C TYR D 57 36.94 16.08 0.35
N ARG D 58 36.27 14.97 0.67
CA ARG D 58 34.85 15.03 0.98
C ARG D 58 34.53 15.93 2.16
N ILE D 59 35.53 16.37 2.91
CA ILE D 59 35.29 17.36 3.96
C ILE D 59 35.49 18.77 3.45
N TRP D 60 36.12 18.94 2.29
CA TRP D 60 36.18 20.22 1.60
C TRP D 60 34.98 20.44 0.72
N GLU D 61 34.50 19.38 0.08
CA GLU D 61 33.28 19.48 -0.71
C GLU D 61 32.10 19.91 0.15
N ALA D 62 31.98 19.37 1.35
CA ALA D 62 30.88 19.77 2.21
C ALA D 62 31.05 21.15 2.78
N PHE D 63 32.21 21.76 2.61
CA PHE D 63 32.39 23.14 3.03
C PHE D 63 32.01 24.13 1.94
N LEU D 64 32.15 23.73 0.68
CA LEU D 64 31.66 24.57 -0.40
C LEU D 64 30.15 24.69 -0.38
N VAL D 65 29.46 23.68 0.15
CA VAL D 65 28.01 23.74 0.16
C VAL D 65 27.54 24.89 1.03
N VAL D 66 28.24 25.21 2.11
CA VAL D 66 27.81 26.38 2.86
C VAL D 66 28.15 27.64 2.10
N LEU D 67 29.16 27.61 1.23
CA LEU D 67 29.36 28.74 0.36
C LEU D 67 28.31 28.81 -0.72
N VAL D 68 27.68 27.69 -1.05
CA VAL D 68 26.62 27.71 -2.04
C VAL D 68 25.35 28.27 -1.44
N VAL D 69 25.02 27.88 -0.22
CA VAL D 69 23.89 28.48 0.47
C VAL D 69 24.10 29.96 0.63
N TYR D 70 25.35 30.40 0.67
CA TYR D 70 25.62 31.82 0.72
C TYR D 70 25.24 32.50 -0.59
N THR D 71 25.72 32.00 -1.72
CA THR D 71 25.36 32.62 -2.99
C THR D 71 23.90 32.41 -3.32
N ALA D 72 23.31 31.33 -2.84
CA ALA D 72 21.88 31.14 -3.07
C ALA D 72 21.06 32.25 -2.47
N TRP D 73 21.62 32.96 -1.49
CA TRP D 73 20.97 34.14 -0.94
C TRP D 73 21.43 35.41 -1.63
N VAL D 74 22.75 35.59 -1.74
CA VAL D 74 23.26 36.88 -2.16
C VAL D 74 22.99 37.13 -3.62
N SER D 75 23.01 36.11 -4.45
CA SER D 75 22.86 36.42 -5.89
C SER D 75 21.48 36.98 -6.17
N PRO D 76 20.34 36.38 -5.80
CA PRO D 76 19.09 37.01 -6.06
C PRO D 76 18.96 38.32 -5.31
N PHE D 77 19.47 38.42 -4.10
CA PHE D 77 19.32 39.70 -3.39
C PHE D 77 20.02 40.81 -4.14
N GLU D 78 21.20 40.60 -4.67
CA GLU D 78 21.83 41.70 -5.42
C GLU D 78 21.04 41.99 -6.68
N PHE D 79 20.56 40.96 -7.34
CA PHE D 79 19.79 41.17 -8.57
C PHE D 79 18.65 42.13 -8.31
N GLY D 80 17.92 41.96 -7.22
CA GLY D 80 16.71 42.70 -6.93
C GLY D 80 16.91 44.01 -6.19
N PHE D 81 17.93 44.11 -5.35
CA PHE D 81 18.01 45.25 -4.45
C PHE D 81 19.18 46.18 -4.68
N LEU D 82 20.17 45.78 -5.48
CA LEU D 82 21.37 46.58 -5.63
C LEU D 82 21.66 46.84 -7.11
N ARG D 83 22.44 47.89 -7.36
CA ARG D 83 22.85 48.22 -8.71
C ARG D 83 24.34 48.41 -8.88
N LYS D 84 25.11 48.45 -7.81
CA LYS D 84 26.56 48.50 -7.88
C LYS D 84 27.12 47.60 -6.80
N PRO D 85 28.33 47.12 -6.97
CA PRO D 85 28.95 46.31 -5.92
C PRO D 85 29.38 47.14 -4.73
N ARG D 86 28.47 47.36 -3.78
CA ARG D 86 28.81 48.10 -2.58
C ARG D 86 29.78 47.32 -1.70
N PRO D 87 30.57 48.01 -0.90
CA PRO D 87 31.68 47.37 -0.18
C PRO D 87 31.26 46.23 0.73
N PRO D 88 30.31 46.43 1.65
CA PRO D 88 30.08 45.39 2.67
C PRO D 88 29.74 44.04 2.09
N LEU D 89 29.40 43.97 0.80
CA LEU D 89 29.11 42.72 0.14
C LEU D 89 30.03 42.43 -1.03
N SER D 90 30.68 43.43 -1.59
CA SER D 90 31.63 43.16 -2.65
C SER D 90 32.87 42.45 -2.12
N ILE D 91 33.31 42.82 -0.93
CA ILE D 91 34.48 42.17 -0.35
C ILE D 91 34.20 40.70 -0.09
N THR D 92 33.20 40.42 0.72
CA THR D 92 32.88 39.05 1.08
C THR D 92 32.22 38.29 -0.04
N ASP D 93 32.27 38.80 -1.26
CA ASP D 93 31.83 38.06 -2.42
C ASP D 93 32.95 37.77 -3.38
N ASN D 94 33.98 38.62 -3.41
CA ASN D 94 35.19 38.24 -4.11
C ASN D 94 35.96 37.17 -3.36
N ILE D 95 35.78 37.08 -2.06
CA ILE D 95 36.37 35.97 -1.31
C ILE D 95 35.82 34.65 -1.83
N VAL D 96 34.50 34.50 -1.79
CA VAL D 96 33.90 33.25 -2.25
C VAL D 96 34.28 32.97 -3.69
N ASN D 97 34.52 34.00 -4.48
CA ASN D 97 34.95 33.77 -5.85
C ASN D 97 36.43 33.44 -5.93
N ALA D 98 37.10 33.28 -4.80
CA ALA D 98 38.42 32.65 -4.78
C ALA D 98 38.34 31.21 -4.34
N PHE D 99 37.53 30.92 -3.33
CA PHE D 99 37.33 29.54 -2.91
C PHE D 99 36.72 28.71 -4.03
N PHE D 100 36.02 29.34 -4.95
CA PHE D 100 35.52 28.61 -6.09
C PHE D 100 36.49 28.64 -7.26
N ALA D 101 37.39 29.60 -7.30
CA ALA D 101 38.46 29.54 -8.28
C ALA D 101 39.47 28.48 -7.90
N ILE D 102 39.80 28.40 -6.61
CA ILE D 102 40.67 27.33 -6.13
C ILE D 102 40.12 25.98 -6.54
N ASP D 103 38.80 25.82 -6.46
CA ASP D 103 38.22 24.52 -6.74
C ASP D 103 38.34 24.13 -8.19
N ILE D 104 38.10 25.04 -9.13
CA ILE D 104 38.07 24.64 -10.53
C ILE D 104 39.43 24.17 -10.99
N ILE D 105 40.48 24.52 -10.25
CA ILE D 105 41.78 23.91 -10.55
C ILE D 105 41.94 22.62 -9.77
N MET D 106 41.29 22.50 -8.62
CA MET D 106 41.42 21.31 -7.81
C MET D 106 40.53 20.19 -8.29
N THR D 107 39.87 20.33 -9.43
CA THR D 107 39.23 19.19 -10.06
C THR D 107 39.99 18.74 -11.29
N PHE D 108 41.18 19.26 -11.52
CA PHE D 108 42.11 18.65 -12.45
C PHE D 108 42.95 17.58 -11.78
N PHE D 109 42.96 17.53 -10.45
CA PHE D 109 43.69 16.53 -9.68
C PHE D 109 42.75 15.59 -8.95
N VAL D 110 41.54 15.43 -9.42
CA VAL D 110 40.54 14.61 -8.75
C VAL D 110 40.09 13.54 -9.71
N GLY D 111 40.33 12.29 -9.37
CA GLY D 111 39.85 11.20 -10.18
C GLY D 111 38.34 11.11 -10.15
N TYR D 112 37.80 10.50 -11.18
CA TYR D 112 36.36 10.31 -11.27
C TYR D 112 36.04 8.85 -11.48
N LEU D 113 35.04 8.36 -10.76
CA LEU D 113 34.64 6.96 -10.89
C LEU D 113 34.04 6.76 -12.28
N ASP D 114 34.72 5.97 -13.10
CA ASP D 114 34.13 5.55 -14.36
C ASP D 114 32.89 4.73 -14.08
N LYS D 115 31.96 4.73 -15.02
CA LYS D 115 30.71 4.01 -14.80
C LYS D 115 30.67 2.67 -15.53
N SER D 116 31.18 2.61 -16.74
CA SER D 116 31.12 1.35 -17.49
C SER D 116 32.01 0.30 -16.86
N THR D 117 33.09 0.71 -16.20
CA THR D 117 34.02 -0.23 -15.59
C THR D 117 34.12 -0.07 -14.08
N TYR D 118 33.43 0.90 -13.49
CA TYR D 118 33.47 1.12 -12.05
C TYR D 118 34.88 1.31 -11.52
N LEU D 119 35.83 1.57 -12.41
CA LEU D 119 37.16 1.92 -11.99
C LEU D 119 37.22 3.42 -11.71
N ILE D 120 38.06 3.79 -10.75
CA ILE D 120 38.33 5.19 -10.47
C ILE D 120 39.44 5.62 -11.40
N VAL D 121 39.09 6.36 -12.45
CA VAL D 121 40.07 6.81 -13.41
C VAL D 121 41.03 7.77 -12.75
N ASP D 122 42.32 7.57 -12.97
CA ASP D 122 43.33 8.50 -12.50
C ASP D 122 44.33 8.82 -13.60
N ASP D 123 43.85 8.84 -14.84
CA ASP D 123 44.69 9.25 -15.97
C ASP D 123 44.59 10.76 -16.11
N ARG D 124 45.69 11.45 -15.84
CA ARG D 124 45.69 12.92 -15.82
C ARG D 124 45.04 13.49 -17.07
N LYS D 125 45.61 13.20 -18.24
CA LYS D 125 45.11 13.75 -19.49
C LYS D 125 43.72 13.25 -19.84
N GLN D 126 43.11 12.42 -19.02
CA GLN D 126 41.75 11.98 -19.26
C GLN D 126 40.74 12.61 -18.33
N ILE D 127 41.18 13.01 -17.13
CA ILE D 127 40.33 13.77 -16.23
C ILE D 127 40.01 15.12 -16.85
N ALA D 128 41.05 15.82 -17.30
CA ALA D 128 40.85 17.13 -17.90
C ALA D 128 39.83 17.08 -19.02
N PHE D 129 40.05 16.22 -20.01
CA PHE D 129 39.19 16.22 -21.19
C PHE D 129 37.74 15.92 -20.83
N LYS D 130 37.51 15.25 -19.70
CA LYS D 130 36.12 15.07 -19.27
C LYS D 130 35.59 16.35 -18.65
N TYR D 131 36.39 17.02 -17.81
CA TYR D 131 35.97 18.27 -17.22
C TYR D 131 35.64 19.29 -18.29
N LEU D 132 36.62 19.63 -19.13
CA LEU D 132 36.41 20.64 -20.16
C LEU D 132 35.17 20.34 -20.98
N ARG D 133 34.93 19.07 -21.26
CA ARG D 133 33.78 18.71 -22.09
C ARG D 133 32.46 18.85 -21.37
N SER D 134 32.45 18.96 -20.04
CA SER D 134 31.20 18.90 -19.30
C SER D 134 30.81 20.20 -18.61
N TRP D 135 31.61 20.68 -17.66
CA TRP D 135 31.20 21.82 -16.85
C TRP D 135 32.20 22.96 -16.84
N PHE D 136 33.43 22.74 -17.29
CA PHE D 136 34.49 23.70 -17.03
C PHE D 136 34.12 25.10 -17.49
N LEU D 137 33.30 25.23 -18.52
CA LEU D 137 32.97 26.55 -19.02
C LEU D 137 32.14 27.32 -17.99
N LEU D 138 31.00 26.76 -17.59
CA LEU D 138 30.16 27.42 -16.61
C LEU D 138 30.93 27.72 -15.34
N ASP D 139 31.53 26.70 -14.74
CA ASP D 139 32.24 26.88 -13.47
C ASP D 139 33.34 27.93 -13.60
N LEU D 140 33.77 28.23 -14.81
CA LEU D 140 34.68 29.35 -14.99
C LEU D 140 33.90 30.65 -15.16
N VAL D 141 32.83 30.61 -15.95
CA VAL D 141 32.03 31.81 -16.18
C VAL D 141 31.45 32.31 -14.88
N SER D 142 30.98 31.41 -14.03
CA SER D 142 30.33 31.80 -12.79
C SER D 142 31.32 32.09 -11.69
N THR D 143 32.54 32.47 -12.04
CA THR D 143 33.55 32.82 -11.06
C THR D 143 34.24 34.13 -11.38
N ILE D 144 33.98 34.72 -12.53
CA ILE D 144 34.56 36.04 -12.83
C ILE D 144 34.06 37.03 -11.79
N PRO D 145 34.93 37.83 -11.18
CA PRO D 145 34.45 38.81 -10.21
C PRO D 145 33.56 39.84 -10.89
N SER D 146 32.55 40.29 -10.16
CA SER D 146 31.59 41.23 -10.72
C SER D 146 32.26 42.51 -11.20
N GLU D 147 33.42 42.87 -10.64
CA GLU D 147 34.07 44.10 -11.06
C GLU D 147 34.55 44.04 -12.49
N ALA D 148 34.77 42.83 -13.01
CA ALA D 148 35.15 42.70 -14.42
C ALA D 148 33.95 42.95 -15.32
N ALA D 149 32.89 42.16 -15.14
CA ALA D 149 31.68 42.34 -15.92
C ALA D 149 31.16 43.76 -15.83
N MET D 150 31.46 44.47 -14.75
CA MET D 150 31.07 45.87 -14.66
C MET D 150 31.76 46.70 -15.73
N ARG D 151 33.03 46.40 -16.00
CA ARG D 151 33.78 47.23 -16.94
C ARG D 151 33.29 47.07 -18.36
N ILE D 152 32.70 45.92 -18.70
CA ILE D 152 32.24 45.76 -20.07
C ILE D 152 30.88 46.42 -20.27
N SER D 153 30.05 46.46 -19.22
CA SER D 153 28.75 47.12 -19.32
C SER D 153 28.21 47.33 -17.91
N SER D 154 27.84 48.57 -17.61
CA SER D 154 27.32 48.86 -16.29
C SER D 154 25.99 48.17 -16.00
N GLN D 155 25.28 47.72 -17.03
CA GLN D 155 23.93 47.20 -16.86
C GLN D 155 23.91 45.70 -16.56
N SER D 156 25.06 45.11 -16.26
CA SER D 156 25.14 43.67 -16.14
C SER D 156 25.26 43.17 -14.72
N TYR D 157 25.44 44.06 -13.74
CA TYR D 157 25.69 43.63 -12.37
C TYR D 157 24.62 42.67 -11.89
N GLY D 158 23.37 42.99 -12.15
CA GLY D 158 22.30 42.13 -11.69
C GLY D 158 22.31 40.80 -12.40
N LEU D 159 22.29 40.82 -13.72
CA LEU D 159 22.13 39.58 -14.46
C LEU D 159 23.35 38.69 -14.31
N PHE D 160 24.54 39.28 -14.36
CA PHE D 160 25.75 38.48 -14.21
C PHE D 160 25.74 37.72 -12.89
N ASN D 161 25.56 38.42 -11.78
CA ASN D 161 25.51 37.77 -10.47
C ASN D 161 24.44 36.70 -10.39
N MET D 162 23.49 36.68 -11.30
CA MET D 162 22.51 35.60 -11.30
C MET D 162 23.06 34.35 -11.94
N LEU D 163 24.13 34.45 -12.71
CA LEU D 163 24.73 33.25 -13.27
C LEU D 163 25.31 32.37 -12.18
N ARG D 164 25.82 32.98 -11.11
CA ARG D 164 26.41 32.21 -10.04
C ARG D 164 25.43 31.21 -9.45
N LEU D 165 24.14 31.36 -9.69
CA LEU D 165 23.20 30.34 -9.23
C LEU D 165 23.46 29.01 -9.88
N TRP D 166 24.36 28.94 -10.85
CA TRP D 166 24.77 27.66 -11.40
C TRP D 166 25.39 26.78 -10.34
N ARG D 167 25.97 27.39 -9.30
CA ARG D 167 26.58 26.64 -8.22
C ARG D 167 25.59 25.79 -7.46
N LEU D 168 24.29 26.01 -7.63
CA LEU D 168 23.34 25.20 -6.89
C LEU D 168 23.34 23.75 -7.32
N ARG D 169 24.09 23.40 -8.35
CA ARG D 169 24.13 21.99 -8.73
C ARG D 169 24.77 21.14 -7.66
N ARG D 170 25.57 21.73 -6.79
CA ARG D 170 26.20 20.96 -5.72
C ARG D 170 25.21 20.62 -4.62
N VAL D 171 24.27 21.51 -4.32
CA VAL D 171 23.27 21.19 -3.32
C VAL D 171 22.42 20.02 -3.78
N GLY D 172 21.98 20.05 -5.03
CA GLY D 172 21.18 18.94 -5.52
C GLY D 172 21.93 17.64 -5.56
N ALA D 173 23.21 17.68 -5.94
CA ALA D 173 24.01 16.48 -5.92
C ALA D 173 24.19 15.96 -4.50
N LEU D 174 24.29 16.86 -3.53
CA LEU D 174 24.41 16.43 -2.15
C LEU D 174 23.16 15.69 -1.68
N PHE D 175 22.00 16.32 -1.83
CA PHE D 175 20.77 15.68 -1.39
C PHE D 175 20.55 14.35 -2.07
N ALA D 176 20.85 14.28 -3.37
CA ALA D 176 20.70 13.01 -4.07
C ALA D 176 21.57 11.92 -3.50
N ARG D 177 22.59 12.28 -2.75
CA ARG D 177 23.44 11.29 -2.10
C ARG D 177 22.98 10.94 -0.69
N LEU D 178 22.51 11.92 0.07
CA LEU D 178 22.11 11.66 1.43
C LEU D 178 20.92 10.72 1.51
N GLU D 179 19.98 10.82 0.58
CA GLU D 179 18.84 9.92 0.64
C GLU D 179 19.25 8.48 0.40
N LYS D 180 20.22 8.26 -0.47
CA LYS D 180 20.71 6.90 -0.70
C LYS D 180 21.58 6.42 0.45
N ASP D 181 22.07 7.32 1.29
CA ASP D 181 22.88 6.89 2.41
C ASP D 181 22.00 6.21 3.46
N ARG D 182 22.65 5.50 4.37
CA ARG D 182 21.96 4.72 5.39
C ARG D 182 22.14 5.29 6.78
N ASN D 183 23.23 5.99 7.04
CA ASN D 183 23.45 6.61 8.34
C ASN D 183 22.60 7.86 8.53
N PHE D 184 21.72 8.18 7.61
CA PHE D 184 20.92 9.39 7.65
C PHE D 184 19.46 9.04 7.66
N ASN D 185 18.70 9.65 8.56
CA ASN D 185 17.28 9.42 8.62
C ASN D 185 16.63 9.90 7.33
N TYR D 186 15.97 8.99 6.62
CA TYR D 186 15.35 9.37 5.36
C TYR D 186 14.27 10.39 5.55
N PHE D 187 13.65 10.43 6.73
CA PHE D 187 12.60 11.39 6.98
C PHE D 187 13.16 12.81 6.99
N TRP D 188 14.12 13.07 7.88
CA TRP D 188 14.61 14.43 8.02
C TRP D 188 15.40 14.91 6.83
N VAL D 189 15.97 13.98 6.06
CA VAL D 189 16.66 14.39 4.84
C VAL D 189 15.65 14.79 3.79
N ARG D 190 14.54 14.07 3.70
CA ARG D 190 13.49 14.46 2.78
C ARG D 190 12.78 15.71 3.25
N CYS D 191 12.77 15.99 4.54
CA CYS D 191 12.17 17.22 5.04
C CYS D 191 13.07 18.41 4.82
N ALA D 192 14.36 18.27 5.09
CA ALA D 192 15.27 19.40 4.85
C ALA D 192 15.31 19.79 3.40
N LYS D 193 15.00 18.87 2.50
CA LYS D 193 15.05 19.29 1.09
C LYS D 193 13.78 20.03 0.77
N LEU D 194 12.67 19.69 1.40
CA LEU D 194 11.46 20.45 1.17
C LEU D 194 11.56 21.85 1.73
N VAL D 195 12.33 22.03 2.80
CA VAL D 195 12.44 23.35 3.41
C VAL D 195 13.27 24.27 2.54
N CYS D 196 14.44 23.81 2.10
CA CYS D 196 15.27 24.68 1.28
C CYS D 196 14.61 25.03 -0.04
N VAL D 197 13.85 24.11 -0.62
CA VAL D 197 13.18 24.43 -1.87
C VAL D 197 12.18 25.55 -1.66
N THR D 198 11.34 25.42 -0.64
CA THR D 198 10.33 26.44 -0.42
C THR D 198 10.91 27.70 0.19
N LEU D 199 12.02 27.61 0.91
CA LEU D 199 12.65 28.81 1.39
C LEU D 199 13.34 29.56 0.27
N PHE D 200 13.69 28.86 -0.79
CA PHE D 200 14.36 29.50 -1.90
C PHE D 200 13.36 30.18 -2.81
N ALA D 201 12.30 29.48 -3.16
CA ALA D 201 11.27 30.07 -4.00
C ALA D 201 10.66 31.29 -3.33
N VAL D 202 10.40 31.21 -2.03
CA VAL D 202 9.86 32.36 -1.32
C VAL D 202 10.83 33.53 -1.39
N HIS D 203 12.11 33.27 -1.44
CA HIS D 203 13.09 34.33 -1.36
C HIS D 203 13.36 34.95 -2.72
N CYS D 204 13.50 34.14 -3.76
CA CYS D 204 13.79 34.74 -5.05
C CYS D 204 12.56 35.38 -5.65
N ALA D 205 11.37 34.89 -5.32
CA ALA D 205 10.16 35.57 -5.74
C ALA D 205 10.07 36.95 -5.12
N ALA D 206 10.44 37.08 -3.86
CA ALA D 206 10.42 38.38 -3.21
C ALA D 206 11.40 39.34 -3.86
N CYS D 207 12.52 38.83 -4.37
CA CYS D 207 13.51 39.71 -4.95
C CYS D 207 13.11 40.16 -6.34
N PHE D 208 12.46 39.29 -7.11
CA PHE D 208 11.96 39.72 -8.42
C PHE D 208 10.82 40.71 -8.27
N TYR D 209 9.85 40.37 -7.43
CA TYR D 209 8.67 41.23 -7.28
C TYR D 209 9.02 42.59 -6.72
N TYR D 210 10.18 42.73 -6.08
CA TYR D 210 10.62 44.06 -5.73
C TYR D 210 11.32 44.72 -6.90
N LEU D 211 12.00 43.94 -7.72
CA LEU D 211 12.65 44.53 -8.89
C LEU D 211 11.65 45.18 -9.79
N ILE D 212 10.50 44.54 -9.98
CA ILE D 212 9.45 45.09 -10.83
C ILE D 212 8.96 46.41 -10.30
N ALA D 213 9.00 46.60 -8.99
CA ALA D 213 8.56 47.84 -8.40
C ALA D 213 9.65 48.89 -8.38
N ALA D 214 10.91 48.47 -8.35
CA ALA D 214 11.99 49.44 -8.27
C ALA D 214 12.24 50.09 -9.61
N ARG D 215 12.18 49.33 -10.69
CA ARG D 215 12.44 49.85 -12.02
C ARG D 215 11.18 50.35 -12.71
N ASN D 216 10.11 50.55 -11.97
CA ASN D 216 8.91 51.16 -12.52
C ASN D 216 9.14 52.64 -12.75
N SER D 217 8.51 53.17 -13.79
CA SER D 217 8.73 54.57 -14.17
C SER D 217 8.42 55.50 -13.00
N ASN D 218 7.17 55.57 -12.60
CA ASN D 218 6.91 56.34 -11.40
C ASN D 218 6.51 55.41 -10.27
N PRO D 219 7.06 55.62 -9.07
CA PRO D 219 6.97 54.57 -8.05
C PRO D 219 5.67 54.55 -7.29
N ALA D 220 4.90 55.63 -7.30
CA ALA D 220 3.68 55.68 -6.50
C ALA D 220 2.60 54.74 -6.99
N LYS D 221 2.79 54.08 -8.13
CA LYS D 221 1.81 53.15 -8.67
C LYS D 221 2.30 51.72 -8.63
N THR D 222 3.16 51.40 -7.68
CA THR D 222 3.68 50.06 -7.51
C THR D 222 2.91 49.35 -6.43
N TRP D 223 3.19 48.07 -6.24
CA TRP D 223 2.55 47.34 -5.18
C TRP D 223 3.03 47.78 -3.81
N ILE D 224 4.22 48.35 -3.73
CA ILE D 224 4.78 48.74 -2.45
C ILE D 224 4.63 50.23 -2.27
N GLY D 225 4.70 50.97 -3.38
CA GLY D 225 4.48 52.40 -3.30
C GLY D 225 3.08 52.79 -2.93
N ALA D 226 2.15 51.85 -2.98
CA ALA D 226 0.79 52.14 -2.56
C ALA D 226 0.73 52.43 -1.07
N ASN D 227 1.34 51.56 -0.26
CA ASN D 227 1.25 51.73 1.18
C ASN D 227 2.25 52.75 1.71
N VAL D 228 3.53 52.46 1.60
CA VAL D 228 4.55 53.37 2.08
C VAL D 228 4.78 54.44 1.03
N ALA D 229 4.81 55.69 1.46
CA ALA D 229 4.90 56.80 0.52
C ALA D 229 6.19 56.74 -0.28
N ASN D 230 7.32 56.86 0.39
CA ASN D 230 8.62 56.86 -0.25
C ASN D 230 9.36 55.62 0.20
N PHE D 231 9.13 54.50 -0.48
CA PHE D 231 9.84 53.29 -0.12
C PHE D 231 11.28 53.33 -0.59
N LEU D 232 11.63 54.25 -1.48
CA LEU D 232 13.00 54.33 -1.96
C LEU D 232 13.93 55.00 -0.98
N GLU D 233 13.40 55.62 0.07
CA GLU D 233 14.23 56.21 1.12
C GLU D 233 14.32 55.34 2.36
N GLU D 234 13.38 54.42 2.54
CA GLU D 234 13.40 53.55 3.70
C GLU D 234 14.66 52.70 3.72
N SER D 235 14.95 52.15 4.87
CA SER D 235 16.14 51.32 5.02
C SER D 235 16.02 50.07 4.16
N LEU D 236 17.17 49.53 3.79
CA LEU D 236 17.17 48.36 2.94
C LEU D 236 16.67 47.14 3.70
N TRP D 237 16.69 47.19 5.02
CA TRP D 237 16.18 46.08 5.80
C TRP D 237 14.66 46.11 5.86
N MET D 238 14.07 47.31 5.91
CA MET D 238 12.63 47.40 5.83
C MET D 238 12.11 46.92 4.48
N ARG D 239 12.73 47.38 3.41
CA ARG D 239 12.28 46.99 2.08
C ARG D 239 12.39 45.50 1.87
N TYR D 240 13.48 44.90 2.33
CA TYR D 240 13.61 43.47 2.13
C TYR D 240 12.61 42.70 2.98
N VAL D 241 12.25 43.20 4.15
CA VAL D 241 11.30 42.47 4.99
C VAL D 241 9.90 42.58 4.42
N THR D 242 9.53 43.76 3.92
CA THR D 242 8.22 43.92 3.30
C THR D 242 8.02 42.93 2.18
N SER D 243 8.89 42.95 1.18
CA SER D 243 8.73 42.08 0.03
C SER D 243 8.81 40.62 0.41
N MET D 244 9.64 40.29 1.38
CA MET D 244 9.68 38.92 1.85
C MET D 244 8.42 38.55 2.59
N TYR D 245 7.71 39.55 3.05
CA TYR D 245 6.45 39.28 3.79
C TYR D 245 5.33 39.16 2.80
N TRP D 246 5.31 39.93 1.73
CA TRP D 246 4.29 39.75 0.68
C TRP D 246 4.46 38.38 0.11
N SER D 247 5.69 38.00 -0.16
CA SER D 247 6.01 36.74 -0.82
C SER D 247 5.56 35.56 -0.01
N ILE D 248 5.81 35.59 1.26
CA ILE D 248 5.41 34.48 2.16
C ILE D 248 3.90 34.46 2.34
N THR D 249 3.17 35.56 2.28
CA THR D 249 1.71 35.40 2.51
C THR D 249 1.01 35.11 1.20
N THR D 250 1.68 35.13 0.08
CA THR D 250 1.00 34.73 -1.14
C THR D 250 1.30 33.26 -1.34
N LEU D 251 2.47 32.82 -0.96
CA LEU D 251 2.83 31.40 -1.10
C LEU D 251 1.97 30.59 -0.17
N THR D 252 1.76 31.09 1.01
CA THR D 252 1.00 30.27 1.95
C THR D 252 -0.47 30.45 1.75
N THR D 253 -0.96 31.15 0.75
CA THR D 253 -2.33 31.45 0.35
C THR D 253 -3.12 32.12 1.45
N VAL D 254 -2.44 32.78 2.39
CA VAL D 254 -3.16 33.60 3.34
C VAL D 254 -3.74 34.82 2.62
N GLY D 255 -2.88 35.61 2.01
CA GLY D 255 -3.34 36.71 1.20
C GLY D 255 -4.15 37.71 1.98
N TYR D 256 -3.51 38.42 2.90
CA TYR D 256 -4.21 39.44 3.66
C TYR D 256 -4.78 40.50 2.75
N GLY D 257 -4.04 40.89 1.74
CA GLY D 257 -4.51 41.86 0.79
C GLY D 257 -4.07 43.28 1.04
N ASP D 258 -3.17 43.51 1.99
CA ASP D 258 -2.61 44.84 2.15
C ASP D 258 -1.65 45.16 1.01
N LEU D 259 -0.85 44.19 0.61
CA LEU D 259 0.07 44.33 -0.50
C LEU D 259 -0.39 43.40 -1.61
N HIS D 260 -0.64 43.95 -2.79
CA HIS D 260 -1.14 43.18 -3.91
C HIS D 260 -0.83 43.94 -5.18
N PRO D 261 -0.76 43.26 -6.31
CA PRO D 261 -0.40 43.94 -7.55
C PRO D 261 -1.35 45.06 -7.90
N VAL D 262 -0.82 46.06 -8.59
CA VAL D 262 -1.54 47.30 -8.84
C VAL D 262 -1.64 47.56 -10.34
N ASN D 263 -0.69 47.07 -11.10
CA ASN D 263 -0.69 47.27 -12.55
C ASN D 263 -0.44 45.95 -13.24
N THR D 264 -0.37 45.99 -14.56
CA THR D 264 -0.37 44.76 -15.34
C THR D 264 0.93 44.00 -15.21
N LYS D 265 2.06 44.71 -15.24
CA LYS D 265 3.35 44.05 -15.04
C LYS D 265 3.33 43.21 -13.78
N GLU D 266 2.79 43.75 -12.69
CA GLU D 266 2.78 43.01 -11.45
C GLU D 266 1.75 41.89 -11.48
N MET D 267 0.59 42.14 -12.08
CA MET D 267 -0.43 41.11 -12.16
C MET D 267 0.06 39.90 -12.92
N ILE D 268 0.92 40.11 -13.93
CA ILE D 268 1.35 38.99 -14.74
C ILE D 268 2.40 38.17 -14.02
N PHE D 269 3.31 38.82 -13.31
CA PHE D 269 4.22 38.07 -12.47
C PHE D 269 3.46 37.27 -11.44
N ASP D 270 2.43 37.87 -10.86
CA ASP D 270 1.68 37.21 -9.80
C ASP D 270 0.92 36.01 -10.32
N ILE D 271 0.38 36.11 -11.53
CA ILE D 271 -0.35 35.00 -12.13
C ILE D 271 0.55 33.78 -12.22
N PHE D 272 1.82 33.98 -12.53
CA PHE D 272 2.72 32.85 -12.64
C PHE D 272 3.25 32.41 -11.29
N TYR D 273 3.45 33.33 -10.36
CA TYR D 273 3.83 32.94 -9.02
C TYR D 273 2.72 32.14 -8.37
N MET D 274 1.48 32.63 -8.43
CA MET D 274 0.39 31.91 -7.80
C MET D 274 0.17 30.56 -8.45
N LEU D 275 0.52 30.41 -9.72
CA LEU D 275 0.42 29.11 -10.37
C LEU D 275 1.49 28.17 -9.87
N PHE D 276 2.72 28.64 -9.81
CA PHE D 276 3.81 27.85 -9.26
C PHE D 276 3.45 27.32 -7.89
N ASN D 277 2.93 28.18 -7.01
CA ASN D 277 2.61 27.75 -5.65
C ASN D 277 1.55 26.68 -5.62
N LEU D 278 0.61 26.71 -6.56
CA LEU D 278 -0.41 25.68 -6.57
C LEU D 278 0.21 24.31 -6.77
N GLY D 279 1.20 24.22 -7.65
CA GLY D 279 1.88 22.97 -7.86
C GLY D 279 2.81 22.66 -6.72
N LEU D 280 3.52 23.67 -6.24
CA LEU D 280 4.46 23.45 -5.15
C LEU D 280 3.74 23.02 -3.88
N THR D 281 2.61 23.66 -3.56
CA THR D 281 1.86 23.25 -2.39
C THR D 281 1.37 21.82 -2.52
N ALA D 282 0.81 21.47 -3.67
CA ALA D 282 0.39 20.10 -3.88
C ALA D 282 1.56 19.14 -3.82
N TYR D 283 2.77 19.62 -4.08
CA TYR D 283 3.94 18.77 -4.01
C TYR D 283 4.39 18.57 -2.57
N LEU D 284 4.21 19.56 -1.71
CA LEU D 284 4.58 19.38 -0.31
C LEU D 284 3.60 18.47 0.41
N ILE D 285 2.31 18.69 0.20
CA ILE D 285 1.31 17.85 0.85
C ILE D 285 1.45 16.42 0.37
N GLY D 286 1.74 16.23 -0.92
CA GLY D 286 1.95 14.88 -1.41
C GLY D 286 3.18 14.24 -0.86
N ASN D 287 4.18 15.04 -0.50
CA ASN D 287 5.41 14.49 0.02
C ASN D 287 5.30 14.15 1.49
N MET D 288 4.47 14.87 2.23
CA MET D 288 4.33 14.58 3.64
C MET D 288 3.33 13.48 3.90
N THR D 289 2.39 13.25 2.99
CA THR D 289 1.55 12.06 3.12
C THR D 289 2.37 10.80 2.90
N ASN D 290 3.22 10.81 1.87
CA ASN D 290 4.03 9.64 1.60
C ASN D 290 5.02 9.38 2.73
N LEU D 291 5.48 10.42 3.41
CA LEU D 291 6.36 10.21 4.54
C LEU D 291 5.63 9.72 5.77
N VAL D 292 4.32 9.75 5.78
CA VAL D 292 3.53 9.35 6.93
C VAL D 292 2.89 7.99 6.72
N VAL D 293 2.15 7.82 5.62
CA VAL D 293 1.48 6.56 5.40
C VAL D 293 2.43 5.46 4.96
N HIS D 294 3.66 5.80 4.61
CA HIS D 294 4.67 4.80 4.29
C HIS D 294 5.79 4.81 5.31
N GLY D 295 5.48 5.21 6.53
CA GLY D 295 6.40 5.12 7.65
C GLY D 295 5.81 4.23 8.73
N THR D 296 4.48 4.15 8.75
CA THR D 296 3.77 3.23 9.62
C THR D 296 3.00 2.23 8.77
N SER D 297 3.65 1.73 7.72
CA SER D 297 2.96 0.84 6.80
C SER D 297 3.13 -0.63 7.16
N ARG D 298 3.99 -0.92 8.13
CA ARG D 298 4.26 -2.33 8.52
C ARG D 298 3.42 -2.74 9.74
N THR D 299 3.41 -1.92 10.79
CA THR D 299 2.68 -2.26 12.01
C THR D 299 1.19 -2.36 11.81
N ARG D 300 0.73 -2.18 10.56
CA ARG D 300 -0.73 -2.22 10.25
C ARG D 300 -1.29 -3.64 10.44
N ASN D 301 -0.80 -4.59 9.65
CA ASN D 301 -1.26 -5.97 9.68
C ASN D 301 -0.60 -6.77 10.79
N PHE D 302 -0.03 -6.09 11.78
CA PHE D 302 0.48 -6.75 12.97
C PHE D 302 -0.29 -6.36 14.22
N ARG D 303 -1.08 -5.30 14.19
CA ARG D 303 -1.92 -4.95 15.33
C ARG D 303 -3.33 -5.51 15.20
N ASP D 304 -3.91 -5.43 14.00
CA ASP D 304 -5.22 -6.02 13.75
C ASP D 304 -5.25 -7.48 14.20
N THR D 305 -4.25 -8.26 13.77
CA THR D 305 -4.20 -9.66 14.14
C THR D 305 -4.12 -9.82 15.65
N ILE D 306 -3.13 -9.18 16.28
CA ILE D 306 -3.03 -9.22 17.73
C ILE D 306 -4.32 -8.72 18.36
N GLN D 307 -4.94 -7.70 17.76
CA GLN D 307 -6.27 -7.30 18.19
C GLN D 307 -7.27 -8.43 18.00
N ALA D 308 -7.47 -8.83 16.74
CA ALA D 308 -8.43 -9.90 16.44
C ALA D 308 -8.16 -11.15 17.26
N ALA D 309 -6.92 -11.35 17.69
CA ALA D 309 -6.60 -12.51 18.54
C ALA D 309 -7.26 -12.35 19.91
N SER D 310 -6.84 -11.35 20.67
CA SER D 310 -7.43 -11.14 21.98
C SER D 310 -8.88 -10.71 21.89
N ASN D 311 -9.28 -10.08 20.78
CA ASN D 311 -10.70 -9.85 20.53
C ASN D 311 -11.47 -11.16 20.62
N PHE D 312 -11.14 -12.10 19.73
CA PHE D 312 -11.79 -13.41 19.77
C PHE D 312 -11.63 -14.06 21.13
N ALA D 313 -10.49 -13.86 21.78
CA ALA D 313 -10.25 -14.49 23.07
C ALA D 313 -11.26 -14.02 24.10
N HIS D 314 -11.54 -12.72 24.13
CA HIS D 314 -12.41 -12.20 25.17
C HIS D 314 -13.89 -12.26 24.78
N ARG D 315 -14.20 -12.57 23.51
CA ARG D 315 -15.58 -12.94 23.22
C ARG D 315 -15.92 -14.29 23.81
N ASN D 316 -14.92 -15.05 24.26
CA ASN D 316 -15.16 -16.30 24.97
C ASN D 316 -14.41 -16.35 26.29
N HIS D 317 -13.71 -15.29 26.68
CA HIS D 317 -13.08 -15.12 28.00
C HIS D 317 -12.36 -16.38 28.47
N LEU D 318 -11.75 -17.12 27.54
CA LEU D 318 -11.03 -18.32 27.90
C LEU D 318 -9.83 -17.97 28.80
N PRO D 319 -9.35 -18.93 29.58
CA PRO D 319 -8.48 -18.59 30.72
C PRO D 319 -7.22 -17.87 30.29
N PRO D 320 -6.69 -17.00 31.16
CA PRO D 320 -5.44 -16.30 30.83
C PRO D 320 -4.23 -17.22 30.70
N ARG D 321 -4.29 -18.42 31.25
CA ARG D 321 -3.15 -19.34 31.17
C ARG D 321 -2.77 -19.64 29.73
N LEU D 322 -3.68 -19.45 28.78
CA LEU D 322 -3.38 -19.65 27.38
C LEU D 322 -3.36 -18.36 26.57
N GLN D 323 -4.00 -17.29 27.06
CA GLN D 323 -3.90 -16.00 26.40
C GLN D 323 -2.45 -15.64 26.12
N ASP D 324 -1.63 -15.62 27.17
CA ASP D 324 -0.21 -15.37 26.98
C ASP D 324 0.41 -16.41 26.07
N GLN D 325 -0.09 -17.66 26.14
CA GLN D 325 0.53 -18.74 25.38
C GLN D 325 0.39 -18.53 23.89
N MET D 326 -0.80 -18.14 23.43
CA MET D 326 -1.00 -17.99 21.98
C MET D 326 -0.29 -16.75 21.45
N LEU D 327 -0.48 -15.60 22.09
CA LEU D 327 0.17 -14.39 21.61
C LEU D 327 1.68 -14.50 21.64
N ALA D 328 2.22 -15.32 22.55
CA ALA D 328 3.64 -15.65 22.47
C ALA D 328 3.98 -16.24 21.12
N HIS D 329 3.10 -17.06 20.56
CA HIS D 329 3.36 -17.61 19.24
C HIS D 329 3.04 -16.62 18.14
N LEU D 330 2.02 -15.78 18.33
CA LEU D 330 1.64 -14.84 17.28
C LEU D 330 2.79 -13.88 16.96
N CYS D 331 3.45 -13.37 17.99
CA CYS D 331 4.55 -12.44 17.75
C CYS D 331 5.78 -13.17 17.24
N LEU D 332 6.10 -14.31 17.84
CA LEU D 332 7.27 -15.07 17.40
C LEU D 332 7.14 -15.47 15.93
N LYS D 333 6.00 -16.06 15.56
CA LYS D 333 5.82 -16.45 14.17
C LYS D 333 5.80 -15.24 13.25
N TYR D 334 5.56 -14.05 13.78
CA TYR D 334 5.78 -12.87 12.95
C TYR D 334 7.25 -12.50 12.90
N ARG D 335 7.97 -12.71 14.00
CA ARG D 335 9.40 -12.45 13.98
C ARG D 335 10.12 -13.38 13.03
N THR D 336 9.93 -14.69 13.21
CA THR D 336 10.76 -15.67 12.52
C THR D 336 10.58 -15.68 11.02
N ASP D 337 9.47 -15.12 10.59
CA ASP D 337 9.23 -15.08 9.13
C ASP D 337 9.82 -13.76 8.65
N SER D 338 9.79 -12.71 9.46
CA SER D 338 10.43 -11.48 8.97
C SER D 338 11.92 -11.77 8.82
N GLU D 339 12.50 -12.39 9.84
CA GLU D 339 13.93 -12.79 9.84
C GLU D 339 14.20 -13.74 8.67
N GLY D 340 13.27 -14.67 8.38
CA GLY D 340 13.51 -15.60 7.28
C GLY D 340 13.48 -14.87 5.96
N LEU D 341 12.47 -14.03 5.80
CA LEU D 341 12.31 -13.26 4.55
C LEU D 341 13.54 -12.39 4.36
N GLN D 342 13.91 -11.61 5.36
CA GLN D 342 15.07 -10.70 5.12
C GLN D 342 16.31 -11.51 4.83
N GLN D 343 16.59 -12.55 5.60
CA GLN D 343 17.83 -13.31 5.31
C GLN D 343 17.72 -13.95 3.94
N GLN D 344 16.57 -14.52 3.63
CA GLN D 344 16.50 -15.22 2.33
C GLN D 344 16.71 -14.21 1.20
N GLU D 345 16.09 -13.06 1.29
CA GLU D 345 16.26 -12.09 0.19
C GLU D 345 17.70 -11.64 0.09
N THR D 346 18.34 -11.29 1.20
CA THR D 346 19.73 -10.81 0.96
C THR D 346 20.61 -11.95 0.50
N LEU D 347 20.41 -13.15 1.03
CA LEU D 347 21.28 -14.24 0.59
C LEU D 347 21.09 -14.52 -0.89
N ASP D 348 19.88 -14.46 -1.42
CA ASP D 348 19.76 -14.82 -2.85
C ASP D 348 20.39 -13.77 -3.76
N ALA D 349 20.49 -12.52 -3.33
CA ALA D 349 21.08 -11.52 -4.25
C ALA D 349 22.61 -11.55 -4.34
N LEU D 350 23.32 -12.61 -3.98
CA LEU D 350 24.77 -12.63 -3.99
C LEU D 350 25.26 -13.78 -4.85
N PRO D 351 26.47 -13.67 -5.40
CA PRO D 351 27.01 -14.78 -6.17
C PRO D 351 27.32 -15.97 -5.29
N LYS D 352 27.15 -17.16 -5.86
CA LYS D 352 27.45 -18.38 -5.12
C LYS D 352 28.93 -18.49 -4.77
N ALA D 353 29.77 -17.61 -5.32
CA ALA D 353 31.16 -17.59 -4.90
C ALA D 353 31.37 -16.81 -3.61
N ILE D 354 30.35 -16.09 -3.14
CA ILE D 354 30.43 -15.32 -1.91
C ILE D 354 29.43 -15.85 -0.87
N ARG D 355 28.20 -16.10 -1.30
CA ARG D 355 27.24 -16.71 -0.40
C ARG D 355 27.76 -18.03 0.15
N SER D 356 28.55 -18.75 -0.64
CA SER D 356 29.23 -19.94 -0.15
C SER D 356 30.38 -19.63 0.77
N SER D 357 30.55 -18.38 1.19
CA SER D 357 31.47 -18.08 2.26
C SER D 357 30.75 -17.71 3.55
N ILE D 358 29.54 -17.17 3.45
CA ILE D 358 28.70 -17.01 4.62
C ILE D 358 28.27 -18.36 5.17
N SER D 359 27.55 -19.14 4.34
CA SER D 359 27.12 -20.46 4.76
C SER D 359 28.29 -21.39 5.02
N HIS D 360 29.52 -20.94 4.74
CA HIS D 360 30.70 -21.68 5.13
C HIS D 360 31.31 -21.18 6.42
N PHE D 361 30.95 -19.98 6.84
CA PHE D 361 31.49 -19.43 8.08
C PHE D 361 30.53 -19.62 9.24
N LEU D 362 29.24 -19.76 8.97
CA LEU D 362 28.25 -19.89 10.02
C LEU D 362 28.08 -21.33 10.48
N PHE D 363 28.31 -22.30 9.60
CA PHE D 363 27.89 -23.67 9.86
C PHE D 363 28.98 -24.71 9.77
N TYR D 364 30.06 -24.46 9.02
CA TYR D 364 31.03 -25.51 8.76
C TYR D 364 31.61 -26.08 10.04
N SER D 365 31.57 -25.31 11.13
CA SER D 365 32.06 -25.84 12.40
C SER D 365 31.16 -26.97 12.90
N LEU D 366 29.88 -26.69 13.11
CA LEU D 366 28.96 -27.69 13.64
C LEU D 366 28.52 -28.70 12.59
N MET D 367 29.10 -28.67 11.39
CA MET D 367 28.83 -29.69 10.39
C MET D 367 29.79 -30.87 10.46
N ASP D 368 30.64 -30.93 11.49
CA ASP D 368 31.50 -32.09 11.70
C ASP D 368 31.09 -32.91 12.92
N LYS D 369 30.36 -32.31 13.85
CA LYS D 369 29.88 -33.04 15.01
C LYS D 369 28.69 -33.95 14.67
N VAL D 370 28.09 -33.78 13.50
CA VAL D 370 27.04 -34.69 13.07
C VAL D 370 27.60 -36.09 12.97
N TYR D 371 26.92 -37.05 13.59
CA TYR D 371 27.44 -38.42 13.65
C TYR D 371 27.57 -39.04 12.27
N LEU D 372 26.78 -38.59 11.31
CA LEU D 372 26.71 -39.28 10.02
C LEU D 372 27.83 -38.84 9.08
N PHE D 373 28.39 -37.65 9.26
CA PHE D 373 29.43 -37.15 8.38
C PHE D 373 30.83 -37.36 8.93
N ARG D 374 30.97 -38.10 10.04
CA ARG D 374 32.27 -38.35 10.64
C ARG D 374 33.04 -39.33 9.76
N GLY D 375 34.12 -38.86 9.16
CA GLY D 375 34.98 -39.70 8.34
C GLY D 375 34.94 -39.39 6.87
N VAL D 376 34.06 -38.52 6.41
CA VAL D 376 34.00 -38.17 5.00
C VAL D 376 35.14 -37.19 4.67
N SER D 377 35.64 -37.27 3.43
CA SER D 377 36.72 -36.38 2.89
C SER D 377 36.41 -34.92 3.22
N ASN D 378 37.44 -34.17 3.62
CA ASN D 378 37.26 -32.76 4.03
C ASN D 378 36.71 -31.93 2.88
N ASP D 379 37.20 -32.12 1.66
CA ASP D 379 36.72 -31.23 0.56
C ASP D 379 35.24 -31.44 0.27
N LEU D 380 34.80 -32.69 0.04
CA LEU D 380 33.41 -32.97 -0.31
C LEU D 380 32.46 -32.34 0.69
N LEU D 381 32.82 -32.36 1.98
CA LEU D 381 31.98 -31.75 3.00
C LEU D 381 31.73 -30.28 2.69
N PHE D 382 32.71 -29.60 2.09
CA PHE D 382 32.51 -28.23 1.66
C PHE D 382 31.30 -28.10 0.75
N GLN D 383 31.15 -29.05 -0.19
CA GLN D 383 30.05 -28.97 -1.14
C GLN D 383 28.70 -29.11 -0.46
N LEU D 384 28.62 -29.88 0.63
CA LEU D 384 27.36 -29.98 1.36
C LEU D 384 27.06 -28.70 2.10
N VAL D 385 28.04 -28.18 2.86
CA VAL D 385 27.83 -26.97 3.64
C VAL D 385 27.45 -25.79 2.75
N SER D 386 27.93 -25.79 1.51
CA SER D 386 27.62 -24.69 0.61
C SER D 386 26.12 -24.66 0.30
N GLU D 387 25.47 -25.81 0.31
CA GLU D 387 24.05 -25.90 -0.01
C GLU D 387 23.30 -26.47 1.20
N MET D 388 22.95 -25.61 2.14
CA MET D 388 22.08 -25.97 3.25
C MET D 388 21.29 -24.71 3.61
N LYS D 389 20.10 -24.56 3.05
CA LYS D 389 19.31 -23.37 3.30
C LYS D 389 18.82 -23.37 4.74
N ALA D 390 19.34 -22.46 5.54
CA ALA D 390 18.98 -22.39 6.96
C ALA D 390 17.61 -21.76 7.11
N GLU D 391 16.68 -22.52 7.67
CA GLU D 391 15.32 -22.04 7.88
C GLU D 391 15.03 -21.91 9.36
N TYR D 392 14.22 -20.92 9.71
CA TYR D 392 13.84 -20.66 11.09
C TYR D 392 12.48 -21.29 11.39
N PHE D 393 12.21 -21.46 12.68
CA PHE D 393 10.99 -22.13 13.07
C PHE D 393 10.51 -21.69 14.44
N PRO D 394 9.27 -21.21 14.56
CA PRO D 394 8.74 -20.85 15.87
C PRO D 394 8.46 -22.10 16.67
N PRO D 395 8.45 -22.00 18.00
CA PRO D 395 8.34 -23.20 18.82
C PRO D 395 6.96 -23.84 18.72
N LYS D 396 6.91 -25.11 19.13
CA LYS D 396 5.67 -25.89 19.17
C LYS D 396 5.02 -25.97 17.79
N GLU D 397 5.83 -26.26 16.78
CA GLU D 397 5.36 -26.42 15.41
C GLU D 397 6.05 -27.63 14.80
N ASP D 398 5.45 -28.17 13.74
CA ASP D 398 5.86 -29.46 13.19
C ASP D 398 6.71 -29.25 11.94
N VAL D 399 8.01 -29.51 12.04
CA VAL D 399 8.89 -29.34 10.89
C VAL D 399 8.72 -30.49 9.92
N ILE D 400 8.60 -31.71 10.44
CA ILE D 400 8.48 -32.92 9.64
C ILE D 400 7.45 -33.81 10.31
N LEU D 401 6.44 -34.25 9.54
CA LEU D 401 5.33 -35.00 10.07
C LEU D 401 5.37 -36.45 9.61
N GLN D 402 4.54 -37.28 10.24
CA GLN D 402 4.58 -38.71 9.99
C GLN D 402 4.26 -39.04 8.53
N ASN D 403 4.78 -40.17 8.08
CA ASN D 403 4.54 -40.68 6.73
C ASN D 403 4.92 -39.63 5.69
N GLU D 404 6.02 -38.93 5.97
CA GLU D 404 6.51 -37.93 5.03
C GLU D 404 6.99 -38.58 3.75
N ALA D 405 6.54 -38.06 2.61
CA ALA D 405 7.18 -38.40 1.36
C ALA D 405 8.65 -38.00 1.44
N PRO D 406 9.56 -38.85 1.03
CA PRO D 406 10.98 -38.55 1.26
C PRO D 406 11.44 -37.39 0.40
N THR D 407 11.58 -36.22 1.02
CA THR D 407 11.99 -35.01 0.32
C THR D 407 13.27 -34.41 0.89
N ASP D 408 13.36 -34.27 2.20
CA ASP D 408 14.47 -33.52 2.76
C ASP D 408 14.73 -33.98 4.18
N PHE D 409 15.98 -33.83 4.61
CA PHE D 409 16.38 -34.06 6.00
C PHE D 409 17.09 -32.82 6.50
N TYR D 410 16.87 -32.50 7.77
CA TYR D 410 17.29 -31.25 8.35
C TYR D 410 18.47 -31.46 9.29
N ILE D 411 19.07 -30.35 9.71
CA ILE D 411 20.09 -30.33 10.75
C ILE D 411 19.80 -29.14 11.65
N LEU D 412 19.75 -29.36 12.95
CA LEU D 412 19.33 -28.33 13.89
C LEU D 412 20.56 -27.67 14.49
N VAL D 413 20.74 -26.37 14.22
CA VAL D 413 21.95 -25.68 14.66
C VAL D 413 21.81 -25.18 16.09
N ASN D 414 20.61 -24.80 16.50
CA ASN D 414 20.41 -24.36 17.88
C ASN D 414 18.94 -24.52 18.23
N GLY D 415 18.68 -24.72 19.52
CA GLY D 415 17.34 -25.00 20.01
C GLY D 415 17.22 -26.45 20.44
N THR D 416 16.03 -26.79 20.92
CA THR D 416 15.71 -28.14 21.37
C THR D 416 14.40 -28.58 20.74
N ALA D 417 14.45 -29.61 19.90
CA ALA D 417 13.28 -30.22 19.30
C ALA D 417 13.08 -31.61 19.88
N ASP D 418 11.82 -32.03 19.95
CA ASP D 418 11.49 -33.32 20.53
C ASP D 418 10.79 -34.21 19.51
N LEU D 419 10.99 -35.52 19.67
CA LEU D 419 10.53 -36.52 18.73
C LEU D 419 9.27 -37.20 19.28
N VAL D 420 8.31 -37.44 18.39
CA VAL D 420 7.08 -38.13 18.75
C VAL D 420 6.57 -38.90 17.54
N ASP D 421 5.94 -40.03 17.82
CA ASP D 421 5.32 -40.87 16.81
C ASP D 421 3.82 -40.98 17.08
N VAL D 422 3.06 -41.26 16.02
CA VAL D 422 1.61 -41.36 16.09
C VAL D 422 1.23 -42.83 16.15
N ASP D 423 0.34 -43.18 17.07
CA ASP D 423 -0.13 -44.55 17.20
C ASP D 423 -1.47 -44.54 17.92
N THR D 424 -2.50 -45.02 17.22
CA THR D 424 -3.86 -45.13 17.76
C THR D 424 -4.39 -43.81 18.32
N GLY D 425 -3.74 -42.70 17.98
CA GLY D 425 -4.18 -41.41 18.48
C GLY D 425 -3.58 -40.98 19.79
N THR D 426 -2.63 -41.76 20.33
CA THR D 426 -1.90 -41.38 21.53
C THR D 426 -0.41 -41.32 21.22
N GLU D 427 0.21 -40.19 21.53
CA GLU D 427 1.58 -39.90 21.11
C GLU D 427 2.37 -39.39 22.32
N SER D 428 3.31 -40.19 22.78
CA SER D 428 4.23 -39.78 23.85
C SER D 428 5.58 -39.45 23.23
N ILE D 429 6.32 -38.54 23.88
CA ILE D 429 7.61 -38.14 23.34
C ILE D 429 8.53 -39.34 23.22
N VAL D 430 9.39 -39.31 22.19
CA VAL D 430 10.35 -40.37 21.98
C VAL D 430 11.73 -39.86 22.40
N ARG D 431 12.20 -38.82 21.73
CA ARG D 431 13.49 -38.23 22.02
C ARG D 431 13.38 -36.72 21.98
N GLU D 432 14.42 -36.04 22.44
CA GLU D 432 14.51 -34.58 22.46
C GLU D 432 15.84 -34.19 21.85
N VAL D 433 15.86 -34.00 20.53
CA VAL D 433 17.10 -33.68 19.83
C VAL D 433 17.44 -32.20 20.06
N LYS D 434 18.71 -31.94 20.30
CA LYS D 434 19.20 -30.58 20.49
C LYS D 434 20.40 -30.36 19.57
N ALA D 435 20.90 -29.12 19.58
CA ALA D 435 21.90 -28.66 18.63
C ALA D 435 23.01 -29.66 18.41
N GLY D 436 23.18 -30.09 17.16
CA GLY D 436 24.25 -30.99 16.77
C GLY D 436 23.79 -32.27 16.12
N ASP D 437 22.53 -32.65 16.26
CA ASP D 437 22.04 -33.92 15.73
C ASP D 437 21.17 -33.68 14.51
N ILE D 438 20.86 -34.77 13.83
CA ILE D 438 20.17 -34.75 12.55
C ILE D 438 18.86 -35.51 12.69
N ILE D 439 17.82 -35.04 12.01
CA ILE D 439 16.50 -35.65 12.10
C ILE D 439 15.91 -35.79 10.70
N GLY D 440 14.94 -36.71 10.59
CA GLY D 440 14.50 -37.10 9.27
C GLY D 440 15.58 -37.77 8.45
N GLU D 441 16.63 -38.24 9.11
CA GLU D 441 17.82 -38.69 8.41
C GLU D 441 17.62 -40.01 7.69
N ILE D 442 16.76 -40.87 8.22
CA ILE D 442 16.66 -42.24 7.69
C ILE D 442 15.76 -42.27 6.47
N GLY D 443 14.51 -41.83 6.62
CA GLY D 443 13.53 -42.01 5.57
C GLY D 443 13.95 -41.46 4.22
N VAL D 444 14.74 -40.38 4.22
CA VAL D 444 15.21 -39.83 2.96
C VAL D 444 16.27 -40.74 2.33
N LEU D 445 17.07 -41.41 3.15
CA LEU D 445 18.10 -42.27 2.61
C LEU D 445 17.51 -43.56 2.05
N CYS D 446 16.69 -44.26 2.82
CA CYS D 446 16.17 -45.56 2.42
C CYS D 446 14.86 -45.46 1.65
N TYR D 447 14.44 -44.25 1.27
CA TYR D 447 13.26 -44.05 0.44
C TYR D 447 12.00 -44.61 1.07
N ARG D 448 11.88 -44.45 2.37
CA ARG D 448 10.67 -44.83 3.07
C ARG D 448 9.99 -43.60 3.64
N PRO D 449 8.70 -43.69 3.97
CA PRO D 449 8.06 -42.59 4.69
C PRO D 449 8.77 -42.37 6.02
N GLN D 450 8.87 -41.10 6.40
CA GLN D 450 9.57 -40.76 7.63
C GLN D 450 8.86 -41.39 8.83
N LEU D 451 9.65 -41.85 9.79
CA LEU D 451 9.11 -42.72 10.83
C LEU D 451 8.51 -41.94 12.00
N PHE D 452 8.99 -40.73 12.26
CA PHE D 452 8.54 -39.96 13.41
C PHE D 452 8.21 -38.55 12.98
N THR D 453 7.75 -37.75 13.94
CA THR D 453 7.38 -36.36 13.72
C THR D 453 8.10 -35.49 14.73
N VAL D 454 8.77 -34.44 14.24
CA VAL D 454 9.58 -33.57 15.07
C VAL D 454 8.79 -32.31 15.37
N ARG D 455 8.75 -31.93 16.64
CA ARG D 455 8.20 -30.67 17.08
C ARG D 455 9.30 -29.85 17.73
N THR D 456 9.07 -28.54 17.85
CA THR D 456 10.03 -27.60 18.38
C THR D 456 9.58 -27.12 19.75
N LYS D 457 10.54 -26.76 20.61
CA LYS D 457 10.21 -26.25 21.93
C LYS D 457 10.61 -24.80 22.11
N ARG D 458 11.70 -24.39 21.49
CA ARG D 458 12.10 -22.99 21.43
C ARG D 458 12.20 -22.60 19.96
N LEU D 459 12.20 -21.30 19.72
CA LEU D 459 12.42 -20.83 18.36
C LEU D 459 13.77 -21.36 17.91
N CYS D 460 13.77 -22.29 16.97
CA CYS D 460 14.99 -22.97 16.56
C CYS D 460 15.23 -22.75 15.07
N GLN D 461 16.50 -22.75 14.72
CA GLN D 461 16.95 -22.57 13.35
C GLN D 461 17.45 -23.90 12.82
N LEU D 462 16.99 -24.27 11.63
CA LEU D 462 17.25 -25.59 11.07
C LEU D 462 17.83 -25.46 9.67
N LEU D 463 18.80 -26.31 9.36
CA LEU D 463 19.26 -26.42 7.99
C LEU D 463 18.31 -27.34 7.22
N ARG D 464 18.39 -27.27 5.89
CA ARG D 464 17.55 -28.10 5.05
C ARG D 464 18.41 -28.71 3.96
N MET D 465 17.98 -29.84 3.44
CA MET D 465 18.73 -30.50 2.37
C MET D 465 17.76 -31.37 1.58
N ASN D 466 17.36 -30.89 0.41
CA ASN D 466 16.50 -31.68 -0.46
C ASN D 466 17.20 -32.96 -0.86
N ARG D 467 16.40 -34.01 -1.09
CA ARG D 467 16.97 -35.32 -1.37
C ARG D 467 17.76 -35.31 -2.68
N THR D 468 17.13 -34.87 -3.77
CA THR D 468 17.75 -34.99 -5.08
C THR D 468 19.07 -34.22 -5.18
N THR D 469 19.21 -33.11 -4.44
CA THR D 469 20.49 -32.42 -4.43
C THR D 469 21.54 -33.23 -3.71
N PHE D 470 21.28 -33.56 -2.45
CA PHE D 470 22.21 -34.39 -1.69
C PHE D 470 22.50 -35.69 -2.40
N LEU D 471 21.49 -36.23 -3.09
CA LEU D 471 21.73 -37.42 -3.89
C LEU D 471 22.59 -37.11 -5.09
N ASN D 472 22.36 -35.97 -5.75
CA ASN D 472 23.16 -35.62 -6.91
C ASN D 472 24.60 -35.32 -6.54
N ILE D 473 24.87 -34.88 -5.32
CA ILE D 473 26.22 -34.50 -4.93
C ILE D 473 27.10 -35.74 -4.78
N ILE D 474 26.53 -36.83 -4.28
CA ILE D 474 27.36 -38.00 -3.98
C ILE D 474 27.80 -38.71 -5.25
N GLN D 475 26.95 -38.79 -6.27
CA GLN D 475 27.35 -39.48 -7.49
C GLN D 475 28.49 -38.76 -8.18
N ALA D 476 28.81 -37.53 -7.79
CA ALA D 476 29.99 -36.86 -8.31
C ALA D 476 31.27 -37.48 -7.74
N ASN D 477 31.45 -37.41 -6.42
CA ASN D 477 32.57 -38.06 -5.76
C ASN D 477 32.05 -39.33 -5.09
N VAL D 478 31.99 -40.41 -5.87
CA VAL D 478 31.51 -41.68 -5.33
C VAL D 478 32.54 -42.31 -4.38
N GLY D 479 33.76 -41.77 -4.34
CA GLY D 479 34.77 -42.28 -3.42
C GLY D 479 34.43 -42.10 -1.96
N ASP D 480 33.35 -41.37 -1.66
CA ASP D 480 32.86 -41.21 -0.29
C ASP D 480 31.48 -41.82 -0.08
N GLY D 481 30.73 -42.06 -1.15
CA GLY D 481 29.35 -42.50 -1.01
C GLY D 481 29.17 -43.80 -0.26
N THR D 482 30.25 -44.55 -0.04
CA THR D 482 30.15 -45.74 0.79
C THR D 482 30.33 -45.41 2.26
N ILE D 483 31.15 -44.41 2.59
CA ILE D 483 31.51 -44.15 3.98
C ILE D 483 30.30 -43.68 4.77
N ILE D 484 29.48 -42.81 4.17
CA ILE D 484 28.27 -42.37 4.84
C ILE D 484 27.23 -43.47 4.95
N MET D 485 27.45 -44.60 4.28
CA MET D 485 26.48 -45.68 4.35
C MET D 485 26.72 -46.56 5.57
N ASN D 486 27.99 -46.88 5.86
CA ASN D 486 28.24 -47.76 7.00
C ASN D 486 27.97 -47.06 8.32
N ASN D 487 28.57 -45.88 8.53
CA ASN D 487 28.33 -45.15 9.77
C ASN D 487 26.87 -44.75 9.90
N LEU D 488 26.12 -44.75 8.79
CA LEU D 488 24.67 -44.74 8.88
C LEU D 488 24.19 -45.99 9.62
N LEU D 489 24.68 -47.15 9.21
CA LEU D 489 24.26 -48.40 9.85
C LEU D 489 24.80 -48.50 11.26
N GLN D 490 26.10 -48.21 11.45
CA GLN D 490 26.67 -48.25 12.79
C GLN D 490 25.89 -47.39 13.77
N HIS D 491 25.16 -46.39 13.29
CA HIS D 491 24.26 -45.64 14.15
C HIS D 491 23.18 -46.54 14.74
N LEU D 492 22.45 -47.25 13.87
CA LEU D 492 21.33 -48.06 14.34
C LEU D 492 21.79 -49.21 15.25
N LYS D 493 23.08 -49.54 15.25
CA LYS D 493 23.54 -50.59 16.15
C LYS D 493 24.05 -50.01 17.47
N GLU D 494 24.66 -48.82 17.43
CA GLU D 494 25.07 -48.18 18.67
C GLU D 494 23.90 -47.83 19.57
N MET D 495 22.68 -47.86 19.04
CA MET D 495 21.48 -47.63 19.84
C MET D 495 20.88 -48.96 20.27
N ASN D 496 20.29 -48.96 21.47
CA ASN D 496 19.70 -50.15 22.06
C ASN D 496 18.17 -50.12 22.03
N ASP D 497 17.60 -49.36 21.10
CA ASP D 497 16.15 -49.26 20.98
C ASP D 497 15.61 -50.49 20.25
N PRO D 498 14.70 -51.26 20.86
CA PRO D 498 14.28 -52.51 20.21
C PRO D 498 13.40 -52.32 18.99
N VAL D 499 12.37 -51.48 19.08
CA VAL D 499 11.37 -51.43 18.02
C VAL D 499 11.83 -50.61 16.83
N MET D 500 12.88 -49.81 16.96
CA MET D 500 13.45 -49.15 15.80
C MET D 500 14.67 -49.88 15.25
N THR D 501 15.34 -50.69 16.07
CA THR D 501 16.20 -51.70 15.48
C THR D 501 15.40 -52.75 14.73
N ASN D 502 14.08 -52.79 14.93
CA ASN D 502 13.22 -53.46 13.96
C ASN D 502 13.43 -52.84 12.58
N VAL D 503 13.48 -51.51 12.51
CA VAL D 503 13.70 -50.80 11.26
C VAL D 503 15.14 -50.97 10.82
N LEU D 504 15.93 -51.71 11.60
CA LEU D 504 17.31 -52.01 11.23
C LEU D 504 17.45 -53.30 10.45
N LEU D 505 16.68 -54.34 10.78
CA LEU D 505 16.94 -55.62 10.13
C LEU D 505 16.32 -55.69 8.74
N GLU D 506 15.16 -55.06 8.53
CA GLU D 506 14.62 -55.17 7.19
C GLU D 506 15.36 -54.30 6.17
N ILE D 507 16.38 -53.55 6.59
CA ILE D 507 17.14 -52.75 5.62
C ILE D 507 18.37 -53.52 5.19
N GLU D 508 18.79 -54.50 5.99
CA GLU D 508 19.92 -55.33 5.56
C GLU D 508 19.46 -56.46 4.65
N ASN D 509 18.16 -56.76 4.62
CA ASN D 509 17.69 -57.56 3.50
C ASN D 509 17.45 -56.69 2.27
N MET D 510 17.23 -55.38 2.47
CA MET D 510 17.38 -54.44 1.38
C MET D 510 18.82 -54.44 0.89
N LEU D 511 19.77 -54.61 1.81
CA LEU D 511 21.15 -54.90 1.43
C LEU D 511 21.24 -56.24 0.72
N ALA D 512 20.36 -57.16 1.05
CA ALA D 512 20.32 -58.47 0.40
C ALA D 512 19.39 -58.43 -0.81
P POV E . 4.70 12.12 16.84
C1 POV E . 5.42 14.63 16.99
C2 POV E . 5.34 15.33 18.34
C3 POV E . 4.68 14.47 19.40
C210 POV E . 8.54 24.20 10.27
C310 POV E . -3.55 22.43 25.73
O11 POV E . 4.34 13.68 16.91
C211 POV E . 8.98 24.61 8.91
C311 POV E . -4.53 23.28 25.00
O12 POV E . 5.84 12.08 15.72
C312 POV E . -4.31 24.75 25.23
O13 POV E . 5.36 11.75 18.12
C313 POV E . -5.54 25.56 25.27
O14 POV E . 3.50 11.36 16.34
C314 POV E . -5.91 26.10 23.95
C315 POV E . -6.71 27.34 24.07
C316 POV E . -7.95 27.34 23.24
C21 POV E . 4.22 17.00 17.04
O21 POV E . 4.67 16.61 18.24
C22 POV E . 4.77 18.28 16.52
O22 POV E . 3.42 16.36 16.44
C23 POV E . 4.30 18.61 15.14
C24 POV E . 4.74 19.97 14.68
C25 POV E . 4.94 20.09 13.20
C26 POV E . 5.25 21.47 12.75
C27 POV E . 6.40 21.58 11.75
C28 POV E . 6.94 22.94 11.64
C29 POV E . 7.92 23.10 10.53
C31 POV E . 3.20 15.20 21.07
O31 POV E . 4.42 15.29 20.56
C32 POV E . 3.06 16.09 22.28
O32 POV E . 2.35 14.47 20.63
C33 POV E . 1.85 16.96 22.24
C34 POV E . 1.89 18.02 23.31
C35 POV E . 0.95 19.16 23.07
C36 POV E . 0.33 19.73 24.28
C37 POV E . -0.98 20.37 24.03
C38 POV E . -1.65 20.90 25.23
C39 POV E . -3.07 21.25 24.97
K K F . -6.99 33.69 1.72
K K G . -6.23 29.90 1.53
K K H . -7.88 37.92 1.94
P POV I . -17.57 7.93 7.31
C1 POV I . -18.58 9.86 8.76
C2 POV I . -19.85 10.64 9.00
C3 POV I . -20.72 10.71 7.78
C210 POV I . -12.80 19.41 14.31
C310 POV I . -27.67 17.60 2.08
O11 POV I . -18.68 9.04 7.57
C211 POV I . -11.46 19.97 14.65
C311 POV I . -28.64 18.68 1.75
O12 POV I . -16.74 7.97 8.66
C312 POV I . -28.03 20.04 1.68
O13 POV I . -18.14 6.56 7.24
C313 POV I . -29.01 21.16 1.69
O14 POV I . -16.61 8.40 6.26
C314 POV I . -28.36 22.50 1.57
C315 POV I . -27.67 22.73 0.29
C316 POV I . -27.73 24.14 -0.20
C21 POV I . -18.89 12.78 8.52
O21 POV I . -19.61 12.02 9.35
C22 POV I . -18.46 14.10 9.08
O22 POV I . -18.62 12.38 7.45
C23 POV I . -17.09 14.48 8.66
C24 POV I . -16.73 15.89 9.08
C25 POV I . -15.45 16.00 9.83
C26 POV I . -15.37 17.22 10.67
C27 POV I . -14.17 17.28 11.59
C28 POV I . -14.23 18.41 12.57
C29 POV I . -13.04 18.48 13.46
C31 POV I . -23.01 10.76 7.44
O31 POV I . -22.00 11.25 8.13
C32 POV I . -24.01 11.81 7.10
O32 POV I . -23.06 9.62 7.11
C33 POV I . -24.11 12.06 5.64
C34 POV I . -24.49 13.48 5.32
C35 POV I . -25.68 13.98 6.08
C36 POV I . -26.17 15.30 5.61
C37 POV I . -26.72 15.30 4.24
C38 POV I . -27.91 16.15 4.08
C39 POV I . -28.29 16.39 2.67
P POV J . -9.46 10.84 -15.66
C1 POV J . -10.82 13.00 -15.06
C2 POV J . -11.36 13.76 -16.25
C3 POV J . -10.87 13.19 -17.57
C210 POV J . -17.47 19.58 -8.21
C310 POV J . -6.33 22.74 -22.79
O11 POV J . -9.54 12.42 -15.43
C211 POV J . -18.05 19.72 -6.84
C311 POV J . -6.48 24.13 -23.31
O12 POV J . -10.51 10.27 -14.60
C312 POV J . -5.58 25.11 -22.63
O13 POV J . -10.03 10.53 -17.01
C313 POV J . -5.99 26.55 -22.81
O14 POV J . -8.08 10.38 -15.27
C314 POV J . -5.76 27.38 -21.60
C315 POV J . -5.70 28.82 -21.91
C316 POV J . -4.94 29.63 -20.89
C21 POV J . -11.18 15.77 -14.96
O21 POV J . -10.97 15.15 -16.12
C22 POV J . -12.42 16.56 -14.82
O22 POV J . -10.38 15.70 -14.08
C23 POV J . -12.37 17.58 -13.73
C24 POV J . -12.06 16.97 -12.38
C25 POV J . -12.30 17.89 -11.22
C26 POV J . -13.67 18.47 -11.16
C27 POV J . -14.32 18.40 -9.79
C28 POV J . -15.51 19.27 -9.68
C29 POV J . -16.36 18.98 -8.49
C31 POV J . -11.63 14.73 -19.18
O31 POV J . -11.78 13.52 -18.63
C32 POV J . -11.73 14.69 -20.68
O32 POV J . -11.46 15.72 -18.54
C33 POV J . -10.63 15.43 -21.39
C34 POV J . -10.18 16.71 -20.71
C35 POV J . -9.24 17.55 -21.53
C36 POV J . -8.90 18.90 -20.96
C37 POV J . -8.88 20.02 -21.94
C38 POV J . -7.66 20.87 -21.84
C39 POV J . -7.57 21.93 -22.88
P POV K . 12.94 14.90 -6.05
C1 POV K . 13.88 17.33 -6.34
C2 POV K . 14.09 18.40 -7.39
C3 POV K . 15.53 18.54 -7.85
C210 POV K . 4.23 23.83 -11.87
C310 POV K . 18.35 27.21 0.13
O11 POV K . 13.05 16.27 -6.86
C211 POV K . 2.83 24.17 -12.25
C311 POV K . 18.86 28.52 0.65
O12 POV K . 11.49 14.96 -5.40
C312 POV K . 17.78 29.47 1.05
O13 POV K . 12.95 13.70 -6.93
C313 POV K . 18.02 30.86 0.60
O14 POV K . 13.88 15.00 -4.90
C314 POV K . 17.72 31.87 1.64
C315 POV K . 16.30 31.85 2.06
C316 POV K . 15.94 32.91 3.05
C21 POV K . 12.35 19.82 -6.62
O21 POV K . 13.64 19.70 -6.93
C22 POV K . 11.56 20.88 -7.29
O22 POV K . 11.87 19.08 -5.84
C23 POV K . 10.14 20.88 -6.82
C24 POV K . 9.34 22.01 -7.41
C25 POV K . 7.87 21.81 -7.36
C26 POV K . 7.23 21.80 -8.70
C27 POV K . 6.09 22.80 -8.84
C28 POV K . 5.98 23.44 -10.18
C29 POV K . 4.61 23.37 -10.73
C31 POV K . 16.17 19.10 -5.64
O31 POV K . 16.41 18.36 -6.72
C32 POV K . 16.82 20.44 -5.71
O32 POV K . 15.55 18.69 -4.71
C33 POV K . 17.30 20.93 -4.39
C34 POV K . 16.90 22.36 -4.08
C35 POV K . 18.02 23.35 -4.16
C36 POV K . 17.71 24.69 -3.57
C37 POV K . 18.27 24.87 -2.20
C38 POV K . 19.02 26.14 -2.01
C39 POV K . 19.38 26.42 -0.60
#